data_7TFO
#
_entry.id   7TFO
#
_cell.length_a   1.00
_cell.length_b   1.00
_cell.length_c   1.00
_cell.angle_alpha   90.00
_cell.angle_beta   90.00
_cell.angle_gamma   90.00
#
_symmetry.space_group_name_H-M   'P 1'
#
loop_
_entity.id
_entity.type
_entity.pdbx_description
1 polymer 'Envelope glycoprotein BG505 SOSIP.664 - gp120'
2 polymer 'CD4 binding site antibody Ab1573 - Fab heavy chain'
3 polymer 'CD4 binding site antibody Ab1573 - Fab light chain'
4 polymer 'Envelope glycoprotein BG505 SOSIP.664 - gp41'
5 branched 2-acetamido-2-deoxy-beta-D-glucopyranose-(1-4)-2-acetamido-2-deoxy-beta-D-glucopyranose
6 branched beta-D-mannopyranose-(1-4)-2-acetamido-2-deoxy-beta-D-glucopyranose-(1-4)-2-acetamido-2-deoxy-beta-D-glucopyranose
7 branched alpha-D-mannopyranose-(1-3)-[alpha-D-mannopyranose-(1-6)]beta-D-mannopyranose-(1-4)-2-acetamido-2-deoxy-beta-D-glucopyranose-(1-4)-2-acetamido-2-deoxy-beta-D-glucopyranose
8 non-polymer 2-acetamido-2-deoxy-beta-D-glucopyranose
#
loop_
_entity_poly.entity_id
_entity_poly.type
_entity_poly.pdbx_seq_one_letter_code
_entity_poly.pdbx_strand_id
1 'polypeptide(L)'
;AENLWVTVYYGVPVWKDAETTLFCASDAKAYETKKHNVWATHACVPTDPNPQEIHLENVTEEFNMWKNNMVEQMHTDIIS
LWDQSLKPCVKLTPLCVTLQCTNVTNNITDDMRGELKNCSFNMTTELRDKKQKVYSLFYRLDVVQINENQGNRSNNSNKE
YRLINCNTSAITQACPKVSFEPIPIHYCAPAGFAILKCKDKKFNGTGPCPSVSTVQCTHGIKPVVSTQLLLNGSLAEEEV
MIRSENITNNAKNILVQFNTPVQINCTRPNNNTRKSIRIGPGQAFYATGDIIGDIRQAHCNVSKATWNETLGKVVKQLRK
HFGNNTIIRFANSSGGDLEVTTHSFNCGGEFFYCNTSGLFNSTWISNTSVQGSNSTGSNDSITLPCRIKQIINMWQRIGQ
AMYAPPIQGVIRCVSNITGLILTRDGGSTNSTTETFRPGGGDMRDNWRSELYKYKVVKIEPLGVAPTRCKRRVVGRRRRR
R
;
A,B,C
2 'polypeptide(L)'
;QVQLVQSGAEVKKPGASVKVSCKASGFTFGRYSFTWVRQAPGQGLEWVGVIVPLVGVTNSAKKFQGRVTITADTSTNTVY
MDLSSLRSEDTAVYYCARVGDRFGSGYAMDVWGRGALVTVSSASTKGPSVFPLAPSSKSTSGGTAALGCLVKDYFPEPVT
VSWNSGALTSGVHTFPAVLQSSGLYSLSSVVTVPSSSLGTQTYICNVNHKPSNTKVDKRVEPKSCDKT
;
H,I,P
3 'polypeptide(L)'
;QSALTQPPSVSGAPGERVTISCSGSGSNFEYSFVYWYQQVPGMAPKLLIYDNYKRPSGVSDRFSGSRSGTSASLTITGLQ
TEDESDYYCQSYDSSLTYWVFGGGTRLTVLGQPKAAPSVTLFPPSSEELQANKATLVCLISDFYPGAVTVAWKADSSPVK
AGVETTTPSKQSNNKYAASSYLSLTPEQWKSHRSYSCQVTHEGSTVEKTVAPTECS
;
J,L,Q
4 'polypeptide(L)'
;AVGIGAVFLGFLGAAGSTMGAASMTLTVQARNLLSGIVQQQSNLLRAPEAQQHLLKLTVWGIKQLQARVLAVERYLRDQQ
LLGIWGCSGKLICCTNVPWNSSWSNRNLSEIWDNMTWLQWDKEISNYTQIIYGLLEESQNQQEKNEQDLLALD
;
X,Y,Z
#
# COMPACT_ATOMS: atom_id res chain seq x y z
N LEU A 4 37.13 -37.64 17.17
CA LEU A 4 36.81 -36.44 16.41
C LEU A 4 35.74 -35.61 17.10
N TRP A 5 35.25 -34.59 16.39
CA TRP A 5 34.25 -33.70 16.95
C TRP A 5 33.19 -33.39 15.91
N VAL A 6 32.27 -32.49 16.22
CA VAL A 6 31.19 -32.12 15.31
C VAL A 6 31.43 -30.70 14.83
N THR A 7 30.97 -30.40 13.62
CA THR A 7 31.08 -29.07 13.05
C THR A 7 29.75 -28.69 12.43
N VAL A 8 29.44 -27.40 12.47
CA VAL A 8 28.19 -26.89 11.94
C VAL A 8 28.45 -26.19 10.61
N TYR A 9 27.48 -26.27 9.71
CA TYR A 9 27.63 -25.77 8.35
C TYR A 9 26.34 -25.03 7.99
N TYR A 10 26.33 -23.72 8.21
CA TYR A 10 25.14 -22.94 7.90
C TYR A 10 25.01 -22.80 6.40
N GLY A 11 24.11 -23.56 5.79
CA GLY A 11 23.83 -23.38 4.38
C GLY A 11 23.67 -24.64 3.55
N VAL A 12 23.97 -25.79 4.12
CA VAL A 12 23.83 -27.03 3.34
C VAL A 12 22.36 -27.29 3.05
N PRO A 13 22.02 -27.86 1.91
CA PRO A 13 20.60 -28.09 1.61
C PRO A 13 20.00 -29.13 2.55
N VAL A 14 18.80 -28.83 3.04
CA VAL A 14 18.08 -29.69 3.98
C VAL A 14 16.59 -29.50 3.72
N TRP A 15 15.82 -30.58 3.87
CA TRP A 15 14.39 -30.53 3.65
C TRP A 15 13.65 -31.19 4.80
N LYS A 16 12.41 -30.77 4.98
CA LYS A 16 11.48 -31.39 5.92
C LYS A 16 10.09 -30.96 5.52
N ASP A 17 9.19 -31.92 5.29
CA ASP A 17 7.86 -31.60 4.82
C ASP A 17 7.11 -30.79 5.86
N ALA A 18 6.50 -29.68 5.43
CA ALA A 18 5.75 -28.82 6.32
C ALA A 18 4.75 -28.01 5.51
N GLU A 19 3.79 -27.43 6.21
CA GLU A 19 2.72 -26.66 5.59
C GLU A 19 2.89 -25.19 5.93
N THR A 20 2.95 -24.36 4.91
CA THR A 20 3.08 -22.92 5.07
C THR A 20 2.02 -22.22 4.24
N THR A 21 1.56 -21.07 4.73
CA THR A 21 0.52 -20.33 4.04
C THR A 21 1.11 -19.62 2.83
N LEU A 22 0.76 -20.08 1.65
CA LEU A 22 1.22 -19.45 0.42
C LEU A 22 0.40 -18.21 0.11
N PHE A 23 0.83 -17.49 -0.91
CA PHE A 23 0.12 -16.29 -1.35
C PHE A 23 -0.10 -16.35 -2.85
N CYS A 24 -1.19 -15.72 -3.29
CA CYS A 24 -1.58 -15.75 -4.69
C CYS A 24 -0.52 -15.05 -5.55
N ALA A 25 -0.59 -15.30 -6.85
CA ALA A 25 0.30 -14.65 -7.80
C ALA A 25 -0.43 -14.47 -9.12
N SER A 26 -0.26 -13.29 -9.72
CA SER A 26 -1.00 -12.95 -10.94
C SER A 26 -0.09 -12.26 -11.96
N ASP A 27 -0.69 -11.64 -12.98
CA ASP A 27 0.05 -11.00 -14.05
C ASP A 27 -0.41 -9.54 -14.18
N ALA A 28 0.47 -8.73 -14.78
CA ALA A 28 0.20 -7.29 -14.89
C ALA A 28 -0.96 -7.02 -15.85
N LYS A 29 -0.78 -7.41 -17.12
CA LYS A 29 -1.85 -7.18 -18.12
C LYS A 29 -3.11 -7.93 -17.69
N ALA A 30 -2.96 -9.16 -17.18
CA ALA A 30 -4.12 -9.96 -16.75
C ALA A 30 -4.86 -9.20 -15.63
N TYR A 31 -4.12 -8.67 -14.66
CA TYR A 31 -4.74 -7.89 -13.56
C TYR A 31 -5.40 -6.64 -14.14
N GLU A 32 -4.72 -5.97 -15.08
CA GLU A 32 -5.26 -4.73 -15.69
C GLU A 32 -6.62 -5.03 -16.31
N THR A 33 -6.75 -6.20 -16.95
CA THR A 33 -8.04 -6.60 -17.56
C THR A 33 -8.94 -7.22 -16.49
N LYS A 34 -9.48 -6.39 -15.58
CA LYS A 34 -10.37 -6.90 -14.50
C LYS A 34 -11.59 -5.98 -14.39
N LYS A 35 -12.45 -5.95 -15.41
CA LYS A 35 -13.69 -5.13 -15.35
C LYS A 35 -14.58 -5.69 -14.25
N HIS A 36 -15.21 -4.83 -13.46
CA HIS A 36 -16.03 -5.30 -12.31
C HIS A 36 -15.20 -6.30 -11.50
N ASN A 37 -15.79 -7.43 -11.10
CA ASN A 37 -15.02 -8.47 -10.38
C ASN A 37 -15.36 -9.84 -11.00
N VAL A 38 -14.94 -10.05 -12.26
CA VAL A 38 -15.22 -11.34 -12.98
C VAL A 38 -14.83 -12.52 -12.07
N TRP A 39 -14.10 -12.25 -10.99
CA TRP A 39 -13.67 -13.28 -10.08
C TRP A 39 -13.40 -12.73 -8.68
N HIS A 42 -10.40 -9.14 -6.54
CA HIS A 42 -9.40 -8.98 -5.49
C HIS A 42 -8.01 -8.81 -6.09
N ALA A 43 -7.32 -7.76 -5.68
CA ALA A 43 -5.98 -7.48 -6.18
C ALA A 43 -5.02 -8.57 -5.72
N CYS A 44 -4.13 -8.98 -6.63
CA CYS A 44 -3.18 -10.06 -6.36
C CYS A 44 -1.80 -9.63 -6.82
N VAL A 45 -0.76 -10.14 -6.17
CA VAL A 45 0.62 -9.80 -6.50
C VAL A 45 0.97 -10.32 -7.89
N PRO A 46 1.49 -9.49 -8.78
CA PRO A 46 2.06 -10.00 -10.02
C PRO A 46 3.45 -10.54 -9.79
N THR A 47 3.75 -11.62 -10.48
CA THR A 47 5.03 -12.31 -10.35
C THR A 47 5.92 -11.97 -11.53
N ASP A 48 7.18 -11.66 -11.25
CA ASP A 48 8.12 -11.38 -12.32
C ASP A 48 8.35 -12.64 -13.14
N PRO A 49 8.18 -12.60 -14.46
CA PRO A 49 8.41 -13.80 -15.27
C PRO A 49 9.88 -14.18 -15.28
N ASN A 50 10.35 -14.71 -14.15
CA ASN A 50 11.71 -15.22 -14.01
C ASN A 50 11.64 -16.62 -13.40
N PRO A 51 11.16 -17.60 -14.16
CA PRO A 51 11.07 -18.96 -13.62
C PRO A 51 12.46 -19.54 -13.38
N GLN A 52 12.82 -19.70 -12.10
CA GLN A 52 14.15 -20.23 -11.79
C GLN A 52 14.33 -21.64 -12.31
N GLU A 53 13.33 -22.49 -12.09
CA GLU A 53 13.29 -23.89 -12.55
C GLU A 53 14.64 -24.57 -12.46
N ILE A 54 15.36 -24.38 -11.36
CA ILE A 54 16.69 -24.95 -11.21
C ILE A 54 16.59 -26.47 -11.12
N HIS A 55 16.92 -27.15 -12.20
CA HIS A 55 16.76 -28.60 -12.26
C HIS A 55 17.82 -29.26 -11.39
N LEU A 56 17.37 -29.97 -10.36
CA LEU A 56 18.31 -30.64 -9.47
C LEU A 56 18.73 -31.98 -10.05
N GLU A 57 19.96 -32.38 -9.75
CA GLU A 57 20.51 -33.65 -10.21
C GLU A 57 20.77 -34.54 -9.01
N ASN A 58 20.57 -35.85 -9.20
CA ASN A 58 20.72 -36.82 -8.12
C ASN A 58 19.80 -36.48 -6.95
N VAL A 59 18.57 -36.10 -7.26
CA VAL A 59 17.60 -35.65 -6.27
C VAL A 59 16.37 -36.56 -6.33
N THR A 60 15.73 -36.75 -5.17
CA THR A 60 14.52 -37.56 -5.10
C THR A 60 13.78 -37.21 -3.83
N GLU A 61 12.58 -36.66 -3.97
CA GLU A 61 11.72 -36.37 -2.83
C GLU A 61 10.36 -37.05 -3.04
N GLU A 62 9.86 -37.66 -1.96
CA GLU A 62 8.64 -38.47 -2.01
C GLU A 62 7.46 -37.53 -2.15
N PHE A 63 7.06 -37.27 -3.39
CA PHE A 63 5.87 -36.48 -3.63
C PHE A 63 4.63 -37.21 -3.12
N ASN A 64 3.54 -36.47 -3.01
CA ASN A 64 2.24 -37.05 -2.69
C ASN A 64 1.16 -36.09 -3.16
N MET A 65 -0.01 -36.63 -3.44
CA MET A 65 -1.11 -35.81 -3.93
C MET A 65 -2.39 -35.97 -3.14
N TRP A 66 -2.62 -37.11 -2.51
CA TRP A 66 -3.83 -37.32 -1.73
C TRP A 66 -3.67 -36.89 -0.29
N LYS A 67 -2.47 -36.54 0.14
CA LYS A 67 -2.23 -35.91 1.43
C LYS A 67 -1.60 -34.53 1.28
N ASN A 68 -1.61 -33.97 0.07
CA ASN A 68 -1.06 -32.64 -0.14
C ASN A 68 -1.86 -31.61 0.63
N ASN A 69 -1.18 -30.54 1.03
CA ASN A 69 -1.85 -29.48 1.77
C ASN A 69 -2.07 -28.21 0.97
N MET A 70 -1.62 -28.15 -0.28
CA MET A 70 -2.04 -27.05 -1.14
C MET A 70 -3.49 -27.18 -1.55
N VAL A 71 -3.95 -28.41 -1.79
CA VAL A 71 -5.32 -28.61 -2.24
C VAL A 71 -6.29 -28.08 -1.20
N GLU A 72 -6.14 -28.49 0.05
CA GLU A 72 -6.99 -27.97 1.11
C GLU A 72 -6.77 -26.47 1.27
N GLN A 73 -5.54 -26.02 1.06
CA GLN A 73 -5.27 -24.58 1.13
C GLN A 73 -5.91 -23.86 -0.04
N MET A 74 -5.61 -24.28 -1.27
CA MET A 74 -6.00 -23.47 -2.41
C MET A 74 -7.51 -23.53 -2.63
N HIS A 75 -8.14 -24.64 -2.27
CA HIS A 75 -9.60 -24.69 -2.29
C HIS A 75 -10.19 -23.67 -1.32
N THR A 76 -9.59 -23.53 -0.14
CA THR A 76 -10.11 -22.58 0.83
C THR A 76 -9.99 -21.16 0.31
N ASP A 77 -8.95 -20.87 -0.48
CA ASP A 77 -8.82 -19.53 -1.06
C ASP A 77 -9.99 -19.22 -1.97
N ILE A 78 -10.45 -20.21 -2.75
CA ILE A 78 -11.57 -20.00 -3.64
C ILE A 78 -12.84 -19.71 -2.85
N ILE A 79 -13.07 -20.47 -1.77
CA ILE A 79 -14.28 -20.29 -0.98
C ILE A 79 -14.35 -18.89 -0.40
N SER A 80 -13.26 -18.44 0.22
CA SER A 80 -13.25 -17.11 0.82
C SER A 80 -13.37 -16.04 -0.25
N LEU A 81 -12.68 -16.20 -1.38
CA LEU A 81 -12.78 -15.22 -2.46
C LEU A 81 -14.20 -15.18 -3.01
N TRP A 82 -14.78 -16.36 -3.26
CA TRP A 82 -16.13 -16.42 -3.81
C TRP A 82 -17.17 -15.91 -2.82
N ASP A 83 -16.94 -16.08 -1.52
CA ASP A 83 -17.83 -15.47 -0.54
C ASP A 83 -17.83 -13.96 -0.67
N GLN A 84 -16.66 -13.37 -0.92
CA GLN A 84 -16.59 -11.92 -1.11
C GLN A 84 -17.28 -11.50 -2.40
N SER A 85 -17.37 -12.39 -3.39
CA SER A 85 -18.06 -12.05 -4.62
C SER A 85 -19.56 -11.87 -4.39
N LEU A 86 -20.08 -12.47 -3.32
CA LEU A 86 -21.49 -12.39 -3.02
C LEU A 86 -21.79 -11.41 -1.88
N LYS A 87 -20.76 -10.78 -1.31
CA LYS A 87 -20.99 -9.90 -0.17
C LYS A 87 -21.65 -8.58 -0.57
N PRO A 88 -21.07 -7.76 -1.46
CA PRO A 88 -21.64 -6.44 -1.71
C PRO A 88 -22.99 -6.46 -2.42
N CYS A 89 -23.37 -7.58 -3.04
CA CYS A 89 -24.63 -7.62 -3.77
C CYS A 89 -25.80 -7.62 -2.80
N VAL A 90 -27.01 -7.68 -3.36
CA VAL A 90 -28.24 -7.46 -2.63
C VAL A 90 -28.94 -8.78 -2.38
N LYS A 91 -29.43 -8.96 -1.16
CA LYS A 91 -30.22 -10.13 -0.83
C LYS A 91 -31.57 -10.08 -1.53
N LEU A 92 -32.09 -11.27 -1.84
CA LEU A 92 -33.41 -11.40 -2.46
C LEU A 92 -34.45 -11.90 -1.47
N THR A 93 -34.33 -11.51 -0.21
CA THR A 93 -35.21 -12.05 0.83
C THR A 93 -36.69 -11.75 0.58
N PRO A 94 -37.11 -10.51 0.32
CA PRO A 94 -38.54 -10.27 0.10
C PRO A 94 -39.02 -10.61 -1.29
N LEU A 95 -38.11 -11.05 -2.17
CA LEU A 95 -38.45 -11.18 -3.59
C LEU A 95 -39.52 -12.23 -3.83
N CYS A 96 -39.45 -13.35 -3.12
CA CYS A 96 -40.37 -14.43 -3.41
C CYS A 96 -41.75 -14.14 -2.83
N VAL A 97 -42.77 -14.43 -3.62
CA VAL A 97 -44.17 -14.30 -3.22
C VAL A 97 -44.93 -15.35 -4.02
N THR A 98 -46.19 -15.58 -3.66
CA THR A 98 -47.01 -16.53 -4.40
C THR A 98 -47.10 -16.12 -5.87
N LEU A 99 -46.51 -16.92 -6.75
CA LEU A 99 -46.39 -16.57 -8.16
C LEU A 99 -47.62 -16.99 -8.94
N GLN A 100 -47.69 -16.51 -10.19
CA GLN A 100 -48.76 -16.84 -11.13
C GLN A 100 -48.15 -17.27 -12.46
N CYS A 101 -47.17 -18.18 -12.38
CA CYS A 101 -46.51 -18.66 -13.57
C CYS A 101 -47.46 -19.42 -14.47
N THR A 102 -47.22 -19.35 -15.77
CA THR A 102 -48.04 -20.03 -16.75
C THR A 102 -47.14 -20.74 -17.75
N ASN A 103 -47.53 -21.95 -18.13
CA ASN A 103 -46.76 -22.74 -19.09
C ASN A 103 -46.94 -22.15 -20.49
N VAL A 104 -46.34 -20.98 -20.70
CA VAL A 104 -46.44 -20.32 -22.01
C VAL A 104 -45.31 -20.81 -22.90
N THR A 105 -45.66 -21.29 -24.09
CA THR A 105 -44.69 -21.81 -25.06
C THR A 105 -44.86 -21.03 -26.38
N ASN A 106 -44.20 -19.88 -26.47
CA ASN A 106 -44.22 -19.12 -27.71
C ASN A 106 -43.57 -19.90 -28.84
N ASN A 107 -42.46 -20.57 -28.55
CA ASN A 107 -41.79 -21.44 -29.50
C ASN A 107 -41.31 -22.70 -28.79
N ILE A 108 -41.17 -23.78 -29.55
CA ILE A 108 -40.73 -25.06 -29.03
C ILE A 108 -39.54 -25.54 -29.84
N THR A 109 -38.49 -25.97 -29.15
CA THR A 109 -37.30 -26.48 -29.82
C THR A 109 -37.55 -27.86 -30.39
N MET A 112 -36.21 -27.54 -25.50
CA MET A 112 -36.94 -26.71 -24.54
C MET A 112 -38.13 -27.46 -23.97
N ARG A 113 -39.13 -27.69 -24.81
CA ARG A 113 -40.33 -28.45 -24.46
C ARG A 113 -41.00 -27.88 -23.21
N GLY A 114 -41.26 -26.56 -23.25
CA GLY A 114 -41.95 -25.92 -22.15
C GLY A 114 -41.13 -25.76 -20.89
N GLU A 115 -39.80 -25.76 -21.02
CA GLU A 115 -38.96 -25.56 -19.85
C GLU A 115 -39.15 -24.18 -19.24
N LEU A 116 -39.27 -23.16 -20.08
CA LEU A 116 -39.45 -21.80 -19.57
C LEU A 116 -40.89 -21.59 -19.08
N LYS A 117 -41.03 -20.69 -18.12
CA LYS A 117 -42.33 -20.36 -17.54
C LYS A 117 -42.53 -18.85 -17.56
N ASN A 118 -43.76 -18.43 -17.86
CA ASN A 118 -44.13 -17.02 -17.86
C ASN A 118 -44.63 -16.62 -16.47
N CYS A 119 -43.68 -16.56 -15.55
CA CYS A 119 -44.00 -16.24 -14.16
C CYS A 119 -44.39 -14.77 -14.02
N SER A 120 -45.37 -14.51 -13.16
CA SER A 120 -45.82 -13.15 -12.86
C SER A 120 -46.11 -13.05 -11.38
N PHE A 121 -45.54 -12.04 -10.72
CA PHE A 121 -45.68 -11.87 -9.28
C PHE A 121 -46.31 -10.50 -8.98
N ASN A 122 -47.13 -10.47 -7.93
CA ASN A 122 -47.78 -9.23 -7.49
C ASN A 122 -46.83 -8.44 -6.59
N MET A 123 -45.78 -7.91 -7.20
CA MET A 123 -44.78 -7.16 -6.47
C MET A 123 -45.35 -5.82 -6.00
N THR A 124 -44.66 -5.21 -5.04
CA THR A 124 -45.12 -3.96 -4.44
C THR A 124 -44.99 -2.78 -5.40
N LYS A 133 -46.85 -5.65 -10.16
CA LYS A 133 -47.41 -6.68 -11.02
C LYS A 133 -46.62 -6.80 -12.33
N VAL A 134 -45.50 -7.51 -12.28
CA VAL A 134 -44.61 -7.67 -13.43
C VAL A 134 -44.40 -9.15 -13.66
N TYR A 135 -44.24 -9.53 -14.93
CA TYR A 135 -44.00 -10.91 -15.31
C TYR A 135 -42.49 -11.16 -15.40
N SER A 136 -42.14 -12.45 -15.39
CA SER A 136 -40.74 -12.84 -15.51
C SER A 136 -40.66 -14.27 -16.05
N LEU A 137 -39.50 -14.62 -16.57
CA LEU A 137 -39.26 -15.97 -17.07
C LEU A 137 -38.36 -16.73 -16.11
N PHE A 138 -38.70 -18.00 -15.91
CA PHE A 138 -37.92 -18.87 -15.04
C PHE A 138 -38.03 -20.29 -15.57
N TYR A 139 -36.89 -20.99 -15.65
CA TYR A 139 -36.90 -22.38 -16.09
C TYR A 139 -37.56 -23.25 -15.03
N ARG A 140 -37.90 -24.49 -15.42
CA ARG A 140 -38.52 -25.41 -14.48
C ARG A 140 -37.61 -25.72 -13.30
N LEU A 141 -36.30 -25.54 -13.45
CA LEU A 141 -35.39 -25.85 -12.36
C LEU A 141 -35.51 -24.85 -11.22
N ASP A 142 -35.51 -23.56 -11.53
CA ASP A 142 -35.41 -22.51 -10.53
C ASP A 142 -36.73 -22.21 -9.85
N VAL A 143 -37.79 -22.93 -10.20
CA VAL A 143 -39.10 -22.71 -9.61
C VAL A 143 -39.75 -24.06 -9.33
N VAL A 144 -40.53 -24.12 -8.25
CA VAL A 144 -41.19 -25.35 -7.83
C VAL A 144 -42.69 -25.08 -7.75
N GLN A 145 -43.48 -26.06 -8.18
CA GLN A 145 -44.93 -25.93 -8.07
C GLN A 145 -45.36 -25.97 -6.62
N ILE A 146 -46.45 -25.24 -6.33
CA ILE A 146 -47.02 -25.21 -4.98
C ILE A 146 -48.53 -25.39 -5.10
N ASN A 147 -49.12 -25.89 -4.02
CA ASN A 147 -50.57 -26.07 -3.95
C ASN A 147 -50.99 -26.30 -2.50
N LYS A 159 -53.00 -21.59 -11.05
CA LYS A 159 -51.58 -21.67 -11.41
C LYS A 159 -50.74 -20.90 -10.42
N GLU A 160 -50.35 -21.57 -9.33
CA GLU A 160 -49.56 -20.97 -8.27
C GLU A 160 -48.27 -21.74 -8.05
N TYR A 161 -47.17 -21.01 -7.96
CA TYR A 161 -45.85 -21.59 -7.81
C TYR A 161 -45.00 -20.67 -6.95
N ARG A 162 -43.79 -21.13 -6.63
CA ARG A 162 -42.86 -20.35 -5.83
C ARG A 162 -41.45 -20.84 -6.12
N LEU A 163 -40.47 -20.03 -5.72
CA LEU A 163 -39.07 -20.40 -5.91
C LEU A 163 -38.75 -21.67 -5.11
N ILE A 164 -37.66 -22.34 -5.50
CA ILE A 164 -37.35 -23.65 -4.93
C ILE A 164 -37.17 -23.55 -3.42
N ASN A 165 -36.41 -22.54 -3.00
CA ASN A 165 -36.12 -22.41 -1.55
C ASN A 165 -35.86 -20.94 -1.21
N CYS A 166 -36.91 -20.14 -0.99
CA CYS A 166 -36.72 -18.74 -0.56
C CYS A 166 -37.02 -18.69 0.94
N ASN A 167 -38.24 -19.04 1.34
CA ASN A 167 -38.55 -19.13 2.79
C ASN A 167 -37.85 -20.40 3.30
N THR A 168 -37.53 -20.45 4.59
CA THR A 168 -36.76 -21.62 5.10
C THR A 168 -35.49 -21.78 4.26
N SER A 169 -35.00 -20.69 3.67
CA SER A 169 -33.76 -20.74 2.85
C SER A 169 -33.21 -19.31 2.69
N ALA A 170 -32.10 -19.16 1.97
CA ALA A 170 -31.49 -17.81 1.81
C ALA A 170 -30.79 -17.71 0.45
N ILE A 171 -31.23 -16.79 -0.40
CA ILE A 171 -30.64 -16.66 -1.73
C ILE A 171 -30.19 -15.22 -1.96
N THR A 172 -28.99 -15.06 -2.51
CA THR A 172 -28.41 -13.75 -2.76
C THR A 172 -28.03 -13.67 -4.23
N GLN A 173 -28.64 -12.73 -4.95
CA GLN A 173 -28.34 -12.58 -6.37
C GLN A 173 -26.99 -11.91 -6.55
N ALA A 174 -26.23 -12.40 -7.53
CA ALA A 174 -24.97 -11.75 -7.87
C ALA A 174 -25.24 -10.41 -8.55
N CYS A 175 -24.33 -9.47 -8.34
CA CYS A 175 -24.47 -8.17 -8.97
C CYS A 175 -24.41 -8.34 -10.49
N PRO A 176 -25.26 -7.65 -11.24
CA PRO A 176 -25.28 -7.84 -12.70
C PRO A 176 -23.97 -7.47 -13.37
N LYS A 177 -23.25 -6.48 -12.82
CA LYS A 177 -22.02 -6.02 -13.44
C LYS A 177 -20.94 -7.11 -13.42
N VAL A 178 -20.85 -7.86 -12.33
CA VAL A 178 -19.77 -8.83 -12.19
C VAL A 178 -20.03 -10.03 -13.12
N SER A 179 -18.95 -10.70 -13.48
CA SER A 179 -19.00 -11.91 -14.28
C SER A 179 -18.27 -13.04 -13.54
N PHE A 180 -18.16 -14.20 -14.19
CA PHE A 180 -17.59 -15.37 -13.54
C PHE A 180 -16.64 -16.13 -14.47
N GLU A 181 -15.78 -15.40 -15.19
CA GLU A 181 -14.80 -16.07 -16.03
C GLU A 181 -13.53 -16.36 -15.25
N PRO A 182 -12.98 -17.56 -15.33
CA PRO A 182 -11.77 -17.88 -14.58
C PRO A 182 -10.59 -16.99 -14.97
N ILE A 183 -9.71 -16.78 -14.00
CA ILE A 183 -8.50 -15.98 -14.19
C ILE A 183 -7.33 -16.82 -13.70
N PRO A 184 -6.28 -16.99 -14.49
CA PRO A 184 -5.14 -17.81 -14.04
C PRO A 184 -4.50 -17.24 -12.78
N ILE A 185 -4.06 -18.14 -11.91
CA ILE A 185 -3.44 -17.78 -10.64
C ILE A 185 -2.21 -18.64 -10.44
N HIS A 186 -1.08 -18.00 -10.10
CA HIS A 186 0.14 -18.69 -9.74
C HIS A 186 0.27 -18.73 -8.22
N TYR A 187 1.03 -19.70 -7.73
CA TYR A 187 1.23 -19.87 -6.29
C TYR A 187 2.71 -19.82 -5.95
N CYS A 188 3.06 -18.95 -5.00
CA CYS A 188 4.43 -18.76 -4.58
C CYS A 188 4.51 -18.86 -3.06
N ALA A 189 5.55 -19.50 -2.57
CA ALA A 189 5.80 -19.65 -1.14
C ALA A 189 6.63 -18.48 -0.63
N PRO A 190 6.51 -18.14 0.65
CA PRO A 190 7.40 -17.14 1.23
C PRO A 190 8.81 -17.68 1.36
N ALA A 191 9.74 -16.77 1.64
CA ALA A 191 11.13 -17.17 1.80
C ALA A 191 11.29 -18.11 2.98
N GLY A 192 12.20 -19.08 2.83
CA GLY A 192 12.35 -20.16 3.77
C GLY A 192 11.55 -21.39 3.42
N PHE A 193 10.62 -21.28 2.48
CA PHE A 193 9.87 -22.42 1.97
C PHE A 193 9.99 -22.47 0.46
N ALA A 194 10.34 -23.64 -0.07
CA ALA A 194 10.52 -23.83 -1.49
C ALA A 194 9.54 -24.88 -1.99
N ILE A 195 9.09 -24.70 -3.23
CA ILE A 195 8.15 -25.60 -3.86
C ILE A 195 8.93 -26.59 -4.71
N LEU A 196 8.67 -27.87 -4.52
CA LEU A 196 9.27 -28.91 -5.35
C LEU A 196 8.28 -29.33 -6.41
N LYS A 197 8.69 -29.26 -7.68
CA LYS A 197 7.84 -29.57 -8.81
C LYS A 197 8.38 -30.80 -9.52
N CYS A 198 7.53 -31.81 -9.67
CA CYS A 198 7.92 -33.06 -10.30
C CYS A 198 7.76 -32.91 -11.81
N LYS A 199 8.79 -33.30 -12.57
CA LYS A 199 8.79 -33.16 -14.01
C LYS A 199 8.87 -34.49 -14.74
N ASP A 200 8.82 -35.61 -14.02
CA ASP A 200 8.83 -36.91 -14.68
C ASP A 200 7.60 -37.07 -15.55
N LYS A 201 7.81 -37.60 -16.76
CA LYS A 201 6.71 -37.78 -17.69
C LYS A 201 5.72 -38.83 -17.18
N LYS A 202 6.23 -39.89 -16.57
CA LYS A 202 5.40 -40.98 -16.04
C LYS A 202 5.42 -40.93 -14.52
N PHE A 203 4.32 -40.46 -13.95
CA PHE A 203 4.26 -40.17 -12.52
C PHE A 203 2.79 -40.25 -12.11
N ASN A 204 2.40 -41.34 -11.45
CA ASN A 204 0.99 -41.53 -11.17
C ASN A 204 0.50 -40.68 -10.03
N GLY A 205 1.36 -39.93 -9.36
CA GLY A 205 0.92 -39.10 -8.26
C GLY A 205 1.63 -39.38 -6.96
N THR A 206 1.83 -40.65 -6.63
CA THR A 206 2.43 -41.03 -5.35
C THR A 206 3.83 -41.59 -5.58
N GLY A 207 4.57 -41.72 -4.48
CA GLY A 207 5.89 -42.30 -4.54
C GLY A 207 6.93 -41.34 -5.08
N PRO A 208 8.19 -41.78 -5.11
CA PRO A 208 9.27 -40.88 -5.51
C PRO A 208 9.17 -40.43 -6.96
N CYS A 209 9.66 -39.22 -7.20
CA CYS A 209 9.74 -38.63 -8.54
C CYS A 209 11.20 -38.36 -8.86
N PRO A 210 11.72 -38.84 -9.99
CA PRO A 210 13.14 -38.60 -10.29
C PRO A 210 13.49 -37.13 -10.47
N SER A 211 12.82 -36.44 -11.38
CA SER A 211 13.13 -35.04 -11.68
C SER A 211 12.35 -34.16 -10.70
N VAL A 212 13.07 -33.47 -9.83
CA VAL A 212 12.48 -32.62 -8.81
C VAL A 212 13.03 -31.23 -9.04
N SER A 213 12.31 -30.41 -9.79
CA SER A 213 12.75 -29.06 -10.08
C SER A 213 12.18 -28.08 -9.05
N THR A 214 13.08 -27.30 -8.44
CA THR A 214 12.73 -26.36 -7.39
C THR A 214 12.34 -25.03 -8.03
N VAL A 215 11.11 -24.59 -7.77
CA VAL A 215 10.59 -23.34 -8.32
C VAL A 215 9.91 -22.58 -7.19
N GLN A 216 9.99 -21.26 -7.25
CA GLN A 216 9.27 -20.43 -6.28
C GLN A 216 7.82 -20.18 -6.67
N CYS A 217 7.53 -19.96 -7.95
CA CYS A 217 6.18 -19.65 -8.39
C CYS A 217 5.75 -20.68 -9.43
N THR A 218 4.66 -21.38 -9.13
CA THR A 218 4.22 -22.50 -9.96
C THR A 218 3.60 -21.99 -11.27
N HIS A 219 3.11 -22.91 -12.07
CA HIS A 219 2.57 -22.58 -13.39
C HIS A 219 1.18 -21.97 -13.23
N GLY A 220 0.49 -21.78 -14.34
CA GLY A 220 -0.76 -21.07 -14.35
C GLY A 220 -1.95 -21.88 -13.90
N ILE A 221 -2.07 -22.09 -12.59
CA ILE A 221 -3.22 -22.80 -12.05
C ILE A 221 -4.49 -22.09 -12.49
N LYS A 222 -5.49 -22.88 -12.87
CA LYS A 222 -6.76 -22.33 -13.33
C LYS A 222 -7.88 -22.73 -12.41
N PRO A 223 -8.56 -21.78 -11.76
CA PRO A 223 -9.72 -22.14 -10.94
C PRO A 223 -10.92 -22.53 -11.79
N VAL A 224 -10.82 -23.65 -12.49
CA VAL A 224 -11.90 -24.14 -13.32
C VAL A 224 -12.94 -24.82 -12.44
N VAL A 225 -14.20 -24.43 -12.60
CA VAL A 225 -15.30 -24.98 -11.83
C VAL A 225 -16.05 -25.94 -12.73
N SER A 226 -15.85 -27.24 -12.54
CA SER A 226 -16.54 -28.20 -13.39
C SER A 226 -16.58 -29.55 -12.71
N THR A 227 -17.60 -30.32 -13.07
CA THR A 227 -17.76 -31.71 -12.65
C THR A 227 -17.06 -32.61 -13.65
N GLN A 228 -17.40 -33.91 -13.64
CA GLN A 228 -16.52 -34.97 -14.14
C GLN A 228 -15.74 -34.56 -15.39
N LEU A 229 -16.33 -33.77 -16.27
CA LEU A 229 -15.63 -33.30 -17.46
C LEU A 229 -14.79 -32.08 -17.08
N LEU A 230 -13.47 -32.22 -17.12
CA LEU A 230 -12.59 -31.11 -16.74
C LEU A 230 -12.44 -30.17 -17.93
N LEU A 231 -13.03 -28.98 -17.83
CA LEU A 231 -13.00 -28.03 -18.94
C LEU A 231 -11.76 -27.16 -18.85
N ASN A 232 -10.94 -27.18 -19.90
CA ASN A 232 -9.87 -26.21 -20.11
C ASN A 232 -8.97 -26.09 -18.89
N GLY A 233 -8.27 -27.19 -18.64
CA GLY A 233 -7.22 -27.23 -17.64
C GLY A 233 -5.89 -27.64 -18.24
N SER A 234 -4.92 -27.99 -17.41
CA SER A 234 -3.62 -28.39 -17.90
C SER A 234 -3.71 -29.72 -18.66
N LEU A 235 -2.79 -29.89 -19.61
CA LEU A 235 -2.80 -31.02 -20.52
C LEU A 235 -1.69 -31.99 -20.15
N ALA A 236 -2.02 -33.28 -20.16
CA ALA A 236 -1.02 -34.31 -19.90
C ALA A 236 -0.23 -34.58 -21.17
N GLU A 239 0.81 -38.85 -23.03
CA GLU A 239 0.08 -40.02 -22.55
C GLU A 239 -1.04 -39.60 -21.62
N VAL A 240 -2.13 -40.38 -21.60
CA VAL A 240 -3.19 -40.18 -20.63
C VAL A 240 -2.82 -40.94 -19.37
N MET A 241 -2.92 -40.28 -18.22
CA MET A 241 -2.49 -40.85 -16.95
C MET A 241 -3.70 -41.20 -16.09
N ILE A 242 -3.53 -42.24 -15.26
CA ILE A 242 -4.55 -42.69 -14.33
C ILE A 242 -4.02 -42.47 -12.92
N ARG A 243 -4.75 -41.70 -12.13
CA ARG A 243 -4.30 -41.32 -10.79
C ARG A 243 -5.39 -41.64 -9.78
N SER A 244 -5.03 -42.36 -8.71
CA SER A 244 -6.06 -42.77 -7.73
C SER A 244 -5.43 -42.97 -6.34
N GLU A 245 -6.12 -42.51 -5.29
CA GLU A 245 -5.61 -42.73 -3.91
C GLU A 245 -5.51 -44.24 -3.68
N ASN A 246 -6.48 -45.01 -4.21
CA ASN A 246 -6.45 -46.48 -4.08
C ASN A 246 -7.42 -47.09 -5.11
N ILE A 247 -6.87 -47.74 -6.15
CA ILE A 247 -7.72 -48.38 -7.19
C ILE A 247 -8.51 -49.53 -6.56
N THR A 248 -7.83 -50.40 -5.79
CA THR A 248 -8.52 -51.54 -5.12
C THR A 248 -9.76 -51.00 -4.42
N ASN A 249 -9.68 -49.77 -3.89
CA ASN A 249 -10.85 -49.16 -3.25
C ASN A 249 -11.77 -48.57 -4.29
N ASN A 250 -13.06 -48.87 -4.19
CA ASN A 250 -14.03 -48.25 -5.07
C ASN A 250 -14.38 -46.84 -4.61
N ALA A 251 -14.10 -46.50 -3.36
CA ALA A 251 -14.56 -45.23 -2.81
C ALA A 251 -13.86 -44.05 -3.48
N LYS A 252 -12.54 -44.09 -3.55
CA LYS A 252 -11.78 -42.94 -4.04
C LYS A 252 -12.07 -42.70 -5.51
N ASN A 253 -12.18 -41.43 -5.88
CA ASN A 253 -12.43 -41.08 -7.27
C ASN A 253 -11.14 -41.16 -8.08
N ILE A 254 -11.28 -41.63 -9.31
CA ILE A 254 -10.14 -41.83 -10.22
C ILE A 254 -10.05 -40.63 -11.14
N LEU A 255 -8.93 -39.93 -11.08
CA LEU A 255 -8.65 -38.82 -11.98
C LEU A 255 -7.89 -39.32 -13.20
N VAL A 256 -8.32 -38.88 -14.37
CA VAL A 256 -7.67 -39.20 -15.63
C VAL A 256 -7.42 -37.89 -16.36
N GLN A 257 -6.15 -37.56 -16.61
CA GLN A 257 -5.78 -36.37 -17.35
C GLN A 257 -5.52 -36.77 -18.79
N PHE A 258 -6.09 -36.01 -19.73
CA PHE A 258 -5.94 -36.31 -21.15
C PHE A 258 -4.63 -35.76 -21.69
N ASN A 259 -3.98 -36.53 -22.55
CA ASN A 259 -2.78 -36.04 -23.24
C ASN A 259 -3.15 -35.08 -24.37
N THR A 260 -4.26 -35.35 -25.05
CA THR A 260 -4.71 -34.53 -26.15
C THR A 260 -6.07 -33.94 -25.84
N PRO A 261 -6.26 -32.64 -26.04
CA PRO A 261 -7.55 -32.03 -25.71
C PRO A 261 -8.63 -32.45 -26.69
N VAL A 262 -9.86 -32.41 -26.21
CA VAL A 262 -11.04 -32.64 -27.03
C VAL A 262 -11.87 -31.37 -27.01
N GLN A 263 -12.04 -30.75 -28.17
CA GLN A 263 -12.81 -29.52 -28.25
C GLN A 263 -14.25 -29.76 -27.85
N ILE A 264 -14.79 -28.84 -27.06
CA ILE A 264 -16.21 -28.85 -26.71
C ILE A 264 -16.76 -27.44 -26.91
N ASN A 265 -17.73 -27.33 -27.80
CA ASN A 265 -18.46 -26.08 -28.01
C ASN A 265 -19.90 -26.29 -27.55
N CYS A 266 -20.42 -25.35 -26.78
CA CYS A 266 -21.73 -25.49 -26.21
C CYS A 266 -22.39 -24.12 -26.18
N THR A 267 -23.62 -24.04 -26.67
CA THR A 267 -24.26 -22.75 -26.93
C THR A 267 -25.61 -22.68 -26.26
N ARG A 268 -26.04 -21.46 -25.94
CA ARG A 268 -27.41 -21.20 -25.52
C ARG A 268 -28.09 -20.40 -26.62
N PRO A 269 -28.85 -21.02 -27.50
CA PRO A 269 -29.42 -20.32 -28.66
C PRO A 269 -30.73 -19.61 -28.34
N ASN A 270 -30.66 -18.62 -27.46
CA ASN A 270 -31.80 -17.78 -27.13
C ASN A 270 -31.30 -16.45 -26.60
N ASN A 271 -31.80 -15.36 -27.17
CA ASN A 271 -31.42 -14.02 -26.73
C ASN A 271 -32.22 -13.66 -25.49
N ASN A 272 -31.54 -13.56 -24.35
CA ASN A 272 -32.19 -13.25 -23.09
C ASN A 272 -32.46 -11.76 -22.99
N THR A 273 -33.62 -11.42 -22.41
CA THR A 273 -34.02 -10.04 -22.18
C THR A 273 -33.94 -9.75 -20.69
N ARG A 274 -33.17 -8.73 -20.33
CA ARG A 274 -32.97 -8.37 -18.93
C ARG A 274 -33.82 -7.16 -18.60
N LYS A 275 -34.78 -7.33 -17.69
CA LYS A 275 -35.64 -6.25 -17.23
C LYS A 275 -35.30 -5.94 -15.77
N SER A 276 -35.00 -4.68 -15.49
CA SER A 276 -34.67 -4.24 -14.14
C SER A 276 -35.95 -3.76 -13.46
N ILE A 277 -36.23 -4.29 -12.28
CA ILE A 277 -37.41 -3.93 -11.50
C ILE A 277 -36.94 -3.28 -10.21
N ARG A 278 -37.38 -2.05 -9.97
CA ARG A 278 -37.04 -1.35 -8.74
C ARG A 278 -37.93 -1.87 -7.62
N ILE A 279 -37.32 -2.55 -6.65
CA ILE A 279 -38.07 -3.17 -5.57
C ILE A 279 -38.37 -2.15 -4.48
N GLN A 283 -31.71 -1.30 -4.36
CA GLN A 283 -32.16 -2.64 -4.73
C GLN A 283 -32.83 -2.65 -6.10
N ALA A 284 -32.56 -3.69 -6.87
CA ALA A 284 -33.16 -3.82 -8.20
C ALA A 284 -33.06 -5.28 -8.63
N PHE A 285 -34.20 -5.96 -8.70
CA PHE A 285 -34.22 -7.32 -9.24
C PHE A 285 -34.02 -7.27 -10.75
N TYR A 286 -33.49 -8.37 -11.30
CA TYR A 286 -33.24 -8.47 -12.73
C TYR A 286 -33.96 -9.71 -13.26
N ALA A 287 -35.20 -9.52 -13.70
CA ALA A 287 -36.00 -10.59 -14.26
C ALA A 287 -35.60 -10.85 -15.71
N THR A 288 -35.83 -12.07 -16.15
CA THR A 288 -35.56 -12.44 -17.54
C THR A 288 -36.80 -12.14 -18.38
N GLY A 289 -36.69 -11.16 -19.27
CA GLY A 289 -37.78 -10.78 -20.14
C GLY A 289 -37.98 -11.79 -21.26
N ASP A 290 -38.96 -11.47 -22.10
CA ASP A 290 -39.32 -12.39 -23.19
C ASP A 290 -38.17 -12.55 -24.16
N ILE A 291 -37.94 -13.79 -24.60
CA ILE A 291 -36.81 -14.09 -25.48
C ILE A 291 -37.09 -13.57 -26.88
N ILE A 292 -36.06 -13.06 -27.54
CA ILE A 292 -36.17 -12.57 -28.91
C ILE A 292 -36.35 -13.78 -29.81
N GLY A 293 -37.56 -14.00 -30.30
CA GLY A 293 -37.84 -15.12 -31.16
C GLY A 293 -37.80 -16.46 -30.44
N ILE A 295 -37.34 -20.38 -29.65
CA ILE A 295 -36.89 -20.97 -28.39
C ILE A 295 -36.19 -22.30 -28.64
N ARG A 296 -34.88 -22.30 -28.53
CA ARG A 296 -34.08 -23.50 -28.75
C ARG A 296 -33.27 -23.80 -27.49
N GLN A 297 -33.32 -25.06 -27.07
CA GLN A 297 -32.65 -25.47 -25.84
C GLN A 297 -31.14 -25.31 -25.96
N ALA A 298 -30.49 -24.95 -24.86
CA ALA A 298 -29.03 -24.95 -24.81
C ALA A 298 -28.51 -26.36 -25.01
N HIS A 299 -27.39 -26.47 -25.71
CA HIS A 299 -26.89 -27.78 -26.09
C HIS A 299 -25.38 -27.71 -26.27
N CYS A 300 -24.72 -28.82 -25.94
CA CYS A 300 -23.28 -28.96 -26.11
C CYS A 300 -23.01 -29.96 -27.22
N ASN A 301 -21.85 -29.82 -27.85
CA ASN A 301 -21.46 -30.70 -28.96
C ASN A 301 -20.05 -31.21 -28.75
N VAL A 302 -19.81 -32.45 -29.16
CA VAL A 302 -18.50 -33.09 -29.05
C VAL A 302 -18.24 -33.87 -30.33
N SER A 303 -17.03 -33.74 -30.86
CA SER A 303 -16.63 -34.52 -32.04
C SER A 303 -16.60 -36.00 -31.67
N LYS A 304 -17.53 -36.76 -32.26
CA LYS A 304 -17.71 -38.15 -31.87
C LYS A 304 -16.45 -38.98 -32.15
N ALA A 305 -15.82 -38.74 -33.30
CA ALA A 305 -14.63 -39.51 -33.66
C ALA A 305 -13.48 -39.25 -32.69
N THR A 306 -13.19 -37.98 -32.43
CA THR A 306 -12.09 -37.65 -31.53
C THR A 306 -12.37 -38.17 -30.12
N TRP A 307 -13.62 -38.05 -29.67
CA TRP A 307 -13.99 -38.63 -28.39
C TRP A 307 -13.78 -40.14 -28.38
N ASN A 308 -14.18 -40.81 -29.47
CA ASN A 308 -14.02 -42.26 -29.52
C ASN A 308 -12.55 -42.65 -29.47
N GLU A 309 -11.69 -41.89 -30.16
CA GLU A 309 -10.26 -42.19 -30.13
C GLU A 309 -9.69 -42.00 -28.75
N THR A 310 -10.04 -40.90 -28.07
CA THR A 310 -9.49 -40.64 -26.74
C THR A 310 -9.93 -41.69 -25.74
N LEU A 311 -11.19 -42.11 -25.82
CA LEU A 311 -11.70 -43.10 -24.88
C LEU A 311 -10.97 -44.43 -25.03
N GLY A 312 -10.68 -44.84 -26.26
CA GLY A 312 -9.86 -46.02 -26.47
C GLY A 312 -8.49 -45.87 -25.83
N LYS A 313 -7.89 -44.70 -25.95
CA LYS A 313 -6.64 -44.43 -25.25
C LYS A 313 -6.83 -44.55 -23.75
N VAL A 314 -7.98 -44.12 -23.25
CA VAL A 314 -8.28 -44.29 -21.83
C VAL A 314 -8.38 -45.77 -21.49
N VAL A 315 -9.19 -46.50 -22.25
CA VAL A 315 -9.42 -47.90 -21.91
C VAL A 315 -8.15 -48.72 -22.08
N LYS A 316 -7.28 -48.31 -23.01
CA LYS A 316 -6.00 -49.01 -23.15
C LYS A 316 -5.10 -48.71 -21.96
N GLN A 317 -5.18 -47.50 -21.40
CA GLN A 317 -4.38 -47.20 -20.22
C GLN A 317 -4.96 -47.84 -18.97
N LEU A 318 -6.29 -47.92 -18.88
CA LEU A 318 -6.90 -48.58 -17.73
C LEU A 318 -6.50 -50.04 -17.67
N ARG A 319 -6.44 -50.72 -18.81
CA ARG A 319 -6.09 -52.14 -18.82
C ARG A 319 -4.69 -52.40 -18.29
N LYS A 320 -3.83 -51.36 -18.21
CA LYS A 320 -2.55 -51.54 -17.55
C LYS A 320 -2.71 -51.94 -16.09
N HIS A 321 -3.64 -51.32 -15.37
CA HIS A 321 -3.93 -51.73 -14.00
C HIS A 321 -4.73 -53.02 -13.95
N PHE A 322 -5.26 -53.47 -15.09
CA PHE A 322 -6.13 -54.63 -15.13
C PHE A 322 -5.65 -55.64 -16.15
N ASN A 325 -6.00 -58.45 -20.24
CA ASN A 325 -7.31 -58.13 -20.77
C ASN A 325 -8.41 -58.24 -19.71
N THR A 326 -9.54 -57.58 -19.97
CA THR A 326 -10.70 -57.62 -19.08
C THR A 326 -11.86 -56.98 -19.83
N ILE A 327 -12.95 -56.76 -19.10
CA ILE A 327 -14.16 -56.16 -19.64
C ILE A 327 -14.39 -54.81 -18.98
N ILE A 328 -14.53 -53.77 -19.79
CA ILE A 328 -14.74 -52.41 -19.32
C ILE A 328 -16.06 -51.91 -19.90
N ARG A 329 -16.92 -51.38 -19.04
CA ARG A 329 -18.22 -50.85 -19.44
C ARG A 329 -18.37 -49.45 -18.86
N PHE A 330 -19.02 -48.57 -19.59
CA PHE A 330 -19.31 -47.22 -19.12
C PHE A 330 -20.81 -47.05 -19.02
N ALA A 331 -21.28 -46.67 -17.84
CA ALA A 331 -22.69 -46.33 -17.62
C ALA A 331 -22.76 -44.91 -17.10
N ASN A 332 -23.88 -44.24 -17.37
CA ASN A 332 -23.97 -42.82 -17.04
C ASN A 332 -24.05 -42.64 -15.54
N SER A 333 -24.04 -41.39 -15.07
CA SER A 333 -24.03 -41.13 -13.64
C SER A 333 -25.20 -41.81 -12.96
N SER A 334 -24.91 -42.53 -11.89
CA SER A 334 -25.92 -43.38 -11.27
C SER A 334 -27.07 -42.57 -10.70
N GLY A 335 -26.75 -41.48 -10.00
CA GLY A 335 -27.79 -40.65 -9.40
C GLY A 335 -27.20 -39.74 -8.36
N GLY A 336 -28.04 -38.88 -7.81
CA GLY A 336 -27.61 -37.93 -6.83
C GLY A 336 -28.12 -36.55 -7.19
N ASP A 337 -27.42 -35.54 -6.70
CA ASP A 337 -27.83 -34.16 -6.92
C ASP A 337 -27.61 -33.77 -8.37
N LEU A 338 -28.22 -32.65 -8.74
CA LEU A 338 -28.12 -32.18 -10.12
C LEU A 338 -26.73 -31.67 -10.45
N GLU A 339 -25.88 -31.47 -9.44
CA GLU A 339 -24.50 -31.10 -9.69
C GLU A 339 -23.61 -32.30 -10.00
N VAL A 340 -24.09 -33.52 -9.78
CA VAL A 340 -23.29 -34.72 -10.01
C VAL A 340 -23.92 -35.63 -11.06
N THR A 341 -25.24 -35.75 -11.06
CA THR A 341 -25.91 -36.59 -12.06
C THR A 341 -25.56 -36.15 -13.47
N THR A 342 -25.33 -34.87 -13.66
CA THR A 342 -25.06 -34.31 -14.97
C THR A 342 -23.67 -33.72 -15.00
N HIS A 343 -23.41 -32.95 -16.04
CA HIS A 343 -22.13 -32.26 -16.18
C HIS A 343 -22.33 -30.78 -15.97
N SER A 344 -21.93 -30.28 -14.79
CA SER A 344 -22.08 -28.88 -14.45
C SER A 344 -20.82 -28.12 -14.80
N PHE A 345 -20.97 -26.94 -15.38
CA PHE A 345 -19.83 -26.12 -15.75
C PHE A 345 -20.31 -24.69 -15.95
N ASN A 346 -19.35 -23.77 -16.01
CA ASN A 346 -19.63 -22.35 -16.15
C ASN A 346 -19.26 -21.90 -17.55
N CYS A 347 -20.10 -21.07 -18.15
CA CYS A 347 -19.94 -20.64 -19.53
C CYS A 347 -20.38 -19.19 -19.64
N GLY A 348 -19.41 -18.27 -19.59
CA GLY A 348 -19.71 -16.86 -19.77
C GLY A 348 -20.68 -16.31 -18.75
N GLY A 349 -20.50 -16.62 -17.48
CA GLY A 349 -21.38 -16.12 -16.46
C GLY A 349 -22.71 -16.84 -16.36
N GLU A 350 -22.87 -17.96 -17.06
CA GLU A 350 -24.08 -18.77 -16.97
C GLU A 350 -23.71 -20.22 -16.73
N PHE A 351 -24.46 -20.88 -15.85
CA PHE A 351 -24.12 -22.21 -15.35
C PHE A 351 -25.04 -23.24 -15.96
N PHE A 352 -24.45 -24.23 -16.62
CA PHE A 352 -25.21 -25.21 -17.39
C PHE A 352 -25.18 -26.56 -16.70
N TYR A 353 -26.29 -27.29 -16.78
CA TYR A 353 -26.36 -28.69 -16.36
C TYR A 353 -26.76 -29.51 -17.57
N CYS A 354 -25.92 -30.46 -17.97
CA CYS A 354 -26.11 -31.24 -19.18
C CYS A 354 -25.87 -32.71 -18.91
N ASN A 355 -26.68 -33.58 -19.51
CA ASN A 355 -26.34 -34.99 -19.54
C ASN A 355 -24.90 -35.25 -19.95
N THR A 356 -24.42 -36.43 -19.55
CA THR A 356 -23.27 -37.07 -20.15
C THR A 356 -23.59 -38.50 -20.56
N SER A 357 -24.87 -38.83 -20.70
CA SER A 357 -25.21 -40.16 -21.18
C SER A 357 -24.74 -40.40 -22.60
N GLY A 358 -24.51 -39.33 -23.36
CA GLY A 358 -23.99 -39.43 -24.70
C GLY A 358 -22.49 -39.61 -24.81
N LEU A 359 -21.77 -39.64 -23.69
CA LEU A 359 -20.33 -39.82 -23.72
C LEU A 359 -19.84 -40.97 -22.87
N PHE A 360 -20.69 -41.59 -22.06
CA PHE A 360 -20.30 -42.67 -21.16
C PHE A 360 -21.22 -43.86 -21.31
N ASN A 361 -21.53 -44.22 -22.56
CA ASN A 361 -22.36 -45.37 -22.87
C ASN A 361 -21.61 -46.25 -23.87
N SER A 362 -20.78 -47.15 -23.35
CA SER A 362 -19.98 -48.02 -24.19
C SER A 362 -19.50 -49.21 -23.38
N THR A 363 -19.08 -50.26 -24.08
CA THR A 363 -18.41 -51.40 -23.49
C THR A 363 -17.22 -51.78 -24.35
N TRP A 364 -16.08 -52.02 -23.72
CA TRP A 364 -14.84 -52.23 -24.44
C TRP A 364 -14.19 -53.53 -24.02
N ILE A 365 -13.58 -54.23 -24.99
CA ILE A 365 -12.93 -55.51 -24.78
C ILE A 365 -11.49 -55.32 -25.22
N SER A 366 -10.66 -56.37 -25.13
CA SER A 366 -9.25 -56.24 -25.47
C SER A 366 -9.05 -55.79 -26.91
N ASN A 367 -9.89 -56.27 -27.82
CA ASN A 367 -9.79 -55.84 -29.21
C ASN A 367 -11.13 -55.26 -29.69
N SER A 381 -21.37 -35.28 -35.14
CA SER A 381 -20.89 -35.03 -33.79
C SER A 381 -21.96 -35.36 -32.76
N ILE A 382 -21.53 -35.58 -31.52
CA ILE A 382 -22.45 -35.96 -30.44
C ILE A 382 -22.99 -34.70 -29.78
N THR A 383 -24.30 -34.61 -29.65
CA THR A 383 -24.97 -33.48 -29.03
C THR A 383 -25.57 -33.92 -27.69
N LEU A 384 -25.30 -33.14 -26.65
CA LEU A 384 -25.76 -33.45 -25.31
C LEU A 384 -26.83 -32.46 -24.89
N PRO A 385 -28.05 -32.91 -24.56
CA PRO A 385 -29.08 -31.99 -24.07
C PRO A 385 -28.66 -31.37 -22.75
N CYS A 386 -29.14 -30.14 -22.54
CA CYS A 386 -28.73 -29.34 -21.38
C CYS A 386 -29.95 -28.75 -20.70
N ARG A 387 -29.70 -28.17 -19.53
CA ARG A 387 -30.66 -27.37 -18.81
C ARG A 387 -29.95 -26.15 -18.26
N ILE A 388 -30.70 -25.10 -17.99
CA ILE A 388 -30.16 -23.85 -17.47
C ILE A 388 -30.81 -23.57 -16.13
N LYS A 389 -29.99 -23.19 -15.15
CA LYS A 389 -30.45 -22.84 -13.82
C LYS A 389 -29.88 -21.48 -13.45
N GLN A 390 -30.70 -20.65 -12.82
CA GLN A 390 -30.28 -19.34 -12.35
C GLN A 390 -30.09 -19.29 -10.85
N ILE A 391 -30.97 -19.94 -10.08
CA ILE A 391 -30.76 -20.15 -8.65
C ILE A 391 -29.95 -21.43 -8.52
N ILE A 392 -28.69 -21.30 -8.11
CA ILE A 392 -27.80 -22.45 -7.96
C ILE A 392 -27.12 -22.35 -6.60
N ASN A 393 -26.88 -23.50 -5.98
CA ASN A 393 -26.16 -23.58 -4.71
C ASN A 393 -24.90 -24.40 -4.96
N MET A 394 -23.86 -23.74 -5.43
CA MET A 394 -22.64 -24.46 -5.72
C MET A 394 -21.91 -24.81 -4.42
N TRP A 395 -21.10 -25.86 -4.49
CA TRP A 395 -20.31 -26.38 -3.37
C TRP A 395 -21.15 -27.08 -2.31
N GLN A 396 -22.36 -27.48 -2.67
CA GLN A 396 -23.20 -28.32 -1.82
C GLN A 396 -23.40 -27.71 -0.44
N ARG A 397 -23.85 -26.46 -0.43
CA ARG A 397 -24.14 -25.76 0.81
C ARG A 397 -25.65 -25.66 0.99
N ILE A 398 -26.12 -25.93 2.20
CA ILE A 398 -27.54 -25.81 2.53
C ILE A 398 -27.84 -24.36 2.82
N GLY A 399 -29.07 -23.95 2.51
CA GLY A 399 -29.50 -22.60 2.82
C GLY A 399 -28.92 -21.54 1.91
N GLN A 400 -27.60 -21.48 1.81
CA GLN A 400 -26.92 -20.47 1.02
C GLN A 400 -26.95 -20.85 -0.46
N ALA A 401 -27.24 -19.87 -1.32
CA ALA A 401 -27.22 -20.06 -2.76
C ALA A 401 -27.18 -18.69 -3.41
N MET A 402 -26.75 -18.66 -4.66
CA MET A 402 -26.66 -17.40 -5.39
C MET A 402 -27.56 -17.45 -6.62
N TYR A 403 -28.12 -16.31 -6.96
CA TYR A 403 -29.02 -16.18 -8.11
C TYR A 403 -28.21 -15.61 -9.27
N ALA A 404 -28.14 -16.38 -10.36
CA ALA A 404 -27.39 -15.93 -11.51
C ALA A 404 -28.15 -14.81 -12.20
N PRO A 405 -27.60 -13.61 -12.30
CA PRO A 405 -28.27 -12.56 -13.06
C PRO A 405 -28.33 -12.93 -14.52
N PRO A 406 -29.36 -12.49 -15.24
CA PRO A 406 -29.49 -12.86 -16.65
C PRO A 406 -28.38 -12.29 -17.50
N ILE A 407 -28.04 -13.02 -18.56
CA ILE A 407 -27.04 -12.58 -19.53
C ILE A 407 -27.70 -12.51 -20.90
N GLN A 408 -27.57 -11.37 -21.56
CA GLN A 408 -28.33 -11.10 -22.78
C GLN A 408 -27.68 -11.71 -24.01
N GLY A 409 -28.52 -12.13 -24.96
CA GLY A 409 -28.04 -12.66 -26.22
C GLY A 409 -27.85 -14.16 -26.20
N VAL A 410 -27.38 -14.66 -27.34
CA VAL A 410 -27.03 -16.08 -27.46
C VAL A 410 -25.64 -16.30 -26.89
N ILE A 411 -25.52 -17.26 -25.97
CA ILE A 411 -24.27 -17.52 -25.26
C ILE A 411 -23.57 -18.72 -25.89
N ARG A 412 -22.31 -18.54 -26.25
CA ARG A 412 -21.49 -19.58 -26.86
C ARG A 412 -20.11 -19.58 -26.21
N CYS A 413 -19.57 -20.77 -25.96
CA CYS A 413 -18.23 -20.89 -25.39
C CYS A 413 -17.61 -22.20 -25.85
N VAL A 414 -16.27 -22.22 -25.88
CA VAL A 414 -15.49 -23.37 -26.31
C VAL A 414 -14.38 -23.58 -25.28
N SER A 415 -14.09 -24.84 -24.96
CA SER A 415 -13.07 -25.14 -23.97
C SER A 415 -12.43 -26.49 -24.29
N ASN A 416 -11.56 -26.93 -23.39
CA ASN A 416 -10.73 -28.12 -23.57
C ASN A 416 -11.24 -29.19 -22.62
N ILE A 417 -11.58 -30.37 -23.13
CA ILE A 417 -11.87 -31.49 -22.24
C ILE A 417 -10.56 -32.22 -21.98
N THR A 418 -9.89 -31.89 -20.87
CA THR A 418 -8.58 -32.45 -20.58
C THR A 418 -8.54 -33.44 -19.45
N GLY A 419 -9.60 -33.58 -18.66
CA GLY A 419 -9.56 -34.47 -17.51
C GLY A 419 -10.91 -35.11 -17.29
N LEU A 420 -10.87 -36.33 -16.76
CA LEU A 420 -12.08 -37.10 -16.51
C LEU A 420 -12.06 -37.62 -15.08
N ILE A 421 -13.23 -37.68 -14.47
CA ILE A 421 -13.37 -38.18 -13.11
C ILE A 421 -14.30 -39.39 -13.16
N LEU A 422 -13.77 -40.55 -12.81
CA LEU A 422 -14.50 -41.81 -12.90
C LEU A 422 -14.56 -42.46 -11.53
N THR A 423 -15.65 -43.20 -11.31
CA THR A 423 -15.89 -43.88 -10.03
C THR A 423 -16.06 -45.37 -10.32
N ARG A 424 -15.13 -46.18 -9.82
CA ARG A 424 -15.24 -47.62 -10.01
C ARG A 424 -16.44 -48.15 -9.22
N ASP A 425 -17.22 -49.00 -9.87
CA ASP A 425 -18.38 -49.58 -9.23
C ASP A 425 -17.97 -50.73 -8.31
N GLY A 426 -18.89 -51.16 -7.46
CA GLY A 426 -18.62 -52.24 -6.52
C GLY A 426 -18.64 -53.60 -7.17
N SER A 431 -16.40 -61.05 -11.07
CA SER A 431 -15.34 -60.25 -11.67
C SER A 431 -15.60 -60.08 -13.17
N THR A 432 -16.87 -59.89 -13.52
CA THR A 432 -17.25 -59.77 -14.92
C THR A 432 -16.64 -58.51 -15.54
N THR A 433 -17.06 -57.35 -15.08
CA THR A 433 -16.60 -56.08 -15.65
C THR A 433 -16.60 -55.03 -14.56
N GLU A 434 -15.77 -54.00 -14.78
CA GLU A 434 -15.62 -52.90 -13.83
C GLU A 434 -16.20 -51.65 -14.47
N THR A 435 -17.49 -51.43 -14.25
CA THR A 435 -18.16 -50.28 -14.86
C THR A 435 -17.75 -49.00 -14.18
N PHE A 436 -17.21 -48.06 -14.97
CA PHE A 436 -16.69 -46.80 -14.45
C PHE A 436 -17.71 -45.70 -14.75
N ARG A 437 -18.57 -45.41 -13.77
CA ARG A 437 -19.52 -44.33 -13.94
C ARG A 437 -18.89 -42.99 -13.62
N PRO A 438 -19.38 -41.90 -14.22
CA PRO A 438 -18.82 -40.57 -13.93
C PRO A 438 -19.35 -40.05 -12.60
N GLY A 439 -18.43 -39.71 -11.71
CA GLY A 439 -18.79 -39.24 -10.39
C GLY A 439 -18.53 -37.78 -10.20
N GLY A 440 -17.35 -37.43 -9.69
CA GLY A 440 -17.01 -36.04 -9.48
C GLY A 440 -17.51 -35.59 -8.12
N GLY A 441 -18.35 -34.56 -8.09
CA GLY A 441 -18.95 -34.15 -6.85
C GLY A 441 -18.10 -33.17 -6.08
N ASP A 442 -17.34 -33.69 -5.12
CA ASP A 442 -16.46 -32.85 -4.30
C ASP A 442 -15.62 -31.96 -5.18
N MET A 443 -15.63 -30.66 -4.89
CA MET A 443 -14.92 -29.72 -5.74
C MET A 443 -13.40 -29.86 -5.60
N ARG A 444 -12.93 -30.63 -4.63
CA ARG A 444 -11.50 -30.74 -4.40
C ARG A 444 -10.76 -31.32 -5.59
N ASP A 445 -11.34 -32.34 -6.23
CA ASP A 445 -10.59 -33.10 -7.22
C ASP A 445 -10.10 -32.22 -8.36
N ASN A 446 -10.94 -31.31 -8.84
CA ASN A 446 -10.57 -30.50 -10.00
C ASN A 446 -9.34 -29.67 -9.71
N TRP A 447 -9.01 -29.46 -8.44
CA TRP A 447 -7.73 -28.86 -8.12
C TRP A 447 -6.60 -29.88 -8.21
N ARG A 448 -6.85 -31.11 -7.82
CA ARG A 448 -5.79 -32.10 -7.74
C ARG A 448 -5.25 -32.49 -9.10
N SER A 449 -5.99 -32.21 -10.18
CA SER A 449 -5.47 -32.50 -11.52
C SER A 449 -4.37 -31.53 -11.91
N GLU A 450 -4.28 -30.38 -11.24
CA GLU A 450 -3.21 -29.43 -11.49
C GLU A 450 -2.12 -29.48 -10.43
N LEU A 451 -2.48 -29.62 -9.15
CA LEU A 451 -1.53 -29.59 -8.07
C LEU A 451 -1.02 -30.98 -7.71
N TYR A 452 -1.06 -31.92 -8.65
CA TYR A 452 -0.51 -33.25 -8.45
C TYR A 452 1.01 -33.25 -8.47
N LYS A 453 1.64 -32.15 -8.83
CA LYS A 453 3.07 -32.10 -9.07
C LYS A 453 3.71 -30.92 -8.34
N TYR A 454 3.29 -30.68 -7.10
CA TYR A 454 3.88 -29.60 -6.31
C TYR A 454 3.77 -29.95 -4.85
N LYS A 455 4.78 -29.56 -4.07
CA LYS A 455 4.75 -29.72 -2.62
C LYS A 455 5.49 -28.54 -2.00
N VAL A 456 5.18 -28.24 -0.75
CA VAL A 456 5.80 -27.15 -0.01
C VAL A 456 6.70 -27.74 1.06
N VAL A 457 7.97 -27.35 1.04
CA VAL A 457 8.96 -27.90 1.95
C VAL A 457 9.67 -26.78 2.68
N LYS A 458 9.98 -27.00 3.95
CA LYS A 458 10.74 -26.05 4.75
C LYS A 458 12.22 -26.42 4.65
N ILE A 459 13.05 -25.42 4.35
CA ILE A 459 14.49 -25.61 4.23
C ILE A 459 15.16 -25.13 5.51
N GLU A 460 16.07 -25.95 6.03
CA GLU A 460 16.83 -25.63 7.23
C GLU A 460 18.29 -25.57 6.85
N PRO A 461 18.79 -24.39 6.49
CA PRO A 461 20.19 -24.30 6.05
C PRO A 461 21.17 -24.75 7.11
N LEU A 462 20.77 -24.78 8.36
CA LEU A 462 21.65 -25.21 9.43
C LEU A 462 21.78 -26.73 9.42
N GLY A 463 22.95 -27.21 9.82
CA GLY A 463 23.20 -28.64 9.84
C GLY A 463 24.48 -28.94 10.60
N VAL A 464 24.65 -30.22 10.92
CA VAL A 464 25.80 -30.68 11.69
C VAL A 464 26.43 -31.87 10.99
N ALA A 465 27.67 -32.17 11.39
CA ALA A 465 28.42 -33.29 10.84
C ALA A 465 29.64 -33.58 11.71
N PRO A 466 29.96 -34.84 11.93
CA PRO A 466 31.14 -35.18 12.74
C PRO A 466 32.44 -35.12 11.96
N THR A 467 33.03 -33.93 11.86
CA THR A 467 34.24 -33.72 11.08
C THR A 467 35.48 -33.88 11.96
N ARG A 468 36.55 -34.40 11.36
CA ARG A 468 37.83 -34.56 12.04
C ARG A 468 38.52 -33.19 12.14
N CYS A 469 38.02 -32.38 13.07
CA CYS A 469 38.55 -31.04 13.29
C CYS A 469 38.18 -30.61 14.70
N LYS A 470 39.00 -29.76 15.30
CA LYS A 470 38.78 -29.30 16.66
C LYS A 470 39.00 -27.80 16.75
N ARG A 471 38.27 -27.16 17.66
CA ARG A 471 38.47 -25.75 17.95
C ARG A 471 39.64 -25.58 18.92
N ARG A 472 39.93 -24.34 19.28
CA ARG A 472 41.04 -24.04 20.18
C ARG A 472 40.54 -23.51 21.52
N LEU B 4 38.62 -7.97 39.83
CA LEU B 4 37.51 -8.30 38.93
C LEU B 4 37.63 -7.54 37.62
N TRP B 5 37.03 -8.10 36.56
CA TRP B 5 37.07 -7.52 35.23
C TRP B 5 35.65 -7.27 34.75
N VAL B 6 35.46 -6.21 33.96
CA VAL B 6 34.15 -5.94 33.41
C VAL B 6 33.79 -7.01 32.39
N THR B 7 32.56 -7.49 32.44
CA THR B 7 32.07 -8.44 31.47
C THR B 7 30.67 -8.01 31.03
N VAL B 8 30.50 -7.93 29.73
CA VAL B 8 29.25 -7.45 29.15
C VAL B 8 28.24 -8.57 29.17
N TYR B 9 26.97 -8.21 29.24
CA TYR B 9 25.87 -9.16 29.18
C TYR B 9 24.79 -8.60 28.28
N TYR B 10 24.37 -9.39 27.31
CA TYR B 10 23.28 -8.99 26.43
C TYR B 10 22.04 -9.80 26.77
N GLY B 11 20.89 -9.14 26.82
CA GLY B 11 19.64 -9.78 27.16
C GLY B 11 19.25 -9.70 28.62
N VAL B 12 20.00 -8.97 29.43
CA VAL B 12 19.64 -8.82 30.86
C VAL B 12 18.31 -8.11 30.97
N PRO B 13 17.39 -8.57 31.82
CA PRO B 13 16.10 -7.88 31.97
C PRO B 13 16.24 -6.56 32.73
N VAL B 14 16.55 -5.51 31.98
CA VAL B 14 16.68 -4.17 32.52
C VAL B 14 15.89 -3.22 31.63
N TRP B 15 15.16 -2.29 32.24
CA TRP B 15 14.37 -1.32 31.50
C TRP B 15 14.54 0.06 32.11
N LYS B 16 14.01 1.06 31.40
CA LYS B 16 14.05 2.44 31.83
C LYS B 16 12.71 3.10 31.55
N ASP B 17 12.38 4.12 32.35
CA ASP B 17 11.17 4.89 32.15
C ASP B 17 11.31 5.70 30.86
N ALA B 18 10.47 5.41 29.88
CA ALA B 18 10.59 6.05 28.59
C ALA B 18 9.22 6.47 28.08
N GLU B 19 9.24 7.40 27.13
CA GLU B 19 8.04 7.88 26.47
C GLU B 19 8.18 7.65 24.97
N THR B 20 7.09 7.19 24.36
CA THR B 20 7.10 6.85 22.94
C THR B 20 5.69 7.01 22.41
N THR B 21 5.58 7.20 21.10
CA THR B 21 4.28 7.27 20.45
C THR B 21 3.82 5.84 20.14
N LEU B 22 2.96 5.31 20.99
CA LEU B 22 2.46 3.95 20.83
C LEU B 22 1.54 3.85 19.61
N PHE B 23 1.41 2.65 19.09
CA PHE B 23 0.51 2.38 17.98
C PHE B 23 -0.72 1.63 18.46
N CYS B 24 -1.89 2.12 18.07
CA CYS B 24 -3.15 1.49 18.43
C CYS B 24 -3.27 0.13 17.74
N ALA B 25 -3.98 -0.79 18.39
CA ALA B 25 -4.24 -2.12 17.84
C ALA B 25 -5.72 -2.43 18.08
N SER B 26 -6.56 -2.00 17.14
CA SER B 26 -8.01 -2.13 17.31
C SER B 26 -8.43 -3.59 17.15
N ASP B 27 -9.65 -3.88 17.59
CA ASP B 27 -10.16 -5.24 17.62
C ASP B 27 -10.72 -5.63 16.25
N ALA B 28 -11.17 -6.87 16.13
CA ALA B 28 -11.66 -7.39 14.86
C ALA B 28 -12.98 -6.77 14.45
N LYS B 29 -13.71 -6.16 15.37
CA LYS B 29 -15.00 -5.56 15.08
C LYS B 29 -14.90 -4.13 14.60
N ALA B 30 -13.70 -3.66 14.25
CA ALA B 30 -13.53 -2.29 13.78
C ALA B 30 -14.31 -2.05 12.48
N TYR B 31 -14.24 -2.99 11.55
CA TYR B 31 -14.98 -2.85 10.30
C TYR B 31 -16.43 -3.29 10.42
N GLU B 32 -16.80 -3.99 11.50
CA GLU B 32 -18.18 -4.39 11.68
C GLU B 32 -19.08 -3.19 11.93
N THR B 33 -18.64 -2.25 12.76
CA THR B 33 -19.40 -1.04 13.06
C THR B 33 -18.84 0.18 12.33
N LYS B 34 -17.96 -0.01 11.35
CA LYS B 34 -17.37 1.10 10.61
C LYS B 34 -18.42 1.66 9.66
N LYS B 35 -19.34 2.43 10.24
CA LYS B 35 -20.43 3.01 9.47
C LYS B 35 -19.91 4.07 8.50
N ASN B 37 -17.21 7.01 8.17
CA ASN B 37 -16.53 6.22 9.19
C ASN B 37 -16.82 6.73 10.60
N VAL B 38 -16.71 5.84 11.57
CA VAL B 38 -16.84 6.22 12.98
C VAL B 38 -15.48 6.66 13.49
N TRP B 39 -15.48 7.75 14.28
CA TRP B 39 -14.23 8.27 14.81
C TRP B 39 -13.55 7.31 15.77
N ALA B 40 -14.27 6.33 16.29
CA ALA B 40 -13.69 5.34 17.19
C ALA B 40 -13.49 3.97 16.58
N THR B 41 -14.26 3.62 15.55
CA THR B 41 -14.17 2.32 14.91
C THR B 41 -13.22 2.29 13.72
N HIS B 42 -12.49 3.37 13.47
CA HIS B 42 -11.55 3.41 12.35
C HIS B 42 -10.51 2.31 12.47
N ALA B 43 -10.22 1.66 11.35
CA ALA B 43 -9.26 0.56 11.33
C ALA B 43 -7.85 1.08 11.59
N VAL B 45 -5.43 0.91 13.54
CA VAL B 45 -4.80 -0.33 13.15
C VAL B 45 -5.52 -1.50 13.80
N PRO B 46 -6.28 -2.27 13.01
CA PRO B 46 -7.05 -3.39 13.57
C PRO B 46 -6.21 -4.66 13.75
N THR B 47 -5.08 -4.51 14.44
CA THR B 47 -4.24 -5.66 14.76
C THR B 47 -4.90 -6.51 15.85
N ASP B 48 -4.84 -7.83 15.68
CA ASP B 48 -5.44 -8.78 16.59
C ASP B 48 -4.97 -8.54 18.02
N PRO B 49 -5.85 -8.10 18.92
CA PRO B 49 -5.44 -7.77 20.29
C PRO B 49 -5.27 -9.01 21.16
N ASN B 50 -4.10 -9.65 21.09
CA ASN B 50 -3.83 -10.84 21.89
C ASN B 50 -3.09 -10.45 23.16
N PRO B 51 -3.71 -10.55 24.34
CA PRO B 51 -3.01 -10.19 25.58
C PRO B 51 -2.26 -11.38 26.14
N GLN B 52 -0.99 -11.15 26.51
CA GLN B 52 -0.19 -12.11 27.25
C GLN B 52 0.34 -11.43 28.50
N GLU B 53 -0.14 -11.86 29.65
CA GLU B 53 0.19 -11.24 30.93
C GLU B 53 1.16 -12.15 31.67
N ILE B 54 2.45 -11.97 31.39
CA ILE B 54 3.50 -12.73 32.06
C ILE B 54 3.75 -12.09 33.42
N HIS B 55 3.68 -12.91 34.47
CA HIS B 55 3.91 -12.41 35.82
C HIS B 55 5.40 -12.39 36.14
N LEU B 56 5.75 -11.56 37.11
CA LEU B 56 7.13 -11.41 37.56
C LEU B 56 7.23 -11.86 39.02
N GLU B 57 8.42 -11.69 39.59
CA GLU B 57 8.69 -12.23 40.92
C GLU B 57 9.64 -11.30 41.67
N ASN B 58 9.27 -10.98 42.92
CA ASN B 58 10.15 -10.31 43.87
C ASN B 58 10.68 -8.98 43.35
N VAL B 59 9.95 -8.33 42.45
CA VAL B 59 10.37 -7.07 41.84
C VAL B 59 9.23 -6.07 41.92
N THR B 60 9.56 -4.84 42.28
CA THR B 60 8.56 -3.78 42.38
C THR B 60 9.16 -2.47 41.88
N GLU B 61 8.38 -1.75 41.08
CA GLU B 61 8.77 -0.42 40.62
C GLU B 61 7.57 0.50 40.68
N GLU B 62 7.84 1.77 40.94
CA GLU B 62 6.82 2.76 41.18
C GLU B 62 6.28 3.29 39.85
N PHE B 63 4.96 3.34 39.74
CA PHE B 63 4.33 3.99 38.60
C PHE B 63 4.12 5.47 38.91
N ASN B 64 3.58 6.19 37.93
CA ASN B 64 3.20 7.58 38.15
C ASN B 64 2.07 7.91 37.18
N MET B 65 0.83 7.80 37.64
CA MET B 65 -0.29 8.07 36.75
C MET B 65 -0.37 9.57 36.43
N TRP B 66 -0.03 10.41 37.38
CA TRP B 66 0.16 11.83 37.10
C TRP B 66 1.51 12.03 36.43
N LYS B 67 1.61 13.11 35.64
CA LYS B 67 2.81 13.40 34.86
C LYS B 67 3.19 12.22 33.97
N ASN B 68 2.20 11.52 33.44
CA ASN B 68 2.46 10.34 32.64
C ASN B 68 2.54 10.71 31.16
N ASN B 69 2.86 9.72 30.33
CA ASN B 69 3.02 9.91 28.90
C ASN B 69 1.86 9.36 28.10
N MET B 70 1.40 8.14 28.40
CA MET B 70 0.28 7.59 27.65
C MET B 70 -0.99 8.40 27.84
N VAL B 71 -1.07 9.15 28.93
CA VAL B 71 -2.24 9.98 29.18
C VAL B 71 -2.38 11.04 28.11
N GLU B 72 -1.27 11.63 27.68
CA GLU B 72 -1.32 12.63 26.61
C GLU B 72 -1.04 12.01 25.26
N GLN B 73 -0.30 10.90 25.22
CA GLN B 73 -0.05 10.21 23.95
C GLN B 73 -1.35 9.74 23.33
N MET B 74 -2.22 9.10 24.12
CA MET B 74 -3.50 8.67 23.58
C MET B 74 -4.47 9.84 23.42
N HIS B 75 -4.29 10.90 24.21
CA HIS B 75 -5.19 12.05 24.11
C HIS B 75 -5.14 12.66 22.72
N THR B 76 -3.94 12.79 22.16
CA THR B 76 -3.83 13.31 20.80
C THR B 76 -4.26 12.29 19.77
N ASP B 77 -4.14 10.99 20.08
CA ASP B 77 -4.55 9.97 19.13
C ASP B 77 -6.04 10.04 18.86
N ILE B 78 -6.84 10.31 19.89
CA ILE B 78 -8.28 10.47 19.71
C ILE B 78 -8.58 11.74 18.91
N ILE B 79 -7.79 12.80 19.15
CA ILE B 79 -8.00 14.05 18.43
C ILE B 79 -7.84 13.84 16.93
N SER B 80 -6.78 13.13 16.53
CA SER B 80 -6.59 12.84 15.11
C SER B 80 -7.73 11.98 14.57
N LEU B 81 -8.20 11.01 15.38
CA LEU B 81 -9.35 10.22 14.98
C LEU B 81 -10.60 11.07 14.88
N TRP B 82 -10.70 12.10 15.72
CA TRP B 82 -11.87 12.96 15.71
C TRP B 82 -11.91 13.85 14.46
N ASP B 83 -10.80 14.48 14.12
CA ASP B 83 -10.76 15.37 12.97
C ASP B 83 -10.64 14.61 11.66
N CYS B 89 -16.33 15.96 6.04
CA CYS B 89 -17.39 16.00 5.03
C CYS B 89 -17.83 17.42 4.74
N VAL B 90 -19.14 17.64 4.75
CA VAL B 90 -19.69 18.94 4.40
C VAL B 90 -19.29 19.97 5.44
N LYS B 91 -18.87 21.15 4.97
CA LYS B 91 -18.47 22.26 5.83
C LYS B 91 -19.31 23.46 5.45
N LEU B 92 -20.16 23.90 6.37
CA LEU B 92 -21.26 24.82 6.04
C LEU B 92 -20.87 26.28 6.21
N THR B 93 -20.54 26.67 7.44
CA THR B 93 -20.37 28.07 7.83
C THR B 93 -21.56 28.90 7.37
N PRO B 94 -22.78 28.63 7.88
CA PRO B 94 -23.94 29.41 7.44
C PRO B 94 -23.94 30.82 8.01
N LEU B 95 -23.00 31.65 7.54
CA LEU B 95 -22.85 33.00 8.09
C LEU B 95 -24.07 33.86 7.82
N CYS B 96 -24.66 33.74 6.64
CA CYS B 96 -25.85 34.49 6.29
C CYS B 96 -27.05 34.02 7.12
N GLN B 100 -35.53 35.00 11.45
CA GLN B 100 -36.78 35.19 12.18
C GLN B 100 -37.18 33.91 12.92
N CYS B 101 -37.62 34.07 14.17
CA CYS B 101 -38.03 32.94 14.98
C CYS B 101 -39.18 33.37 15.89
N THR B 102 -39.93 32.38 16.34
CA THR B 102 -41.05 32.63 17.26
C THR B 102 -41.16 31.47 18.23
N ASN B 103 -41.73 31.75 19.40
CA ASN B 103 -41.92 30.73 20.41
C ASN B 103 -42.96 29.73 19.94
N VAL B 104 -42.67 28.44 20.12
CA VAL B 104 -43.56 27.37 19.71
C VAL B 104 -44.10 26.68 20.95
N THR B 105 -45.43 26.61 21.08
CA THR B 105 -46.10 26.02 22.22
C THR B 105 -47.22 25.10 21.76
N ASN B 106 -46.96 24.28 20.75
CA ASN B 106 -47.98 23.34 20.28
C ASN B 106 -48.36 22.35 21.36
N ASN B 107 -47.36 21.85 22.10
CA ASN B 107 -47.61 20.97 23.24
C ASN B 107 -46.47 21.16 24.24
N ILE B 108 -46.70 22.02 25.23
CA ILE B 108 -45.69 22.30 26.23
C ILE B 108 -45.53 21.12 27.17
N ARG B 113 -41.89 22.91 32.34
CA ARG B 113 -40.64 22.34 31.87
C ARG B 113 -39.85 23.35 31.04
N GLY B 114 -40.39 23.71 29.88
CA GLY B 114 -39.73 24.66 29.02
C GLY B 114 -40.36 24.65 27.63
N GLU B 115 -39.91 25.59 26.82
CA GLU B 115 -40.44 25.77 25.47
C GLU B 115 -39.29 25.76 24.46
N LEU B 116 -39.44 24.98 23.41
CA LEU B 116 -38.49 24.99 22.31
C LEU B 116 -38.76 26.20 21.41
N LYS B 117 -38.10 26.24 20.25
CA LYS B 117 -38.27 27.37 19.36
C LYS B 117 -37.94 26.95 17.93
N ASN B 118 -38.65 27.57 16.99
CA ASN B 118 -38.43 27.34 15.55
C ASN B 118 -38.04 28.66 14.91
N CYS B 119 -37.03 28.61 14.05
CA CYS B 119 -36.52 29.79 13.36
C CYS B 119 -36.85 29.70 11.87
N SER B 120 -37.50 30.73 11.36
CA SER B 120 -37.83 30.82 9.94
C SER B 120 -36.71 31.55 9.22
N PHE B 121 -36.27 31.00 8.09
CA PHE B 121 -35.15 31.56 7.36
C PHE B 121 -35.27 31.19 5.89
N ASN B 122 -34.51 31.91 5.07
CA ASN B 122 -34.45 31.66 3.63
C ASN B 122 -33.10 31.03 3.30
N MET B 123 -33.13 29.92 2.58
CA MET B 123 -31.93 29.20 2.20
C MET B 123 -31.76 29.22 0.69
N THR B 124 -30.50 29.26 0.26
CA THR B 124 -30.18 29.27 -1.16
C THR B 124 -29.89 27.86 -1.65
N VAL B 134 -37.82 28.79 4.53
CA VAL B 134 -37.96 27.55 5.27
C VAL B 134 -37.85 27.80 6.76
N TYR B 135 -37.75 26.73 7.54
CA TYR B 135 -37.66 26.83 8.99
C TYR B 135 -36.71 25.75 9.51
N SER B 136 -36.21 25.98 10.72
CA SER B 136 -35.34 25.01 11.37
C SER B 136 -35.62 25.00 12.87
N LEU B 137 -35.73 23.80 13.44
CA LEU B 137 -36.02 23.62 14.85
C LEU B 137 -34.71 23.52 15.61
N PHE B 138 -34.34 24.59 16.31
CA PHE B 138 -33.13 24.66 17.12
C PHE B 138 -33.48 24.44 18.59
N TYR B 139 -32.50 24.67 19.44
CA TYR B 139 -32.68 24.69 20.89
C TYR B 139 -32.41 26.10 21.42
N ARG B 140 -32.87 26.34 22.65
CA ARG B 140 -32.67 27.65 23.26
C ARG B 140 -31.18 27.96 23.42
N LEU B 141 -30.41 26.99 23.88
CA LEU B 141 -28.97 27.21 24.07
C LEU B 141 -28.24 27.27 22.73
N ASP B 142 -28.76 26.59 21.71
CA ASP B 142 -28.10 26.51 20.42
C ASP B 142 -28.08 27.84 19.69
N VAL B 143 -29.06 28.72 19.94
CA VAL B 143 -29.18 29.96 19.21
C VAL B 143 -29.14 31.14 20.17
N VAL B 144 -28.61 32.26 19.68
CA VAL B 144 -28.51 33.50 20.44
C VAL B 144 -29.16 34.61 19.63
N GLN B 145 -29.92 35.46 20.31
CA GLN B 145 -30.62 36.54 19.63
C GLN B 145 -29.63 37.60 19.16
N ILE B 146 -30.01 38.31 18.10
CA ILE B 146 -29.23 39.42 17.57
C ILE B 146 -30.06 40.69 17.70
N ASN B 147 -29.46 41.72 18.27
CA ASN B 147 -30.17 42.96 18.53
C ASN B 147 -29.22 44.15 18.54
N LYS B 159 -38.61 39.00 17.43
CA LYS B 159 -37.20 38.79 17.75
C LYS B 159 -36.54 37.90 16.71
N GLU B 160 -35.25 38.13 16.46
CA GLU B 160 -34.46 37.30 15.57
C GLU B 160 -33.24 36.77 16.31
N TYR B 161 -32.93 35.50 16.07
CA TYR B 161 -31.77 34.84 16.66
C TYR B 161 -30.77 34.48 15.58
N ARG B 162 -29.63 33.96 16.02
CA ARG B 162 -28.57 33.55 15.12
C ARG B 162 -27.89 32.33 15.71
N LEU B 163 -27.06 31.68 14.89
CA LEU B 163 -26.23 30.59 15.38
C LEU B 163 -25.16 31.13 16.31
N ILE B 164 -25.03 30.51 17.48
CA ILE B 164 -24.08 30.98 18.49
C ILE B 164 -22.65 30.94 17.96
N ASN B 165 -22.35 30.00 17.07
CA ASN B 165 -20.99 29.72 16.64
C ASN B 165 -20.62 30.35 15.31
N CYS B 166 -21.58 30.92 14.57
CA CYS B 166 -21.27 31.50 13.27
C CYS B 166 -20.50 32.82 13.41
N ASN B 167 -20.96 33.70 14.30
CA ASN B 167 -20.29 34.98 14.47
C ASN B 167 -18.97 34.85 15.21
N THR B 168 -18.88 33.93 16.17
CA THR B 168 -17.63 33.76 16.92
C THR B 168 -16.51 33.25 16.03
N SER B 169 -16.81 32.26 15.19
CA SER B 169 -15.78 31.64 14.35
C SER B 169 -16.46 31.04 13.13
N ALA B 170 -15.64 30.63 12.17
CA ALA B 170 -16.12 29.91 10.99
C ALA B 170 -16.37 28.46 11.38
N ILE B 171 -17.49 28.25 12.08
CA ILE B 171 -17.82 26.92 12.58
C ILE B 171 -18.00 25.97 11.43
N THR B 172 -17.82 24.67 11.70
CA THR B 172 -17.85 23.65 10.66
C THR B 172 -18.66 22.47 11.14
N GLN B 173 -19.87 22.32 10.60
CA GLN B 173 -20.69 21.15 10.90
C GLN B 173 -19.98 19.90 10.43
N ALA B 174 -19.99 18.87 11.27
CA ALA B 174 -19.24 17.67 10.99
C ALA B 174 -20.07 16.68 10.17
N CYS B 175 -19.50 15.50 9.96
CA CYS B 175 -20.15 14.48 9.15
C CYS B 175 -21.41 13.96 9.85
N PRO B 176 -22.48 13.76 9.10
CA PRO B 176 -23.64 13.04 9.65
C PRO B 176 -23.29 11.61 10.02
N LYS B 177 -22.26 11.07 9.39
CA LYS B 177 -21.83 9.70 9.63
C LYS B 177 -20.64 9.65 10.58
N PHE B 180 -20.35 7.12 16.57
CA PHE B 180 -19.84 7.39 17.90
C PHE B 180 -19.95 6.14 18.77
N GLU B 181 -19.25 5.08 18.36
CA GLU B 181 -19.29 3.80 19.06
C GLU B 181 -17.90 3.49 19.62
N PRO B 182 -17.67 3.74 20.90
CA PRO B 182 -16.39 3.38 21.50
C PRO B 182 -16.14 1.88 21.42
N ILE B 183 -14.88 1.51 21.20
CA ILE B 183 -14.50 0.11 21.03
C ILE B 183 -13.19 -0.11 21.78
N PRO B 184 -12.97 -1.28 22.37
CA PRO B 184 -11.66 -1.54 23.01
C PRO B 184 -10.52 -1.43 22.03
N ILE B 185 -9.42 -0.83 22.50
CA ILE B 185 -8.21 -0.64 21.71
C ILE B 185 -7.04 -1.11 22.55
N HIS B 186 -6.70 -2.39 22.44
CA HIS B 186 -5.67 -3.00 23.29
C HIS B 186 -4.30 -2.55 22.81
N TYR B 187 -3.62 -1.74 23.60
CA TYR B 187 -2.30 -1.26 23.20
C TYR B 187 -1.25 -2.35 23.33
N CYS B 188 -0.53 -2.58 22.25
CA CYS B 188 0.60 -3.50 22.22
C CYS B 188 1.86 -2.69 21.96
N ALA B 189 2.88 -2.89 22.78
CA ALA B 189 4.07 -2.07 22.68
C ALA B 189 4.92 -2.52 21.48
N PRO B 190 5.64 -1.58 20.85
CA PRO B 190 6.61 -1.97 19.83
C PRO B 190 7.74 -2.76 20.45
N ALA B 191 8.41 -3.54 19.60
CA ALA B 191 9.32 -4.58 20.09
C ALA B 191 10.44 -4.01 20.96
N GLY B 192 10.75 -2.73 20.84
CA GLY B 192 11.71 -2.11 21.72
C GLY B 192 11.17 -1.64 23.05
N PHE B 193 9.86 -1.80 23.28
CA PHE B 193 9.24 -1.35 24.51
C PHE B 193 8.31 -2.44 25.03
N ALA B 194 8.02 -2.38 26.32
CA ALA B 194 7.11 -3.29 26.97
C ALA B 194 6.18 -2.50 27.89
N ILE B 195 5.00 -3.08 28.16
CA ILE B 195 4.00 -2.45 29.01
C ILE B 195 3.89 -3.25 30.29
N LEU B 196 4.07 -2.57 31.42
CA LEU B 196 3.94 -3.19 32.73
C LEU B 196 2.57 -2.89 33.33
N LYS B 197 2.11 -3.79 34.19
CA LYS B 197 0.86 -3.61 34.90
C LYS B 197 1.08 -3.86 36.38
N CYS B 198 0.28 -3.17 37.20
CA CYS B 198 0.33 -3.31 38.64
C CYS B 198 -0.79 -4.26 39.06
N LYS B 199 -0.45 -5.54 39.22
CA LYS B 199 -1.46 -6.52 39.62
C LYS B 199 -2.01 -6.24 41.01
N ASP B 200 -1.25 -5.56 41.85
CA ASP B 200 -1.77 -5.14 43.15
C ASP B 200 -2.93 -4.18 42.96
N LYS B 201 -3.99 -4.40 43.73
CA LYS B 201 -5.21 -3.60 43.63
C LYS B 201 -5.26 -2.49 44.66
N LYS B 202 -4.20 -2.30 45.43
CA LYS B 202 -4.14 -1.27 46.45
C LYS B 202 -3.32 -0.06 46.01
N PHE B 203 -2.99 0.00 44.73
CA PHE B 203 -2.25 1.18 44.19
C PHE B 203 -3.20 2.36 44.12
N ASN B 204 -2.90 3.46 44.83
CA ASN B 204 -3.85 4.60 44.89
C ASN B 204 -3.28 5.81 44.14
N GLY B 205 -2.29 5.60 43.26
CA GLY B 205 -1.80 6.73 42.44
C GLY B 205 -0.29 6.79 42.31
N THR B 206 0.46 6.64 43.42
CA THR B 206 1.90 6.80 43.34
C THR B 206 2.55 5.83 44.32
N GLY B 207 3.77 5.43 44.01
CA GLY B 207 4.53 4.59 44.92
C GLY B 207 4.72 3.19 44.37
N PRO B 208 5.66 2.45 44.95
CA PRO B 208 6.00 1.12 44.42
C PRO B 208 4.83 0.16 44.55
N CYS B 209 4.46 -0.43 43.43
CA CYS B 209 3.41 -1.45 43.42
C CYS B 209 4.03 -2.82 43.66
N PRO B 210 3.50 -3.59 44.61
CA PRO B 210 4.12 -4.87 44.97
C PRO B 210 4.25 -5.85 43.80
N SER B 211 3.14 -6.19 43.17
CA SER B 211 3.12 -7.19 42.10
C SER B 211 3.06 -6.49 40.76
N VAL B 212 4.04 -6.79 39.90
CA VAL B 212 4.11 -6.23 38.56
C VAL B 212 4.11 -7.39 37.56
N SER B 213 3.25 -7.29 36.55
CA SER B 213 3.17 -8.28 35.50
C SER B 213 3.28 -7.59 34.15
N THR B 214 4.31 -7.95 33.40
CA THR B 214 4.49 -7.38 32.07
C THR B 214 3.34 -7.82 31.16
N VAL B 215 2.90 -6.91 30.31
CA VAL B 215 1.72 -7.13 29.48
C VAL B 215 2.08 -6.87 28.03
N GLN B 216 1.92 -7.90 27.19
CA GLN B 216 2.18 -7.72 25.77
C GLN B 216 1.16 -6.77 25.14
N CYS B 217 -0.11 -6.90 25.52
CA CYS B 217 -1.18 -6.09 24.94
C CYS B 217 -2.18 -5.73 26.02
N THR B 218 -2.48 -4.45 26.15
CA THR B 218 -3.27 -3.93 27.25
C THR B 218 -4.70 -4.48 27.20
N HIS B 219 -5.49 -4.11 28.22
CA HIS B 219 -6.87 -4.56 28.31
C HIS B 219 -7.77 -3.60 27.52
N GLY B 220 -9.08 -3.77 27.67
CA GLY B 220 -10.04 -3.03 26.87
C GLY B 220 -10.17 -1.57 27.26
N ILE B 221 -9.12 -0.79 27.00
CA ILE B 221 -9.20 0.65 27.21
C ILE B 221 -10.16 1.25 26.20
N LYS B 222 -11.08 2.08 26.68
CA LYS B 222 -12.12 2.62 25.82
C LYS B 222 -12.19 4.12 25.93
N PRO B 223 -12.64 4.81 24.88
CA PRO B 223 -12.87 6.25 24.93
C PRO B 223 -14.12 6.60 25.73
N VAL B 224 -13.95 6.75 27.04
CA VAL B 224 -15.08 7.04 27.92
C VAL B 224 -15.76 8.34 27.52
N VAL B 225 -14.97 9.32 27.05
CA VAL B 225 -15.42 10.58 26.46
C VAL B 225 -16.62 11.16 27.19
N SER B 226 -16.42 11.56 28.44
CA SER B 226 -17.48 12.14 29.26
C SER B 226 -16.86 13.00 30.34
N THR B 227 -17.70 13.83 30.96
CA THR B 227 -17.27 14.77 31.99
C THR B 227 -17.91 14.42 33.32
N GLN B 228 -17.15 14.61 34.40
CA GLN B 228 -17.55 14.50 35.81
C GLN B 228 -18.22 13.17 36.13
N LEU B 229 -18.19 12.24 35.18
CA LEU B 229 -18.73 10.90 35.37
C LEU B 229 -18.07 9.96 34.37
N LEU B 230 -17.71 8.79 34.85
CA LEU B 230 -17.20 7.71 34.01
C LEU B 230 -18.38 6.90 33.49
N LEU B 231 -18.34 6.57 32.20
CA LEU B 231 -19.39 5.79 31.58
C LEU B 231 -18.77 4.61 30.85
N ASN B 232 -19.32 3.42 31.10
CA ASN B 232 -18.74 2.17 30.61
C ASN B 232 -17.27 2.04 31.03
N GLY B 233 -16.99 2.45 32.27
CA GLY B 233 -15.63 2.46 32.78
C GLY B 233 -15.20 1.12 33.31
N SER B 234 -14.09 1.12 34.02
CA SER B 234 -13.50 -0.09 34.58
C SER B 234 -13.90 -0.24 36.03
N LEU B 235 -14.24 -1.46 36.42
CA LEU B 235 -14.69 -1.75 37.78
C LEU B 235 -13.56 -2.35 38.60
N ALA B 236 -13.33 -1.78 39.78
CA ALA B 236 -12.37 -2.36 40.69
C ALA B 236 -13.01 -3.51 41.46
N GLU B 237 -12.18 -4.31 42.12
CA GLU B 237 -12.64 -5.49 42.84
C GLU B 237 -12.44 -5.37 44.35
N GLU B 238 -12.18 -4.17 44.86
CA GLU B 238 -12.06 -3.94 46.30
C GLU B 238 -12.98 -2.80 46.71
N GLU B 239 -12.78 -2.28 47.92
CA GLU B 239 -13.43 -1.04 48.31
C GLU B 239 -13.14 0.04 47.28
N VAL B 240 -14.05 1.01 47.18
CA VAL B 240 -13.83 2.13 46.27
C VAL B 240 -12.53 2.82 46.63
N MET B 241 -11.78 3.22 45.62
CA MET B 241 -10.46 3.80 45.81
C MET B 241 -10.49 5.31 45.59
N ILE B 242 -9.64 6.00 46.34
CA ILE B 242 -9.44 7.43 46.19
C ILE B 242 -8.05 7.65 45.61
N ARG B 243 -7.91 8.67 44.78
CA ARG B 243 -6.64 8.96 44.15
C ARG B 243 -6.67 10.38 43.59
N SER B 244 -5.58 11.09 43.83
CA SER B 244 -5.43 12.46 43.34
C SER B 244 -3.95 12.80 43.37
N GLU B 245 -3.55 13.76 42.54
CA GLU B 245 -2.11 14.16 42.48
C GLU B 245 -1.66 14.61 43.87
N ASN B 246 -2.25 15.68 44.40
CA ASN B 246 -1.92 16.12 45.78
C ASN B 246 -3.22 16.21 46.59
N ILE B 247 -3.81 15.06 46.91
CA ILE B 247 -5.12 15.02 47.64
C ILE B 247 -5.15 16.09 48.74
N THR B 248 -4.08 16.19 49.55
CA THR B 248 -4.13 17.12 50.66
C THR B 248 -4.45 18.55 50.24
N ASN B 249 -4.49 18.83 48.95
CA ASN B 249 -4.61 20.21 48.49
C ASN B 249 -5.69 20.33 47.41
N ASN B 250 -6.28 21.51 47.35
CA ASN B 250 -7.36 21.83 46.45
C ASN B 250 -6.88 22.21 45.05
N ALA B 251 -5.58 22.21 44.82
CA ALA B 251 -5.05 22.64 43.54
C ALA B 251 -5.59 21.78 42.41
N LYS B 252 -5.61 20.47 42.61
CA LYS B 252 -5.91 19.55 41.52
C LYS B 252 -7.15 18.72 41.85
N ASN B 253 -7.59 17.96 40.87
CA ASN B 253 -8.84 17.22 40.94
C ASN B 253 -8.69 15.99 41.82
N ILE B 254 -9.82 15.37 42.14
CA ILE B 254 -9.88 14.15 42.92
C ILE B 254 -10.55 13.08 42.08
N LEU B 255 -9.88 11.93 41.93
CA LEU B 255 -10.40 10.83 41.14
C LEU B 255 -10.90 9.74 42.06
N VAL B 256 -12.10 9.24 41.79
CA VAL B 256 -12.77 8.26 42.64
C VAL B 256 -13.12 7.04 41.80
N GLN B 257 -12.80 5.86 42.31
CA GLN B 257 -13.19 4.60 41.69
C GLN B 257 -14.49 4.09 42.29
N PHE B 258 -15.24 3.35 41.48
CA PHE B 258 -16.50 2.74 41.90
C PHE B 258 -16.40 1.23 41.80
N ASN B 259 -17.39 0.55 42.38
CA ASN B 259 -17.49 -0.90 42.27
C ASN B 259 -18.92 -1.30 41.93
N THR B 260 -19.87 -0.42 42.21
CA THR B 260 -21.28 -0.67 41.95
C THR B 260 -21.77 0.29 40.89
N PRO B 261 -22.03 -0.17 39.66
CA PRO B 261 -22.46 0.73 38.59
C PRO B 261 -23.84 1.31 38.85
N VAL B 262 -24.15 2.38 38.13
CA VAL B 262 -25.45 3.03 38.17
C VAL B 262 -25.94 3.21 36.74
N GLN B 263 -27.22 2.94 36.51
CA GLN B 263 -27.81 3.03 35.18
C GLN B 263 -28.51 4.38 35.02
N ILE B 264 -28.21 5.05 33.91
CA ILE B 264 -28.81 6.33 33.56
C ILE B 264 -29.52 6.19 32.23
N ASN B 265 -30.79 6.58 32.18
CA ASN B 265 -31.61 6.48 30.99
C ASN B 265 -31.91 7.88 30.47
N CYS B 266 -31.71 8.09 29.16
CA CYS B 266 -32.06 9.34 28.51
C CYS B 266 -32.76 9.05 27.19
N THR B 267 -33.72 9.90 26.84
CA THR B 267 -34.58 9.67 25.70
C THR B 267 -34.60 10.89 24.80
N ARG B 268 -34.72 10.64 23.49
CA ARG B 268 -34.85 11.67 22.47
C ARG B 268 -36.03 11.31 21.58
N PRO B 269 -37.25 11.59 22.03
CA PRO B 269 -38.46 11.27 21.24
C PRO B 269 -38.90 12.39 20.30
N ASN B 270 -38.21 12.51 19.17
CA ASN B 270 -38.55 13.54 18.19
C ASN B 270 -38.18 13.07 16.79
N ASN B 271 -38.88 13.62 15.80
CA ASN B 271 -38.67 13.29 14.40
C ASN B 271 -38.51 14.58 13.62
N ASN B 272 -37.43 14.67 12.85
CA ASN B 272 -37.16 15.84 12.01
C ASN B 272 -36.58 15.40 10.67
N THR B 273 -36.76 16.25 9.68
CA THR B 273 -36.28 16.02 8.33
C THR B 273 -34.96 16.75 8.09
N ARG B 274 -34.46 16.67 6.86
CA ARG B 274 -33.21 17.30 6.48
C ARG B 274 -33.43 18.11 5.21
N LYS B 275 -32.84 19.29 5.15
CA LYS B 275 -32.90 20.16 3.99
C LYS B 275 -31.51 20.32 3.39
N SER B 276 -31.43 20.26 2.07
CA SER B 276 -30.16 20.40 1.38
C SER B 276 -30.21 21.55 0.36
N GLY B 282 -25.23 21.16 -4.42
CA GLY B 282 -24.09 22.05 -4.30
C GLY B 282 -23.98 22.69 -2.93
N GLN B 283 -24.84 23.66 -2.66
CA GLN B 283 -24.85 24.36 -1.38
C GLN B 283 -25.71 23.54 -0.41
N ALA B 284 -25.05 22.67 0.35
CA ALA B 284 -25.75 21.79 1.29
C ALA B 284 -25.81 22.46 2.65
N PHE B 285 -26.89 23.22 2.87
CA PHE B 285 -27.16 23.85 4.17
C PHE B 285 -28.17 22.99 4.90
N TYR B 286 -27.69 22.17 5.83
CA TYR B 286 -28.51 21.15 6.49
C TYR B 286 -29.13 21.73 7.75
N ALA B 287 -30.41 22.10 7.65
CA ALA B 287 -31.20 22.55 8.77
C ALA B 287 -32.04 21.39 9.30
N THR B 288 -33.02 21.70 10.14
CA THR B 288 -33.93 20.71 10.70
C THR B 288 -35.36 20.98 10.23
N GLY B 289 -36.13 19.90 10.08
CA GLY B 289 -37.52 20.01 9.70
C GLY B 289 -38.44 20.23 10.89
N ASP B 290 -39.74 20.25 10.60
CA ASP B 290 -40.73 20.49 11.64
C ASP B 290 -40.85 19.28 12.57
N ILE B 291 -41.27 19.55 13.81
CA ILE B 291 -41.50 18.48 14.77
C ILE B 291 -42.83 17.80 14.45
N ILE B 292 -42.80 16.48 14.34
CA ILE B 292 -43.97 15.69 14.01
C ILE B 292 -44.57 15.21 15.32
N GLY B 293 -45.59 15.92 15.81
CA GLY B 293 -46.27 15.57 17.03
C GLY B 293 -46.11 16.65 18.10
N ASP B 294 -46.02 16.20 19.34
CA ASP B 294 -45.88 17.12 20.45
C ASP B 294 -44.47 17.71 20.49
N ILE B 295 -44.36 18.90 21.06
CA ILE B 295 -43.08 19.59 21.21
C ILE B 295 -42.55 19.19 22.59
N ARG B 296 -41.80 18.09 22.62
CA ARG B 296 -41.32 17.52 23.87
C ARG B 296 -39.81 17.65 23.95
N GLN B 297 -39.32 18.06 25.12
CA GLN B 297 -37.89 18.14 25.39
C GLN B 297 -37.40 16.85 26.03
N ALA B 298 -36.12 16.57 25.85
CA ALA B 298 -35.52 15.36 26.40
C ALA B 298 -35.47 15.41 27.92
N HIS B 299 -35.52 14.22 28.53
CA HIS B 299 -35.43 14.09 29.98
C HIS B 299 -34.71 12.79 30.31
N CYS B 300 -34.21 12.71 31.54
CA CYS B 300 -33.45 11.53 31.97
C CYS B 300 -33.90 11.11 33.36
N ASN B 301 -33.70 9.82 33.64
CA ASN B 301 -34.09 9.21 34.89
C ASN B 301 -32.84 8.69 35.60
N VAL B 302 -32.76 8.90 36.91
CA VAL B 302 -31.61 8.50 37.71
C VAL B 302 -32.10 7.70 38.91
N SER B 303 -31.35 6.66 39.23
CA SER B 303 -31.63 5.85 40.42
C SER B 303 -31.23 6.60 41.68
N LYS B 304 -31.75 6.12 42.81
CA LYS B 304 -31.47 6.75 44.10
C LYS B 304 -30.81 5.80 45.09
N ALA B 305 -31.32 4.58 45.22
CA ALA B 305 -30.85 3.69 46.27
C ALA B 305 -29.37 3.35 46.09
N THR B 306 -28.98 2.93 44.89
CA THR B 306 -27.59 2.57 44.66
C THR B 306 -26.67 3.76 44.80
N TRP B 307 -27.10 4.93 44.30
CA TRP B 307 -26.29 6.14 44.40
C TRP B 307 -26.04 6.51 45.86
N ASN B 308 -27.04 6.34 46.72
CA ASN B 308 -26.86 6.62 48.14
C ASN B 308 -25.82 5.68 48.75
N GLU B 309 -25.84 4.41 48.36
CA GLU B 309 -24.87 3.46 48.89
C GLU B 309 -23.45 3.83 48.48
N THR B 310 -23.28 4.30 47.24
CA THR B 310 -21.95 4.66 46.76
C THR B 310 -21.33 5.78 47.58
N LEU B 311 -22.12 6.82 47.87
CA LEU B 311 -21.57 7.99 48.54
C LEU B 311 -21.05 7.65 49.94
N GLY B 312 -21.77 6.79 50.66
CA GLY B 312 -21.30 6.38 51.97
C GLY B 312 -19.95 5.69 51.92
N LYS B 313 -19.77 4.81 50.94
CA LYS B 313 -18.46 4.20 50.74
C LYS B 313 -17.43 5.26 50.35
N VAL B 314 -17.83 6.23 49.53
CA VAL B 314 -16.96 7.36 49.24
C VAL B 314 -16.69 8.16 50.50
N VAL B 315 -17.73 8.41 51.31
CA VAL B 315 -17.55 9.13 52.56
C VAL B 315 -16.62 8.35 53.49
N LYS B 316 -16.80 7.03 53.57
CA LYS B 316 -15.94 6.21 54.40
C LYS B 316 -14.48 6.33 53.95
N GLN B 317 -14.23 6.28 52.65
CA GLN B 317 -12.87 6.45 52.15
C GLN B 317 -12.34 7.84 52.45
N LEU B 318 -13.19 8.86 52.29
CA LEU B 318 -12.79 10.20 52.70
C LEU B 318 -12.55 10.27 54.19
N ARG B 319 -13.36 9.54 54.98
CA ARG B 319 -13.09 9.44 56.42
C ARG B 319 -11.73 8.83 56.68
N LYS B 320 -11.30 7.91 55.80
CA LYS B 320 -10.01 7.24 56.00
C LYS B 320 -8.86 8.23 55.89
N HIS B 321 -8.94 9.16 54.95
CA HIS B 321 -7.84 10.06 54.67
C HIS B 321 -8.08 11.48 55.17
N PHE B 322 -9.11 11.69 55.99
CA PHE B 322 -9.37 13.03 56.51
C PHE B 322 -9.68 13.09 58.00
N GLY B 323 -9.97 11.97 58.65
CA GLY B 323 -10.32 11.97 60.06
C GLY B 323 -11.71 11.42 60.30
N ASN B 324 -12.08 11.41 61.59
CA ASN B 324 -13.35 10.87 62.03
C ASN B 324 -14.23 11.92 62.70
N ASN B 325 -13.98 13.21 62.42
CA ASN B 325 -14.74 14.27 63.06
C ASN B 325 -15.28 15.27 62.04
N THR B 326 -14.57 15.46 60.93
CA THR B 326 -14.92 16.52 60.00
C THR B 326 -16.19 16.18 59.21
N ILE B 327 -16.94 17.22 58.85
CA ILE B 327 -18.20 17.07 58.14
C ILE B 327 -17.94 17.10 56.64
N ILE B 328 -18.53 16.15 55.92
CA ILE B 328 -18.44 16.09 54.47
C ILE B 328 -19.70 16.67 53.88
N ARG B 329 -19.56 17.45 52.81
CA ARG B 329 -20.71 18.08 52.17
C ARG B 329 -20.60 17.94 50.67
N PHE B 330 -21.75 17.96 49.99
CA PHE B 330 -21.82 18.01 48.55
C PHE B 330 -22.68 19.20 48.15
N ALA B 331 -22.30 19.82 47.03
CA ALA B 331 -22.99 21.03 46.53
C ALA B 331 -23.15 20.92 45.01
N ASN B 332 -22.74 21.98 44.28
CA ASN B 332 -22.78 21.97 42.79
C ASN B 332 -21.52 22.66 42.27
N SER B 333 -21.42 22.79 40.94
CA SER B 333 -20.33 23.59 40.32
C SER B 333 -20.75 25.07 40.30
N SER B 334 -20.47 25.80 41.38
CA SER B 334 -20.68 27.23 41.44
C SER B 334 -19.92 27.98 40.37
N GLY B 335 -19.56 27.30 39.28
CA GLY B 335 -18.80 27.94 38.22
C GLY B 335 -18.59 26.96 37.08
N GLY B 336 -17.92 27.45 36.05
CA GLY B 336 -17.69 26.62 34.88
C GLY B 336 -18.87 26.65 33.93
N ASP B 337 -18.56 26.50 32.64
CA ASP B 337 -19.57 26.63 31.60
C ASP B 337 -20.44 25.37 31.55
N LEU B 338 -21.23 25.25 30.49
CA LEU B 338 -22.15 24.13 30.38
C LEU B 338 -21.41 22.80 30.29
N GLU B 339 -20.29 22.77 29.56
CA GLU B 339 -19.55 21.52 29.42
C GLU B 339 -18.99 21.04 30.74
N VAL B 340 -18.74 21.95 31.69
CA VAL B 340 -18.21 21.55 32.99
C VAL B 340 -19.32 21.22 33.96
N THR B 341 -20.28 22.13 34.15
CA THR B 341 -21.34 21.91 35.12
C THR B 341 -22.19 20.70 34.74
N THR B 342 -22.68 20.66 33.51
CA THR B 342 -23.58 19.60 33.10
C THR B 342 -22.80 18.33 32.77
N HIS B 343 -23.40 17.19 33.11
CA HIS B 343 -22.81 15.88 32.82
C HIS B 343 -23.02 15.57 31.34
N SER B 344 -21.93 15.63 30.57
CA SER B 344 -21.99 15.37 29.14
C SER B 344 -21.49 13.97 28.86
N PHE B 345 -22.20 13.28 27.97
CA PHE B 345 -21.79 11.93 27.56
C PHE B 345 -22.49 11.59 26.25
N ASN B 346 -22.09 10.45 25.69
CA ASN B 346 -22.60 10.00 24.39
C ASN B 346 -23.65 8.93 24.61
N CYS B 347 -24.76 9.04 23.88
CA CYS B 347 -25.86 8.09 24.00
C CYS B 347 -26.71 8.16 22.75
N GLY B 348 -26.81 7.04 22.02
CA GLY B 348 -27.67 6.98 20.86
C GLY B 348 -27.31 7.96 19.75
N GLY B 349 -26.02 8.27 19.60
CA GLY B 349 -25.57 9.17 18.57
C GLY B 349 -25.67 10.64 18.91
N GLU B 350 -26.25 10.98 20.05
CA GLU B 350 -26.35 12.35 20.51
C GLU B 350 -25.65 12.48 21.86
N PHE B 351 -25.18 13.70 22.13
CA PHE B 351 -24.47 14.01 23.36
C PHE B 351 -25.41 14.76 24.29
N PHE B 352 -25.59 14.24 25.49
CA PHE B 352 -26.53 14.77 26.46
C PHE B 352 -25.78 15.51 27.56
N TYR B 353 -26.10 16.79 27.73
CA TYR B 353 -25.57 17.57 28.85
C TYR B 353 -26.54 17.38 30.01
N CYS B 354 -26.39 16.26 30.72
CA CYS B 354 -27.30 15.96 31.80
C CYS B 354 -26.93 16.77 33.03
N ASN B 355 -27.94 16.97 33.88
CA ASN B 355 -27.96 18.04 34.85
C ASN B 355 -27.81 17.45 36.25
N THR B 356 -26.59 17.48 36.77
CA THR B 356 -26.19 16.72 37.94
C THR B 356 -26.43 17.47 39.26
N SER B 357 -27.36 18.43 39.27
CA SER B 357 -27.62 19.17 40.50
C SER B 357 -28.08 18.25 41.63
N GLY B 358 -28.84 17.20 41.29
CA GLY B 358 -29.45 16.38 42.33
C GLY B 358 -28.55 15.31 42.89
N LEU B 359 -27.51 14.90 42.15
CA LEU B 359 -26.67 13.81 42.63
C LEU B 359 -25.85 14.21 43.84
N PHE B 360 -25.19 15.36 43.78
CA PHE B 360 -24.37 15.84 44.89
C PHE B 360 -25.24 16.64 45.86
N ASN B 361 -26.18 15.92 46.45
CA ASN B 361 -27.20 16.47 47.34
C ASN B 361 -27.17 15.62 48.61
N SER B 362 -26.27 15.94 49.53
CA SER B 362 -26.09 15.13 50.73
C SER B 362 -25.24 15.91 51.72
N THR B 363 -25.21 15.40 52.95
CA THR B 363 -24.34 15.91 54.00
C THR B 363 -24.05 14.76 54.96
N TRP B 364 -22.78 14.60 55.33
CA TRP B 364 -22.35 13.44 56.09
C TRP B 364 -21.49 13.86 57.27
N ILE B 365 -21.44 13.00 58.27
CA ILE B 365 -20.64 13.24 59.47
C ILE B 365 -19.26 12.65 59.31
N ILE B 382 -35.23 12.81 41.99
CA ILE B 382 -34.56 11.53 41.80
C ILE B 382 -34.09 11.39 40.36
N THR B 383 -34.86 11.97 39.43
CA THR B 383 -34.53 11.93 38.01
C THR B 383 -34.05 13.31 37.59
N LEU B 384 -32.89 13.36 36.93
CA LEU B 384 -32.30 14.63 36.53
C LEU B 384 -32.56 14.85 35.05
N PRO B 385 -33.33 15.87 34.68
CA PRO B 385 -33.54 16.15 33.25
C PRO B 385 -32.23 16.52 32.56
N CYS B 386 -32.09 16.08 31.33
CA CYS B 386 -30.90 16.40 30.53
C CYS B 386 -31.23 17.54 29.57
N ARG B 387 -30.22 18.40 29.39
CA ARG B 387 -30.41 19.77 28.85
C ARG B 387 -29.46 19.96 27.68
N ILE B 388 -29.98 19.80 26.46
CA ILE B 388 -29.14 19.52 25.30
C ILE B 388 -29.19 20.67 24.31
N LYS B 389 -28.02 20.98 23.72
CA LYS B 389 -27.89 21.88 22.58
C LYS B 389 -27.11 21.17 21.49
N GLN B 390 -27.38 21.54 20.23
CA GLN B 390 -26.80 20.78 19.12
C GLN B 390 -25.32 21.09 18.93
N ILE B 391 -24.84 22.25 19.36
CA ILE B 391 -23.42 22.54 19.25
C ILE B 391 -22.66 21.64 20.22
N ILE B 392 -21.61 20.99 19.72
CA ILE B 392 -20.83 20.02 20.51
C ILE B 392 -19.39 20.53 20.46
N ASN B 393 -19.01 21.35 21.43
CA ASN B 393 -17.64 21.84 21.57
C ASN B 393 -16.86 20.86 22.45
N MET B 394 -16.71 19.64 21.93
CA MET B 394 -16.33 18.53 22.81
C MET B 394 -14.89 18.64 23.26
N TRP B 395 -13.96 18.93 22.34
CA TRP B 395 -12.57 19.12 22.77
C TRP B 395 -12.30 20.59 23.08
N GLN B 396 -13.22 21.20 23.82
CA GLN B 396 -13.05 22.53 24.43
C GLN B 396 -12.22 23.45 23.53
N ARG B 397 -12.60 23.52 22.26
CA ARG B 397 -11.86 24.25 21.25
C ARG B 397 -12.81 25.15 20.48
N ILE B 398 -12.42 26.42 20.31
CA ILE B 398 -13.22 27.34 19.51
C ILE B 398 -13.00 27.05 18.03
N GLY B 399 -14.06 26.61 17.35
CA GLY B 399 -13.96 26.30 15.94
C GLY B 399 -14.67 25.04 15.48
N GLN B 400 -14.77 24.04 16.35
CA GLN B 400 -15.37 22.76 15.99
C GLN B 400 -16.85 22.76 16.38
N ALA B 401 -17.66 22.02 15.62
CA ALA B 401 -19.10 21.98 15.84
C ALA B 401 -19.63 20.62 16.24
N MET B 402 -19.43 19.59 15.42
CA MET B 402 -20.11 18.30 15.59
C MET B 402 -21.62 18.49 15.75
N TYR B 403 -22.22 19.11 14.74
CA TYR B 403 -23.67 19.28 14.67
C TYR B 403 -24.29 17.95 14.27
N ALA B 404 -24.44 17.08 15.27
CA ALA B 404 -24.91 15.73 15.01
C ALA B 404 -26.35 15.76 14.52
N PRO B 405 -26.70 14.93 13.54
CA PRO B 405 -28.10 14.85 13.09
C PRO B 405 -29.00 14.37 14.20
N PRO B 406 -30.21 14.92 14.30
CA PRO B 406 -31.15 14.48 15.34
C PRO B 406 -31.65 13.07 15.03
N ILE B 407 -31.43 12.15 15.99
CA ILE B 407 -31.89 10.78 15.82
C ILE B 407 -33.41 10.73 16.00
N GLN B 408 -34.07 9.89 15.21
CA GLN B 408 -35.51 9.72 15.27
C GLN B 408 -35.86 8.53 16.15
N GLY B 409 -36.75 8.73 17.09
CA GLY B 409 -37.19 7.69 17.99
C GLY B 409 -36.44 7.71 19.32
N VAL B 410 -37.07 7.09 20.32
CA VAL B 410 -36.49 7.05 21.66
C VAL B 410 -35.22 6.22 21.66
N ILE B 411 -34.35 6.47 22.64
CA ILE B 411 -33.07 5.78 22.77
C ILE B 411 -33.03 4.93 24.04
N ARG B 412 -33.09 5.56 25.20
CA ARG B 412 -33.00 4.90 26.50
C ARG B 412 -31.82 3.91 26.53
N CYS B 413 -30.63 4.48 26.40
CA CYS B 413 -29.42 3.67 26.37
C CYS B 413 -29.04 3.21 27.77
N VAL B 414 -28.25 2.14 27.82
CA VAL B 414 -27.78 1.55 29.07
C VAL B 414 -26.45 2.17 29.44
N SER B 415 -26.35 2.72 30.63
CA SER B 415 -25.15 3.40 31.10
C SER B 415 -24.44 2.56 32.16
N ASN B 416 -23.28 3.06 32.59
CA ASN B 416 -22.47 2.36 33.58
C ASN B 416 -21.55 3.40 34.23
N ILE B 417 -21.92 3.87 35.42
CA ILE B 417 -21.14 4.87 36.14
C ILE B 417 -20.08 4.15 36.97
N THR B 418 -18.82 4.55 36.79
CA THR B 418 -17.72 3.92 37.50
C THR B 418 -16.75 4.89 38.15
N GLY B 419 -16.96 6.20 38.04
CA GLY B 419 -16.01 7.13 38.61
C GLY B 419 -16.55 8.53 38.68
N LEU B 420 -15.88 9.34 39.49
CA LEU B 420 -16.28 10.72 39.74
C LEU B 420 -15.07 11.64 39.65
N ILE B 421 -15.33 12.90 39.30
CA ILE B 421 -14.31 13.94 39.25
C ILE B 421 -14.75 15.05 40.20
N LEU B 422 -14.08 15.13 41.34
CA LEU B 422 -14.45 16.06 42.40
C LEU B 422 -13.35 17.08 42.60
N THR B 423 -13.75 18.31 42.93
CA THR B 423 -12.82 19.39 43.20
C THR B 423 -13.11 19.98 44.58
N ARG B 424 -12.06 20.13 45.38
CA ARG B 424 -12.19 20.72 46.69
C ARG B 424 -12.45 22.22 46.59
N ASP B 425 -13.09 22.77 47.61
CA ASP B 425 -13.33 24.20 47.69
C ASP B 425 -12.13 24.88 48.37
N GLY B 426 -12.30 26.14 48.75
CA GLY B 426 -11.25 26.88 49.39
C GLY B 426 -11.01 26.45 50.82
N GLY B 427 -9.98 27.05 51.43
CA GLY B 427 -9.63 26.75 52.80
C GLY B 427 -10.07 27.83 53.77
N SER B 428 -11.29 28.35 53.58
CA SER B 428 -11.78 29.44 54.43
C SER B 428 -11.90 29.00 55.88
N THR B 429 -12.45 27.80 56.12
CA THR B 429 -12.66 27.28 57.46
C THR B 429 -11.67 26.17 57.74
N ASN B 430 -11.14 26.16 58.96
CA ASN B 430 -10.09 25.22 59.34
C ASN B 430 -10.69 24.15 60.25
N SER B 431 -10.52 22.89 59.87
CA SER B 431 -10.87 21.69 60.65
C SER B 431 -12.37 21.52 60.85
N THR B 432 -13.20 22.46 60.39
CA THR B 432 -14.63 22.33 60.60
C THR B 432 -15.25 21.40 59.55
N THR B 433 -15.19 21.81 58.29
CA THR B 433 -15.77 21.05 57.19
C THR B 433 -15.24 21.61 55.89
N GLU B 434 -15.39 20.84 54.83
CA GLU B 434 -15.04 21.27 53.49
C GLU B 434 -16.08 20.75 52.51
N THR B 435 -16.30 21.52 51.45
CA THR B 435 -17.30 21.20 50.45
C THR B 435 -16.64 20.60 49.21
N PHE B 436 -17.22 19.53 48.70
CA PHE B 436 -16.76 18.88 47.49
C PHE B 436 -17.75 19.19 46.37
N ARG B 437 -17.23 19.61 45.22
CA ARG B 437 -18.07 20.06 44.12
C ARG B 437 -17.70 19.31 42.85
N PRO B 438 -18.65 19.15 41.94
CA PRO B 438 -18.34 18.47 40.67
C PRO B 438 -17.37 19.29 39.84
N GLY B 439 -16.56 18.59 39.05
CA GLY B 439 -15.52 19.23 38.26
C GLY B 439 -15.35 18.57 36.91
N GLY B 440 -14.34 19.03 36.17
CA GLY B 440 -14.07 18.57 34.83
C GLY B 440 -13.66 19.71 33.91
N GLY B 441 -13.78 19.47 32.62
CA GLY B 441 -13.39 20.47 31.63
C GLY B 441 -12.15 20.08 30.85
N ASP B 442 -11.17 19.51 31.55
CA ASP B 442 -9.98 18.95 30.93
C ASP B 442 -10.08 17.43 31.05
N MET B 443 -10.61 16.79 30.02
CA MET B 443 -10.86 15.38 30.22
C MET B 443 -9.59 14.54 30.10
N ARG B 444 -8.42 15.18 30.14
CA ARG B 444 -7.18 14.42 30.27
C ARG B 444 -7.23 13.54 31.51
N ASP B 445 -7.67 14.09 32.65
CA ASP B 445 -7.85 13.29 33.85
C ASP B 445 -8.84 12.16 33.63
N ASN B 446 -9.79 12.35 32.72
CA ASN B 446 -10.82 11.34 32.51
C ASN B 446 -10.21 10.01 32.07
N TRP B 447 -9.23 10.06 31.17
CA TRP B 447 -8.58 8.82 30.74
C TRP B 447 -7.55 8.31 31.72
N ARG B 448 -7.14 9.13 32.70
CA ARG B 448 -6.14 8.68 33.65
C ARG B 448 -6.66 7.55 34.52
N SER B 449 -7.98 7.33 34.54
CA SER B 449 -8.57 6.30 35.38
C SER B 449 -8.53 4.93 34.75
N GLU B 450 -7.99 4.79 33.54
CA GLU B 450 -7.88 3.49 32.89
C GLU B 450 -6.45 3.02 32.73
N LEU B 451 -5.48 3.94 32.64
CA LEU B 451 -4.09 3.59 32.45
C LEU B 451 -3.27 3.79 33.72
N TYR B 452 -3.91 4.05 34.86
CA TYR B 452 -3.19 4.30 36.09
C TYR B 452 -2.31 3.12 36.50
N LYS B 453 -2.63 1.92 36.04
CA LYS B 453 -1.86 0.73 36.36
C LYS B 453 -1.09 0.22 35.13
N TYR B 454 -0.56 1.15 34.34
CA TYR B 454 0.18 0.78 33.14
C TYR B 454 1.29 1.77 32.89
N LYS B 455 2.35 1.30 32.24
CA LYS B 455 3.50 2.12 31.91
C LYS B 455 4.25 1.46 30.77
N VAL B 456 5.04 2.25 30.04
CA VAL B 456 5.88 1.74 28.96
C VAL B 456 7.33 1.87 29.38
N VAL B 457 8.07 0.77 29.28
CA VAL B 457 9.46 0.72 29.72
C VAL B 457 10.34 0.37 28.53
N LYS B 458 11.35 1.21 28.27
CA LYS B 458 12.28 0.94 27.19
C LYS B 458 13.26 -0.11 27.65
N ILE B 459 13.11 -1.33 27.13
CA ILE B 459 14.05 -2.38 27.49
C ILE B 459 15.43 -2.01 26.97
N GLU B 460 16.44 -2.18 27.82
CA GLU B 460 17.82 -1.87 27.49
C GLU B 460 18.63 -3.13 27.77
N PRO B 461 18.48 -4.15 26.94
CA PRO B 461 19.00 -5.48 27.31
C PRO B 461 20.49 -5.50 27.53
N LEU B 462 21.24 -4.55 26.98
CA LEU B 462 22.66 -4.50 27.27
C LEU B 462 22.89 -4.25 28.74
N GLY B 463 23.85 -4.97 29.31
CA GLY B 463 24.18 -4.81 30.71
C GLY B 463 25.62 -5.16 30.96
N VAL B 464 26.20 -4.53 31.99
CA VAL B 464 27.60 -4.69 32.32
C VAL B 464 27.73 -4.87 33.82
N ALA B 465 28.65 -5.74 34.23
CA ALA B 465 28.92 -6.00 35.63
C ALA B 465 30.32 -6.56 35.74
N PRO B 466 30.98 -6.40 36.89
CA PRO B 466 32.33 -6.95 37.04
C PRO B 466 32.34 -8.39 37.50
N THR B 467 33.34 -9.15 37.06
CA THR B 467 33.60 -10.49 37.56
C THR B 467 35.06 -10.83 37.33
N ARG B 468 35.52 -11.88 38.01
CA ARG B 468 36.91 -12.32 37.93
C ARG B 468 37.04 -13.33 36.80
N CYS B 469 37.43 -12.85 35.62
CA CYS B 469 37.62 -13.73 34.47
C CYS B 469 38.54 -13.04 33.46
N LYS B 470 39.23 -13.85 32.68
CA LYS B 470 40.11 -13.39 31.62
C LYS B 470 39.68 -14.01 30.29
N ARG B 471 40.36 -13.63 29.22
CA ARG B 471 40.03 -14.13 27.89
C ARG B 471 41.30 -14.35 27.07
N ASN C 3 54.62 -3.89 9.15
CA ASN C 3 54.91 -2.98 8.05
C ASN C 3 53.60 -2.47 7.46
N LEU C 4 53.62 -2.02 6.21
CA LEU C 4 52.43 -1.47 5.56
C LEU C 4 51.49 -2.61 5.23
N TRP C 5 50.53 -2.85 6.12
CA TRP C 5 49.57 -3.93 5.97
C TRP C 5 48.16 -3.36 5.88
N VAL C 6 47.30 -4.06 5.15
CA VAL C 6 46.00 -3.52 4.83
C VAL C 6 45.04 -3.70 6.01
N THR C 7 44.11 -2.75 6.13
CA THR C 7 43.05 -2.82 7.13
C THR C 7 41.77 -2.29 6.50
N VAL C 8 40.73 -3.09 6.52
CA VAL C 8 39.43 -2.72 5.97
C VAL C 8 38.71 -1.85 6.99
N TYR C 9 37.90 -0.91 6.51
CA TYR C 9 37.42 0.20 7.33
C TYR C 9 35.93 0.40 7.18
N TYR C 10 35.12 -0.65 7.34
CA TYR C 10 33.70 -0.53 7.07
C TYR C 10 33.10 0.68 7.78
N GLY C 11 32.14 1.32 7.14
CA GLY C 11 31.64 2.62 7.55
C GLY C 11 32.12 3.78 6.71
N VAL C 12 32.86 3.50 5.64
CA VAL C 12 33.43 4.53 4.77
C VAL C 12 32.32 5.34 4.11
N PRO C 13 32.47 6.66 3.96
CA PRO C 13 31.51 7.47 3.19
C PRO C 13 31.93 7.77 1.75
N VAL C 14 32.27 6.75 0.97
CA VAL C 14 32.64 6.96 -0.41
C VAL C 14 31.50 6.56 -1.33
N TRP C 15 31.59 6.99 -2.59
CA TRP C 15 30.60 6.64 -3.57
C TRP C 15 31.23 6.61 -4.96
N LYS C 16 30.52 5.98 -5.88
CA LYS C 16 30.94 5.89 -7.28
C LYS C 16 29.68 5.96 -8.13
N ASP C 17 29.55 7.03 -8.92
CA ASP C 17 28.34 7.27 -9.68
C ASP C 17 28.11 6.17 -10.71
N ALA C 18 26.83 5.90 -10.96
CA ALA C 18 26.47 4.78 -11.83
C ALA C 18 25.09 5.03 -12.43
N GLU C 19 24.81 4.32 -13.51
CA GLU C 19 23.53 4.45 -14.17
C GLU C 19 22.44 3.79 -13.35
N THR C 20 21.21 4.25 -13.53
CA THR C 20 20.05 3.65 -12.88
C THR C 20 18.78 4.19 -13.49
N THR C 21 17.68 3.54 -13.17
CA THR C 21 16.36 4.01 -13.55
C THR C 21 15.79 4.89 -12.46
N LEU C 22 15.06 5.93 -12.85
CA LEU C 22 14.53 6.92 -11.92
C LEU C 22 13.02 6.99 -12.08
N PHE C 23 12.37 7.64 -11.11
CA PHE C 23 10.92 7.74 -11.12
C PHE C 23 10.46 8.83 -12.08
N CYS C 24 9.17 9.14 -12.00
CA CYS C 24 8.54 10.19 -12.81
C CYS C 24 7.55 10.96 -11.97
N ALA C 25 7.99 11.41 -10.80
CA ALA C 25 7.11 12.03 -9.80
C ALA C 25 6.66 13.40 -10.28
N SER C 26 5.36 13.61 -10.36
CA SER C 26 4.78 14.92 -10.63
C SER C 26 3.72 15.25 -9.57
N ASP C 27 3.04 16.38 -9.78
CA ASP C 27 1.93 16.78 -8.93
C ASP C 27 0.59 16.64 -9.60
N ALA C 28 0.53 16.08 -10.80
CA ALA C 28 -0.72 15.92 -11.52
C ALA C 28 -0.60 14.84 -12.59
N THR C 41 1.00 10.62 -19.20
CA THR C 41 1.46 10.88 -17.84
C THR C 41 0.64 10.05 -16.86
N HIS C 42 0.88 8.73 -16.85
CA HIS C 42 0.14 7.83 -15.99
C HIS C 42 1.07 7.12 -15.03
N ALA C 43 2.33 6.93 -15.43
CA ALA C 43 3.33 6.27 -14.61
C ALA C 43 3.85 7.14 -13.50
N CYS C 44 3.19 8.27 -13.28
CA CYS C 44 3.62 9.23 -12.29
C CYS C 44 3.24 8.77 -10.88
N VAL C 45 3.95 9.33 -9.90
CA VAL C 45 3.64 9.15 -8.49
C VAL C 45 3.64 10.53 -7.84
N PRO C 46 2.89 10.75 -6.76
CA PRO C 46 2.88 12.09 -6.15
C PRO C 46 4.22 12.43 -5.52
N THR C 47 4.39 13.72 -5.22
CA THR C 47 5.66 14.24 -4.74
C THR C 47 5.88 13.91 -3.27
N ASP C 48 7.15 13.86 -2.89
CA ASP C 48 7.53 13.57 -1.51
C ASP C 48 7.17 14.75 -0.61
N PRO C 49 6.82 14.48 0.65
CA PRO C 49 6.35 15.55 1.54
C PRO C 49 7.40 16.60 1.86
N ASN C 50 8.51 16.18 2.44
CA ASN C 50 9.54 17.09 2.95
C ASN C 50 10.91 16.66 2.42
N PRO C 51 11.24 17.04 1.18
CA PRO C 51 12.56 16.70 0.65
C PRO C 51 13.66 17.29 1.52
N GLN C 52 14.72 16.53 1.70
CA GLN C 52 15.82 16.91 2.59
C GLN C 52 17.05 17.21 1.74
N GLU C 53 17.60 18.41 1.91
CA GLU C 53 18.78 18.85 1.17
C GLU C 53 19.94 18.97 2.16
N ILE C 54 20.66 17.86 2.35
CA ILE C 54 21.73 17.78 3.32
C ILE C 54 23.00 18.33 2.70
N HIS C 55 23.38 19.54 3.07
CA HIS C 55 24.60 20.14 2.54
C HIS C 55 25.83 19.39 3.04
N LEU C 56 26.85 19.37 2.19
CA LEU C 56 28.12 18.71 2.49
C LEU C 56 29.23 19.76 2.51
N GLU C 57 30.01 19.78 3.59
CA GLU C 57 31.05 20.78 3.77
C GLU C 57 32.41 20.21 3.40
N ASN C 58 33.19 21.00 2.66
CA ASN C 58 34.55 20.65 2.27
C ASN C 58 34.57 19.38 1.43
N VAL C 59 33.89 19.43 0.28
CA VAL C 59 33.77 18.29 -0.62
C VAL C 59 33.88 18.78 -2.06
N THR C 60 34.62 18.04 -2.88
CA THR C 60 34.79 18.37 -4.30
C THR C 60 34.89 17.10 -5.11
N GLU C 61 34.32 17.15 -6.32
CA GLU C 61 34.33 15.99 -7.20
C GLU C 61 34.12 16.45 -8.64
N GLU C 62 34.66 15.69 -9.58
CA GLU C 62 34.61 16.07 -10.99
C GLU C 62 33.18 15.96 -11.46
N PHE C 63 32.46 17.07 -11.39
CA PHE C 63 31.03 17.12 -11.71
C PHE C 63 30.88 17.43 -13.19
N ASN C 64 30.38 16.47 -13.95
CA ASN C 64 30.18 16.63 -15.38
C ASN C 64 28.71 16.79 -15.71
N MET C 65 28.43 17.42 -16.85
CA MET C 65 27.05 17.63 -17.28
C MET C 65 26.81 17.31 -18.75
N TRP C 66 27.85 16.93 -19.50
CA TRP C 66 27.68 16.61 -20.91
C TRP C 66 27.70 15.13 -21.18
N LYS C 67 28.43 14.35 -20.37
CA LYS C 67 28.36 12.91 -20.40
C LYS C 67 27.38 12.36 -19.37
N ASN C 68 26.34 13.12 -19.08
CA ASN C 68 25.38 12.75 -18.05
C ASN C 68 24.58 11.54 -18.49
N ASN C 69 24.14 10.76 -17.52
CA ASN C 69 23.39 9.54 -17.77
C ASN C 69 21.90 9.69 -17.49
N MET C 70 21.48 10.84 -16.98
CA MET C 70 20.06 11.08 -16.75
C MET C 70 19.37 11.66 -17.97
N VAL C 71 20.07 12.44 -18.77
CA VAL C 71 19.47 13.06 -19.94
C VAL C 71 18.98 11.99 -20.91
N GLU C 72 19.87 11.04 -21.24
CA GLU C 72 19.49 9.98 -22.16
C GLU C 72 18.35 9.14 -21.60
N GLN C 73 18.32 8.98 -20.27
CA GLN C 73 17.15 8.38 -19.65
C GLN C 73 15.92 9.24 -19.87
N MET C 74 16.05 10.56 -19.71
CA MET C 74 14.88 11.42 -19.77
C MET C 74 14.33 11.48 -21.19
N HIS C 75 15.21 11.53 -22.18
CA HIS C 75 14.77 11.51 -23.58
C HIS C 75 14.06 10.21 -23.91
N THR C 76 14.57 9.08 -23.44
CA THR C 76 13.90 7.81 -23.68
C THR C 76 12.53 7.81 -23.05
N ASP C 77 12.40 8.43 -21.89
CA ASP C 77 11.10 8.49 -21.22
C ASP C 77 10.12 9.33 -22.02
N ILE C 78 10.54 10.51 -22.49
CA ILE C 78 9.63 11.39 -23.20
C ILE C 78 9.17 10.76 -24.50
N ILE C 79 10.09 10.13 -25.24
CA ILE C 79 9.70 9.45 -26.48
C ILE C 79 8.68 8.37 -26.19
N SER C 80 8.92 7.59 -25.14
CA SER C 80 7.95 6.58 -24.75
C SER C 80 6.64 7.23 -24.33
N LEU C 81 6.70 8.20 -23.40
CA LEU C 81 5.48 8.87 -22.96
C LEU C 81 4.74 9.49 -24.12
N TRP C 82 5.47 9.94 -25.14
CA TRP C 82 4.83 10.46 -26.35
C TRP C 82 4.15 9.36 -27.12
N ASP C 83 4.86 8.25 -27.36
CA ASP C 83 4.30 7.20 -28.21
C ASP C 83 3.27 6.36 -27.47
N GLN C 84 3.38 6.24 -26.14
CA GLN C 84 2.39 5.47 -25.40
C GLN C 84 1.01 6.07 -25.55
N SER C 85 0.90 7.39 -25.49
CA SER C 85 -0.38 8.08 -25.57
C SER C 85 -0.73 8.50 -26.98
N LEU C 86 -0.21 7.82 -27.98
CA LEU C 86 -0.53 8.17 -29.37
C LEU C 86 -0.90 6.99 -30.24
N LYS C 87 -0.50 5.76 -29.90
CA LYS C 87 -0.86 4.63 -30.75
C LYS C 87 -2.36 4.46 -30.95
N PRO C 88 -3.22 4.49 -29.91
CA PRO C 88 -4.64 4.27 -30.19
C PRO C 88 -5.31 5.54 -30.65
N CYS C 89 -5.50 5.68 -31.96
CA CYS C 89 -6.15 6.84 -32.56
C CYS C 89 -6.60 6.47 -33.96
N VAL C 90 -7.41 7.34 -34.54
CA VAL C 90 -7.88 7.12 -35.90
C VAL C 90 -6.72 7.31 -36.86
N LYS C 91 -6.15 6.21 -37.32
CA LYS C 91 -5.06 6.30 -38.28
C LYS C 91 -5.52 7.02 -39.52
N LEU C 92 -4.71 7.97 -39.99
CA LEU C 92 -5.08 8.77 -41.14
C LEU C 92 -4.90 8.04 -42.46
N THR C 93 -4.72 6.73 -42.43
CA THR C 93 -4.57 5.96 -43.66
C THR C 93 -5.72 6.16 -44.64
N PRO C 94 -7.00 6.21 -44.23
CA PRO C 94 -8.06 6.46 -45.22
C PRO C 94 -7.90 7.78 -45.95
N LEU C 95 -7.26 8.77 -45.34
CA LEU C 95 -7.09 10.06 -45.99
C LEU C 95 -6.18 9.98 -47.21
N CYS C 96 -5.49 8.86 -47.41
CA CYS C 96 -4.62 8.68 -48.58
C CYS C 96 -5.47 8.52 -49.82
N VAL C 97 -5.84 9.65 -50.41
CA VAL C 97 -6.56 9.66 -51.68
C VAL C 97 -6.43 11.05 -52.27
N THR C 98 -6.59 11.15 -53.59
CA THR C 98 -6.44 12.42 -54.26
C THR C 98 -7.39 13.45 -53.66
N LEU C 99 -6.83 14.58 -53.25
CA LEU C 99 -7.56 15.60 -52.51
C LEU C 99 -7.87 16.76 -53.45
N GLN C 100 -9.15 17.03 -53.67
CA GLN C 100 -9.55 18.19 -54.45
C GLN C 100 -9.53 19.42 -53.55
N CYS C 101 -9.05 20.53 -54.08
CA CYS C 101 -8.82 21.70 -53.25
C CYS C 101 -8.84 22.96 -54.11
N THR C 102 -9.01 24.10 -53.44
CA THR C 102 -8.96 25.39 -54.09
C THR C 102 -8.45 26.42 -53.09
N ASN C 103 -7.84 27.47 -53.62
CA ASN C 103 -7.33 28.55 -52.78
C ASN C 103 -8.49 29.36 -52.21
N VAL C 104 -8.21 30.08 -51.13
CA VAL C 104 -9.21 30.83 -50.39
C VAL C 104 -8.90 32.32 -50.53
N THR C 105 -9.91 33.09 -50.94
CA THR C 105 -9.80 34.54 -51.08
C THR C 105 -10.88 35.27 -50.29
N ASN C 106 -11.46 34.63 -49.27
CA ASN C 106 -12.49 35.29 -48.48
C ASN C 106 -11.93 36.50 -47.75
N ASN C 107 -10.65 36.47 -47.38
CA ASN C 107 -9.98 37.60 -46.76
C ASN C 107 -8.49 37.39 -46.90
N ILE C 108 -7.77 38.49 -47.10
CA ILE C 108 -6.31 38.45 -47.26
C ILE C 108 -5.72 39.60 -46.46
N THR C 109 -5.20 39.30 -45.27
CA THR C 109 -4.61 40.32 -44.42
C THR C 109 -3.67 39.68 -43.41
N ARG C 113 -0.80 36.71 -48.11
CA ARG C 113 -1.16 35.63 -47.21
C ARG C 113 -2.21 34.71 -47.84
N GLY C 114 -1.84 34.09 -48.97
CA GLY C 114 -2.74 33.18 -49.65
C GLY C 114 -2.42 31.73 -49.39
N GLU C 115 -1.95 31.44 -48.17
CA GLU C 115 -1.51 30.09 -47.86
C GLU C 115 -2.67 29.10 -47.75
N LEU C 116 -3.73 29.48 -47.03
CA LEU C 116 -4.80 28.54 -46.75
C LEU C 116 -5.46 28.07 -48.04
N LYS C 117 -5.99 26.86 -48.02
CA LYS C 117 -6.58 26.27 -49.21
C LYS C 117 -7.77 25.41 -48.83
N ASN C 118 -8.95 25.76 -49.35
CA ASN C 118 -10.17 25.03 -49.08
C ASN C 118 -10.19 23.77 -49.94
N CYS C 119 -10.12 22.61 -49.30
CA CYS C 119 -9.99 21.34 -49.99
C CYS C 119 -11.26 20.51 -49.81
N SER C 120 -11.75 19.96 -50.92
CA SER C 120 -12.95 19.13 -50.93
C SER C 120 -12.57 17.70 -51.27
N PHE C 121 -13.24 16.74 -50.64
CA PHE C 121 -12.85 15.35 -50.80
C PHE C 121 -14.08 14.47 -50.98
N ASN C 122 -14.04 13.58 -51.96
CA ASN C 122 -15.11 12.61 -52.14
C ASN C 122 -14.98 11.51 -51.09
N MET C 123 -15.97 11.42 -50.21
CA MET C 123 -15.84 10.64 -48.99
C MET C 123 -17.03 9.71 -48.82
N THR C 124 -16.77 8.56 -48.21
CA THR C 124 -17.81 7.59 -47.86
C THR C 124 -18.82 8.20 -46.89
N LYS C 133 -18.85 13.47 -50.19
CA LYS C 133 -18.20 14.71 -50.60
C LYS C 133 -18.17 15.73 -49.46
N VAL C 134 -17.00 15.95 -48.88
CA VAL C 134 -16.82 16.88 -47.78
C VAL C 134 -15.69 17.84 -48.11
N TYR C 135 -15.69 18.98 -47.43
CA TYR C 135 -14.70 20.03 -47.65
C TYR C 135 -13.93 20.28 -46.36
N SER C 136 -12.70 20.78 -46.51
CA SER C 136 -11.91 21.15 -45.34
C SER C 136 -10.83 22.14 -45.78
N LEU C 137 -10.24 22.81 -44.79
CA LEU C 137 -9.17 23.78 -45.03
C LEU C 137 -7.85 23.18 -44.55
N PHE C 138 -6.84 23.22 -45.41
CA PHE C 138 -5.51 22.75 -45.08
C PHE C 138 -4.50 23.87 -45.31
N TYR C 139 -3.47 23.91 -44.47
CA TYR C 139 -2.38 24.85 -44.68
C TYR C 139 -1.54 24.42 -45.87
N ARG C 140 -0.71 25.34 -46.35
CA ARG C 140 0.15 25.02 -47.48
C ARG C 140 1.24 24.03 -47.10
N LEU C 141 1.62 23.98 -45.82
CA LEU C 141 2.68 23.10 -45.37
C LEU C 141 2.24 21.67 -45.16
N ASP C 142 0.94 21.40 -45.29
CA ASP C 142 0.41 20.03 -45.24
C ASP C 142 -0.12 19.58 -46.60
N VAL C 143 0.16 20.34 -47.66
CA VAL C 143 -0.16 19.95 -49.02
C VAL C 143 1.11 20.03 -49.85
N VAL C 144 1.37 19.00 -50.65
CA VAL C 144 2.60 18.93 -51.41
C VAL C 144 2.29 19.25 -52.86
N GLN C 145 3.27 19.83 -53.54
CA GLN C 145 3.18 20.03 -54.97
C GLN C 145 3.20 18.68 -55.67
N ILE C 146 2.26 18.47 -56.60
CA ILE C 146 2.19 17.26 -57.39
C ILE C 146 1.88 17.64 -58.82
N ASN C 147 2.16 16.71 -59.73
CA ASN C 147 1.94 16.92 -61.14
C ASN C 147 1.58 15.64 -61.86
N LYS C 159 -4.18 23.24 -61.02
CA LYS C 159 -4.21 21.78 -60.99
C LYS C 159 -4.55 21.33 -59.58
N GLU C 160 -4.64 20.03 -59.37
CA GLU C 160 -5.13 19.50 -58.10
C GLU C 160 -4.00 18.81 -57.34
N TYR C 161 -4.07 18.87 -56.02
CA TYR C 161 -2.88 18.80 -55.19
C TYR C 161 -3.11 17.78 -54.08
N ARG C 162 -2.02 17.37 -53.42
CA ARG C 162 -2.08 16.27 -52.44
C ARG C 162 -1.30 16.61 -51.17
N LEU C 163 -1.63 15.89 -50.09
CA LEU C 163 -0.97 16.07 -48.81
C LEU C 163 0.51 15.74 -48.90
N ILE C 164 1.27 16.18 -47.88
CA ILE C 164 2.73 16.17 -47.97
C ILE C 164 3.26 14.76 -48.14
N ASN C 165 2.87 13.86 -47.24
CA ASN C 165 3.39 12.46 -47.31
C ASN C 165 2.46 11.54 -46.52
N CYS C 166 1.58 10.82 -47.22
CA CYS C 166 0.68 9.85 -46.55
C CYS C 166 0.88 8.47 -47.18
N ASN C 167 1.11 8.44 -48.50
CA ASN C 167 1.34 7.15 -49.20
C ASN C 167 2.67 6.57 -48.72
N THR C 168 3.57 7.43 -48.21
CA THR C 168 4.89 6.96 -47.72
C THR C 168 5.09 7.42 -46.27
N SER C 169 4.01 7.54 -45.50
CA SER C 169 4.12 7.94 -44.08
C SER C 169 2.85 7.54 -43.32
N ALA C 170 2.99 6.82 -42.20
CA ALA C 170 1.84 6.36 -41.42
C ALA C 170 1.43 7.49 -40.48
N ILE C 171 0.61 8.41 -41.01
CA ILE C 171 0.19 9.56 -40.22
C ILE C 171 -0.73 9.09 -39.09
N THR C 172 -0.80 9.90 -38.03
CA THR C 172 -1.70 9.63 -36.93
C THR C 172 -2.22 10.96 -36.38
N GLN C 173 -3.39 10.91 -35.76
CA GLN C 173 -4.01 12.09 -35.16
C GLN C 173 -3.97 11.96 -33.64
N ALA C 174 -4.15 13.09 -32.96
CA ALA C 174 -4.07 13.18 -31.52
C ALA C 174 -5.47 13.24 -30.92
N CYS C 175 -5.67 12.54 -29.82
CA CYS C 175 -6.97 12.55 -29.16
C CYS C 175 -7.25 13.94 -28.60
N PRO C 176 -8.47 14.47 -28.79
CA PRO C 176 -8.79 15.80 -28.25
C PRO C 176 -8.68 15.87 -26.73
N LYS C 177 -8.80 14.75 -26.03
CA LYS C 177 -8.70 14.78 -24.57
C LYS C 177 -7.31 15.21 -24.11
N VAL C 178 -6.26 14.69 -24.76
CA VAL C 178 -4.91 14.95 -24.30
C VAL C 178 -4.52 16.39 -24.65
N SER C 179 -3.69 16.98 -23.81
CA SER C 179 -3.25 18.36 -23.95
C SER C 179 -1.74 18.40 -23.98
N PHE C 180 -1.19 19.11 -24.96
CA PHE C 180 0.25 19.24 -25.11
C PHE C 180 0.86 20.25 -24.16
N GLU C 181 0.12 20.64 -23.13
CA GLU C 181 0.65 21.57 -22.15
C GLU C 181 1.81 20.93 -21.39
N PRO C 182 2.86 21.69 -21.08
CA PRO C 182 4.02 21.12 -20.41
C PRO C 182 3.78 21.01 -18.91
N ILE C 183 3.61 19.78 -18.44
CA ILE C 183 3.36 19.47 -17.03
C ILE C 183 4.70 19.27 -16.34
N PRO C 184 4.95 19.89 -15.19
CA PRO C 184 6.19 19.63 -14.47
C PRO C 184 6.31 18.16 -14.10
N ILE C 185 7.55 17.66 -14.15
CA ILE C 185 7.85 16.26 -13.90
C ILE C 185 9.17 16.18 -13.14
N HIS C 186 9.13 15.76 -11.89
CA HIS C 186 10.33 15.57 -11.10
C HIS C 186 10.92 14.20 -11.39
N TYR C 187 12.24 14.08 -11.22
CA TYR C 187 12.93 12.79 -11.21
C TYR C 187 13.52 12.54 -9.84
N CYS C 188 12.99 11.54 -9.14
CA CYS C 188 13.51 11.12 -7.85
C CYS C 188 14.28 9.82 -8.00
N ALA C 189 15.25 9.62 -7.12
CA ALA C 189 16.05 8.41 -7.18
C ALA C 189 15.33 7.26 -6.46
N PRO C 190 15.58 6.02 -6.86
CA PRO C 190 15.03 4.88 -6.15
C PRO C 190 15.84 4.60 -4.89
N ALA C 191 15.53 3.47 -4.24
CA ALA C 191 16.17 3.13 -2.99
C ALA C 191 17.65 2.82 -3.19
N GLY C 192 18.51 3.52 -2.45
CA GLY C 192 19.93 3.29 -2.46
C GLY C 192 20.73 4.29 -3.28
N PHE C 193 20.08 5.07 -4.14
CA PHE C 193 20.77 6.02 -5.00
C PHE C 193 20.53 7.43 -4.49
N ALA C 194 21.61 8.18 -4.31
CA ALA C 194 21.54 9.53 -3.75
C ALA C 194 21.92 10.53 -4.82
N ILE C 195 20.95 11.35 -5.23
CA ILE C 195 21.17 12.32 -6.30
C ILE C 195 21.90 13.52 -5.73
N LEU C 196 23.12 13.77 -6.20
CA LEU C 196 23.83 14.97 -5.83
C LEU C 196 23.34 16.15 -6.65
N LYS C 197 23.76 17.35 -6.25
CA LYS C 197 23.38 18.58 -6.95
C LYS C 197 24.42 19.64 -6.70
N CYS C 198 24.86 20.29 -7.78
CA CYS C 198 25.80 21.39 -7.66
C CYS C 198 25.08 22.68 -7.31
N LYS C 199 25.75 23.56 -6.57
CA LYS C 199 25.13 24.79 -6.10
C LYS C 199 25.82 26.07 -6.57
N ASP C 200 27.11 26.04 -6.86
CA ASP C 200 27.83 27.23 -7.28
C ASP C 200 27.19 27.86 -8.50
N LYS C 201 26.61 29.05 -8.34
CA LYS C 201 25.93 29.70 -9.45
C LYS C 201 26.91 30.01 -10.58
N LYS C 202 28.21 30.11 -10.26
CA LYS C 202 29.26 30.25 -11.27
C LYS C 202 29.72 28.84 -11.63
N PHE C 203 28.91 28.17 -12.47
CA PHE C 203 29.09 26.78 -12.83
C PHE C 203 29.28 26.66 -14.33
N ASN C 204 30.51 26.40 -14.77
CA ASN C 204 30.82 26.38 -16.19
C ASN C 204 30.57 25.02 -16.82
N GLY C 205 29.38 24.46 -16.61
CA GLY C 205 29.10 23.15 -17.16
C GLY C 205 29.85 22.05 -16.44
N THR C 206 30.92 21.56 -17.05
CA THR C 206 31.73 20.52 -16.44
C THR C 206 32.55 21.11 -15.29
N GLY C 207 33.49 20.31 -14.79
CA GLY C 207 34.43 20.80 -13.79
C GLY C 207 33.84 20.85 -12.40
N PRO C 208 34.69 20.80 -11.38
CA PRO C 208 34.20 20.66 -10.01
C PRO C 208 33.47 21.91 -9.53
N CYS C 209 32.71 21.72 -8.46
CA CYS C 209 32.05 22.82 -7.77
C CYS C 209 31.81 22.41 -6.32
N PRO C 210 32.67 22.85 -5.40
CA PRO C 210 32.58 22.40 -3.99
C PRO C 210 31.39 22.98 -3.25
N SER C 211 30.19 22.70 -3.74
CA SER C 211 28.98 23.12 -3.03
C SER C 211 27.88 22.07 -3.14
N VAL C 212 28.24 20.80 -3.19
CA VAL C 212 27.26 19.77 -3.54
C VAL C 212 26.49 19.32 -2.31
N SER C 213 25.27 18.85 -2.55
CA SER C 213 24.37 18.46 -1.47
C SER C 213 23.41 17.38 -1.98
N THR C 214 23.01 16.50 -1.08
CA THR C 214 22.12 15.40 -1.45
C THR C 214 20.68 15.91 -1.54
N VAL C 215 20.09 15.76 -2.72
CA VAL C 215 18.82 16.39 -3.08
C VAL C 215 17.84 15.32 -3.52
N GLN C 216 17.74 14.22 -2.75
CA GLN C 216 17.10 12.98 -3.14
C GLN C 216 15.94 13.15 -4.12
N CYS C 217 15.07 14.12 -3.89
CA CYS C 217 14.05 14.49 -4.88
C CYS C 217 14.48 15.78 -5.58
N THR C 218 14.40 15.78 -6.91
CA THR C 218 14.89 16.89 -7.71
C THR C 218 13.86 18.01 -7.78
N HIS C 219 14.31 19.17 -8.27
CA HIS C 219 13.45 20.33 -8.44
C HIS C 219 12.64 20.20 -9.73
N GLY C 220 11.65 21.07 -9.88
CA GLY C 220 10.73 21.02 -10.98
C GLY C 220 11.38 21.06 -12.34
N ILE C 221 11.02 20.11 -13.19
CA ILE C 221 11.53 20.03 -14.56
C ILE C 221 10.33 20.02 -15.49
N LYS C 222 10.37 20.85 -16.51
CA LYS C 222 9.27 20.97 -17.44
C LYS C 222 9.70 20.47 -18.82
N PRO C 223 9.16 19.38 -19.32
CA PRO C 223 9.51 18.92 -20.66
C PRO C 223 8.74 19.70 -21.71
N VAL C 224 9.41 20.67 -22.31
CA VAL C 224 8.81 21.52 -23.34
C VAL C 224 9.68 21.44 -24.59
N VAL C 225 9.04 21.16 -25.72
CA VAL C 225 9.74 21.05 -26.99
C VAL C 225 9.87 22.44 -27.59
N SER C 226 11.10 22.86 -27.87
CA SER C 226 11.36 24.16 -28.44
C SER C 226 12.72 24.15 -29.11
N THR C 227 12.89 25.02 -30.11
CA THR C 227 14.13 25.11 -30.83
C THR C 227 14.59 26.56 -30.88
N GLN C 228 15.89 26.76 -30.67
CA GLN C 228 16.54 28.07 -30.71
C GLN C 228 16.20 28.92 -29.50
N LEU C 229 15.21 28.51 -28.70
CA LEU C 229 14.79 29.31 -27.55
C LEU C 229 14.21 28.36 -26.51
N LEU C 230 15.03 28.01 -25.52
CA LEU C 230 14.51 27.34 -24.30
C LEU C 230 13.49 28.26 -23.66
N LEU C 231 12.20 27.98 -23.86
CA LEU C 231 11.12 28.86 -23.34
C LEU C 231 11.20 28.93 -21.81
N ASN C 232 10.74 27.87 -21.12
CA ASN C 232 10.74 27.86 -19.63
C ASN C 232 11.96 27.11 -19.12
N GLY C 233 12.61 27.64 -18.07
CA GLY C 233 13.82 27.00 -17.51
C GLY C 233 14.50 27.89 -16.48
N SER C 234 15.66 27.48 -15.99
CA SER C 234 16.37 28.26 -14.94
C SER C 234 17.09 29.47 -15.58
N LEU C 235 17.65 30.36 -14.76
CA LEU C 235 18.40 31.52 -15.27
C LEU C 235 19.52 31.88 -14.29
N ALA C 236 20.75 32.06 -14.79
CA ALA C 236 21.85 32.47 -13.90
C ALA C 236 21.50 33.83 -13.27
N GLU C 237 21.82 34.03 -11.99
CA GLU C 237 21.46 35.29 -11.30
C GLU C 237 22.60 36.29 -11.44
N GLU C 238 23.81 35.92 -11.00
CA GLU C 238 24.98 36.82 -11.08
C GLU C 238 25.09 37.45 -12.47
N GLU C 239 25.15 36.63 -13.52
CA GLU C 239 25.36 37.19 -14.88
C GLU C 239 25.06 36.10 -15.93
N VAL C 240 25.09 36.47 -17.21
CA VAL C 240 24.87 35.48 -18.31
C VAL C 240 25.86 34.32 -18.14
N MET C 241 25.38 33.09 -18.24
CA MET C 241 26.27 31.91 -18.04
C MET C 241 26.44 31.17 -19.36
N ILE C 242 27.68 30.95 -19.80
CA ILE C 242 27.95 30.25 -21.05
C ILE C 242 28.53 28.89 -20.75
N ARG C 243 27.91 27.85 -21.28
CA ARG C 243 28.36 26.50 -21.04
C ARG C 243 28.23 25.71 -22.34
N SER C 244 29.26 24.93 -22.65
CA SER C 244 29.23 24.07 -23.82
C SER C 244 30.20 22.92 -23.61
N GLU C 245 30.03 21.88 -24.42
CA GLU C 245 30.97 20.77 -24.48
C GLU C 245 32.40 21.27 -24.38
N ASN C 246 32.81 22.05 -25.38
CA ASN C 246 34.20 22.44 -25.54
C ASN C 246 34.18 23.62 -26.50
N ILE C 247 34.34 24.83 -25.96
CA ILE C 247 34.03 26.05 -26.70
C ILE C 247 34.81 26.12 -28.01
N THR C 248 36.09 25.78 -27.97
CA THR C 248 36.94 25.98 -29.14
C THR C 248 36.41 25.25 -30.36
N ASN C 249 35.83 24.06 -30.16
CA ASN C 249 35.17 23.36 -31.25
C ASN C 249 33.97 24.15 -31.72
N ASN C 250 33.78 24.20 -33.04
CA ASN C 250 32.62 24.84 -33.63
C ASN C 250 31.52 23.85 -33.96
N ALA C 251 31.68 22.58 -33.62
CA ALA C 251 30.62 21.62 -33.83
C ALA C 251 29.63 21.63 -32.68
N LYS C 252 30.13 21.53 -31.46
CA LYS C 252 29.28 21.44 -30.29
C LYS C 252 28.49 22.74 -30.09
N ASN C 253 27.27 22.59 -29.60
CA ASN C 253 26.38 23.72 -29.47
C ASN C 253 26.82 24.67 -28.37
N ILE C 254 26.11 25.78 -28.25
CA ILE C 254 26.25 26.73 -27.16
C ILE C 254 24.93 26.78 -26.43
N LEU C 255 24.95 26.46 -25.14
CA LEU C 255 23.75 26.47 -24.31
C LEU C 255 23.92 27.59 -23.30
N VAL C 256 23.00 28.54 -23.30
CA VAL C 256 23.10 29.71 -22.44
C VAL C 256 21.80 29.98 -21.71
N GLN C 257 21.91 30.16 -20.40
CA GLN C 257 20.87 30.75 -19.57
C GLN C 257 21.46 32.04 -19.01
N PHE C 258 20.91 33.17 -19.40
CA PHE C 258 21.58 34.44 -19.16
C PHE C 258 21.35 35.11 -17.81
N ASN C 259 20.22 35.78 -17.54
CA ASN C 259 20.02 36.24 -16.17
C ASN C 259 18.58 36.21 -15.67
N THR C 260 17.64 36.63 -16.52
CA THR C 260 16.36 37.11 -16.06
C THR C 260 15.35 36.94 -17.18
N PRO C 261 14.06 36.82 -16.87
CA PRO C 261 13.10 36.44 -17.90
C PRO C 261 12.83 37.54 -18.89
N VAL C 262 12.96 37.21 -20.15
CA VAL C 262 12.33 37.96 -21.23
C VAL C 262 11.05 37.25 -21.61
N GLN C 263 9.97 38.00 -21.80
CA GLN C 263 8.72 37.38 -22.20
C GLN C 263 8.58 37.42 -23.72
N ILE C 264 7.66 36.60 -24.23
CA ILE C 264 7.39 36.57 -25.66
C ILE C 264 5.88 36.58 -25.90
N ASN C 265 5.30 37.77 -25.97
CA ASN C 265 3.86 37.92 -26.11
C ASN C 265 3.49 37.57 -27.54
N CYS C 266 2.96 36.37 -27.75
CA CYS C 266 2.69 35.91 -29.10
C CYS C 266 1.35 35.22 -29.14
N THR C 267 0.60 35.45 -30.22
CA THR C 267 -0.80 35.09 -30.30
C THR C 267 -1.09 34.27 -31.55
N ARG C 268 -2.35 33.85 -31.68
CA ARG C 268 -2.90 33.27 -32.89
C ARG C 268 -4.18 34.02 -33.21
N PRO C 269 -4.11 35.11 -33.97
CA PRO C 269 -5.30 35.94 -34.21
C PRO C 269 -6.19 35.38 -35.32
N ASN C 270 -6.87 34.28 -35.02
CA ASN C 270 -7.79 33.67 -35.97
C ASN C 270 -8.83 32.85 -35.22
N ASN C 271 -10.09 33.27 -35.33
CA ASN C 271 -11.22 32.55 -34.74
C ASN C 271 -11.57 31.41 -35.68
N ASN C 272 -10.87 30.29 -35.52
CA ASN C 272 -11.02 29.15 -36.41
C ASN C 272 -12.11 28.22 -35.89
N THR C 273 -12.66 27.42 -36.79
CA THR C 273 -13.78 26.52 -36.47
C THR C 273 -13.37 25.07 -36.70
N ARG C 274 -13.73 24.20 -35.77
CA ARG C 274 -13.55 22.76 -35.91
C ARG C 274 -14.91 22.10 -36.06
N LYS C 275 -15.03 21.24 -37.06
CA LYS C 275 -16.28 20.53 -37.30
C LYS C 275 -15.96 19.09 -37.69
N SER C 276 -16.60 18.15 -37.00
CA SER C 276 -16.21 16.75 -37.06
C SER C 276 -16.55 16.14 -38.41
N ILE C 277 -15.71 15.20 -38.83
CA ILE C 277 -15.88 14.45 -40.07
C ILE C 277 -15.73 12.98 -39.71
N ARG C 278 -16.82 12.22 -39.81
CA ARG C 278 -16.85 10.84 -39.33
C ARG C 278 -16.39 9.91 -40.44
N ILE C 279 -15.28 9.20 -40.20
CA ILE C 279 -14.80 8.19 -41.14
C ILE C 279 -14.70 6.84 -40.44
N GLN C 283 -13.61 7.26 -34.81
CA GLN C 283 -13.13 7.27 -36.18
C GLN C 283 -13.52 8.56 -36.90
N ALA C 284 -13.55 9.66 -36.15
CA ALA C 284 -13.96 10.96 -36.68
C ALA C 284 -12.79 11.94 -36.52
N PHE C 285 -12.00 12.09 -37.58
CA PHE C 285 -10.85 12.98 -37.53
C PHE C 285 -11.31 14.44 -37.67
N TYR C 286 -10.66 15.32 -36.93
CA TYR C 286 -11.03 16.72 -36.93
C TYR C 286 -10.40 17.43 -38.13
N ALA C 287 -11.00 18.57 -38.49
CA ALA C 287 -10.53 19.36 -39.62
C ALA C 287 -10.90 20.82 -39.37
N THR C 288 -10.86 21.61 -40.43
CA THR C 288 -11.24 23.02 -40.36
C THR C 288 -12.26 23.31 -41.46
N GLY C 289 -13.52 23.50 -41.07
CA GLY C 289 -14.55 23.83 -42.04
C GLY C 289 -14.41 25.23 -42.60
N ASP C 290 -14.18 26.21 -41.74
CA ASP C 290 -14.01 27.60 -42.14
C ASP C 290 -13.49 28.38 -40.94
N ILE C 291 -13.26 29.68 -41.15
CA ILE C 291 -12.82 30.58 -40.10
C ILE C 291 -13.85 31.71 -39.98
N ILE C 292 -13.62 32.57 -39.00
CA ILE C 292 -14.53 33.67 -38.69
C ILE C 292 -13.91 34.96 -39.18
N GLY C 293 -14.31 35.39 -40.38
CA GLY C 293 -13.99 36.73 -40.86
C GLY C 293 -12.53 37.03 -41.11
N ASP C 294 -11.96 37.89 -40.26
CA ASP C 294 -10.64 38.44 -40.50
C ASP C 294 -9.56 37.37 -40.44
N ILE C 295 -8.49 37.60 -41.20
CA ILE C 295 -7.34 36.69 -41.27
C ILE C 295 -6.08 37.52 -41.10
N ARG C 296 -5.14 37.01 -40.31
CA ARG C 296 -3.83 37.63 -40.15
C ARG C 296 -2.81 36.53 -39.91
N GLN C 297 -1.64 36.92 -39.44
CA GLN C 297 -0.57 35.99 -39.11
C GLN C 297 -0.30 36.03 -37.61
N ALA C 298 0.20 34.91 -37.08
CA ALA C 298 0.41 34.75 -35.65
C ALA C 298 1.62 35.59 -35.24
N HIS C 299 1.38 36.89 -35.05
CA HIS C 299 2.45 37.79 -34.67
C HIS C 299 2.94 37.49 -33.26
N CYS C 300 4.24 37.68 -33.05
CA CYS C 300 4.86 37.54 -31.74
C CYS C 300 5.41 38.90 -31.31
N ASN C 301 5.52 39.10 -30.01
CA ASN C 301 6.12 40.31 -29.45
C ASN C 301 7.26 39.91 -28.52
N VAL C 302 8.34 40.69 -28.55
CA VAL C 302 9.57 40.32 -27.84
C VAL C 302 10.07 41.42 -26.92
N SER C 303 9.45 42.60 -26.90
CA SER C 303 9.88 43.70 -26.03
C SER C 303 11.31 44.13 -26.35
N LYS C 304 11.43 44.72 -27.55
CA LYS C 304 12.71 45.05 -28.19
C LYS C 304 13.79 45.50 -27.22
N ALA C 305 13.46 46.40 -26.30
CA ALA C 305 14.46 46.94 -25.39
C ALA C 305 15.05 45.85 -24.50
N THR C 306 14.20 44.99 -23.94
CA THR C 306 14.69 43.94 -23.04
C THR C 306 15.61 42.98 -23.78
N TRP C 307 15.21 42.56 -24.98
CA TRP C 307 16.01 41.59 -25.73
C TRP C 307 17.38 42.15 -26.06
N ASN C 308 17.43 43.40 -26.54
CA ASN C 308 18.72 44.01 -26.85
C ASN C 308 19.56 44.19 -25.59
N GLU C 309 18.90 44.48 -24.46
CA GLU C 309 19.63 44.61 -23.20
C GLU C 309 20.30 43.31 -22.81
N THR C 310 19.58 42.19 -22.94
CA THR C 310 20.09 40.91 -22.47
C THR C 310 21.31 40.49 -23.28
N LEU C 311 21.26 40.64 -24.60
CA LEU C 311 22.36 40.20 -25.45
C LEU C 311 23.64 40.95 -25.12
N GLY C 312 23.54 42.19 -24.67
CA GLY C 312 24.73 42.93 -24.30
C GLY C 312 25.49 42.27 -23.16
N LYS C 313 24.76 41.84 -22.13
CA LYS C 313 25.39 41.03 -21.10
C LYS C 313 25.89 39.72 -21.68
N VAL C 314 25.10 39.11 -22.58
CA VAL C 314 25.51 37.86 -23.20
C VAL C 314 26.83 38.05 -23.93
N VAL C 315 26.90 39.08 -24.77
CA VAL C 315 28.11 39.28 -25.57
C VAL C 315 29.26 39.69 -24.68
N LYS C 316 28.97 40.22 -23.49
CA LYS C 316 30.04 40.49 -22.55
C LYS C 316 30.74 39.19 -22.16
N GLN C 317 29.95 38.15 -21.91
CA GLN C 317 30.54 36.86 -21.55
C GLN C 317 31.11 36.14 -22.75
N LEU C 318 30.45 36.23 -23.91
CA LEU C 318 30.94 35.55 -25.10
C LEU C 318 32.36 36.00 -25.43
N ARG C 319 32.68 37.26 -25.15
CA ARG C 319 34.00 37.78 -25.46
C ARG C 319 35.04 37.31 -24.46
N LYS C 320 34.62 36.72 -23.34
CA LYS C 320 35.60 36.22 -22.36
C LYS C 320 36.45 35.11 -22.96
N HIS C 321 35.93 34.38 -23.95
CA HIS C 321 36.66 33.31 -24.60
C HIS C 321 35.99 32.89 -25.90
N ASN C 325 37.94 40.76 -28.16
CA ASN C 325 38.02 42.03 -28.86
C ASN C 325 37.41 41.94 -30.26
N THR C 326 37.51 40.75 -30.88
CA THR C 326 36.86 40.54 -32.16
C THR C 326 35.35 40.61 -32.00
N ILE C 327 34.69 41.27 -32.95
CA ILE C 327 33.27 41.54 -32.82
C ILE C 327 32.48 40.23 -32.87
N ILE C 328 31.32 40.22 -32.19
CA ILE C 328 30.49 39.05 -32.04
C ILE C 328 29.11 39.36 -32.60
N ARG C 329 28.75 38.73 -33.71
CA ARG C 329 27.55 39.08 -34.46
C ARG C 329 26.57 37.92 -34.51
N PHE C 330 25.31 38.19 -34.15
CA PHE C 330 24.27 37.18 -34.15
C PHE C 330 23.56 37.19 -35.50
N ALA C 331 23.81 36.13 -36.28
CA ALA C 331 22.99 35.81 -37.47
C ALA C 331 21.79 34.97 -37.02
N ASN C 332 20.92 34.60 -37.97
CA ASN C 332 19.62 33.95 -37.62
C ASN C 332 19.58 32.54 -38.21
N SER C 333 20.68 31.78 -38.05
CA SER C 333 20.80 30.41 -38.58
C SER C 333 20.98 30.45 -40.11
N SER C 334 20.96 29.28 -40.76
CA SER C 334 21.36 29.16 -42.15
C SER C 334 20.29 28.46 -42.97
N GLY C 335 19.81 27.32 -42.49
CA GLY C 335 18.78 26.59 -43.21
C GLY C 335 18.74 25.14 -42.77
N GLY C 336 17.79 24.42 -43.36
CA GLY C 336 17.73 22.98 -43.18
C GLY C 336 16.38 22.38 -42.83
N ASP C 337 15.63 23.05 -41.95
CA ASP C 337 14.30 22.51 -41.54
C ASP C 337 13.53 23.56 -40.74
N LEU C 338 12.29 23.85 -41.12
CA LEU C 338 11.45 24.80 -40.34
C LEU C 338 11.63 24.48 -38.85
N GLU C 339 11.40 23.22 -38.47
CA GLU C 339 11.54 22.80 -37.05
C GLU C 339 12.81 23.40 -36.46
N VAL C 340 13.90 23.44 -37.22
CA VAL C 340 15.20 23.93 -36.69
C VAL C 340 15.41 25.39 -37.10
N THR C 341 15.38 25.69 -38.40
CA THR C 341 15.60 27.06 -38.85
C THR C 341 14.83 28.05 -38.00
N THR C 342 13.56 27.77 -37.75
CA THR C 342 12.69 28.66 -37.02
C THR C 342 12.68 28.31 -35.54
N HIS C 343 11.84 29.01 -34.79
CA HIS C 343 11.66 28.75 -33.37
C HIS C 343 10.41 27.90 -33.22
N SER C 344 10.53 26.63 -33.60
CA SER C 344 9.37 25.75 -33.62
C SER C 344 8.94 25.38 -32.21
N PHE C 345 8.03 26.16 -31.64
CA PHE C 345 7.63 25.98 -30.25
C PHE C 345 6.15 25.65 -30.17
N ASN C 346 5.83 24.60 -29.44
CA ASN C 346 4.45 24.29 -29.11
C ASN C 346 3.90 25.36 -28.18
N CYS C 347 2.60 25.65 -28.32
CA CYS C 347 1.91 26.46 -27.34
C CYS C 347 0.41 26.40 -27.59
N GLY C 348 -0.36 26.42 -26.51
CA GLY C 348 -1.80 26.43 -26.62
C GLY C 348 -2.39 25.25 -27.36
N GLY C 349 -1.70 24.12 -27.38
CA GLY C 349 -2.18 22.97 -28.12
C GLY C 349 -1.97 23.04 -29.61
N GLU C 350 -1.16 23.97 -30.09
CA GLU C 350 -0.87 24.10 -31.50
C GLU C 350 0.64 24.17 -31.72
N PHE C 351 1.04 23.84 -32.95
CA PHE C 351 2.45 23.72 -33.31
C PHE C 351 2.86 24.96 -34.11
N PHE C 352 3.64 25.83 -33.47
CA PHE C 352 4.10 27.05 -34.13
C PHE C 352 5.47 26.81 -34.75
N TYR C 353 5.66 27.36 -35.95
CA TYR C 353 6.99 27.39 -36.60
C TYR C 353 7.29 28.82 -37.07
N CYS C 354 8.12 29.54 -36.31
CA CYS C 354 8.24 31.01 -36.45
C CYS C 354 9.72 31.41 -36.56
N ASN C 355 10.16 31.88 -37.74
CA ASN C 355 11.62 32.06 -37.97
C ASN C 355 12.13 33.28 -37.21
N THR C 356 13.31 33.17 -36.61
CA THR C 356 13.84 34.25 -35.75
C THR C 356 14.61 35.23 -36.63
N SER C 357 14.49 35.07 -37.96
CA SER C 357 15.08 36.02 -38.93
C SER C 357 14.82 37.45 -38.46
N GLY C 358 13.60 37.71 -37.96
CA GLY C 358 13.26 39.00 -37.34
C GLY C 358 14.31 39.40 -36.32
N LEU C 359 14.50 38.57 -35.28
CA LEU C 359 15.56 38.81 -34.28
C LEU C 359 16.91 38.38 -34.88
N PHE C 360 17.92 38.20 -34.02
CA PHE C 360 19.22 37.70 -34.48
C PHE C 360 19.62 38.31 -35.83
N ASN C 361 19.23 39.55 -36.09
CA ASN C 361 19.59 40.25 -37.31
C ASN C 361 20.67 41.30 -37.08
N SER C 362 21.31 41.27 -35.91
CA SER C 362 22.24 42.31 -35.49
C SER C 362 23.66 41.92 -35.89
N THR C 363 24.45 42.92 -36.27
CA THR C 363 25.81 42.68 -36.75
C THR C 363 26.88 43.05 -35.74
N TRP C 364 26.50 43.70 -34.63
CA TRP C 364 27.46 44.11 -33.63
C TRP C 364 28.13 42.92 -32.96
N ILE C 382 9.51 41.94 -31.05
CA ILE C 382 9.27 42.67 -32.29
C ILE C 382 7.99 42.16 -32.92
N THR C 383 8.07 41.63 -34.13
CA THR C 383 6.91 41.04 -34.79
C THR C 383 7.42 40.03 -35.80
N LEU C 384 6.96 38.79 -35.69
CA LEU C 384 7.44 37.69 -36.50
C LEU C 384 6.27 37.04 -37.23
N PRO C 385 6.37 36.82 -38.52
CA PRO C 385 5.27 36.18 -39.27
C PRO C 385 5.29 34.66 -39.06
N CYS C 386 4.70 34.24 -37.94
CA CYS C 386 4.82 32.87 -37.47
C CYS C 386 3.71 32.03 -38.08
N ARG C 387 4.03 31.31 -39.15
CA ARG C 387 3.08 30.40 -39.74
C ARG C 387 3.02 29.12 -38.93
N ILE C 388 1.89 28.43 -39.02
CA ILE C 388 1.68 27.16 -38.34
C ILE C 388 1.47 26.09 -39.39
N LYS C 389 1.80 24.86 -39.06
CA LYS C 389 1.61 23.73 -39.95
C LYS C 389 0.74 22.69 -39.27
N GLN C 390 -0.15 22.07 -40.03
CA GLN C 390 -1.03 21.06 -39.44
C GLN C 390 -0.28 19.78 -39.14
N ILE C 391 0.27 19.13 -40.18
CA ILE C 391 1.01 17.90 -39.98
C ILE C 391 2.36 18.21 -39.33
N ILE C 392 2.92 17.22 -38.66
CA ILE C 392 4.17 17.40 -37.93
C ILE C 392 4.77 16.02 -37.68
N ASN C 393 6.09 15.93 -37.81
CA ASN C 393 6.82 14.73 -37.41
C ASN C 393 7.76 15.14 -36.29
N MET C 394 7.37 14.85 -35.06
CA MET C 394 8.15 15.25 -33.92
C MET C 394 9.41 14.40 -33.80
N TRP C 395 10.36 14.90 -33.02
CA TRP C 395 11.61 14.19 -32.73
C TRP C 395 12.41 13.90 -33.98
N GLN C 396 12.27 14.73 -35.00
CA GLN C 396 13.08 14.61 -36.21
C GLN C 396 12.96 13.23 -36.82
N ARG C 397 11.81 12.59 -36.64
CA ARG C 397 11.67 11.18 -36.98
C ARG C 397 11.58 10.98 -38.49
N ILE C 398 11.76 9.73 -38.87
CA ILE C 398 11.55 9.26 -40.24
C ILE C 398 10.34 8.35 -40.24
N GLY C 399 9.39 8.61 -41.13
CA GLY C 399 8.15 7.86 -41.11
C GLY C 399 7.03 8.52 -40.34
N GLN C 400 6.85 8.14 -39.08
CA GLN C 400 5.68 8.53 -38.30
C GLN C 400 5.51 10.05 -38.29
N ALA C 401 4.26 10.50 -38.35
CA ALA C 401 3.96 11.92 -38.30
C ALA C 401 2.56 12.12 -37.74
N MET C 402 2.39 13.20 -36.99
CA MET C 402 1.14 13.45 -36.28
C MET C 402 0.19 14.26 -37.19
N TYR C 403 -0.93 14.69 -36.63
CA TYR C 403 -1.89 15.47 -37.41
C TYR C 403 -2.24 16.80 -36.74
N ALA C 404 -2.17 16.86 -35.41
CA ALA C 404 -2.53 18.07 -34.67
C ALA C 404 -3.94 18.55 -35.01
N PRO C 405 -4.96 17.90 -34.49
CA PRO C 405 -6.34 18.33 -34.77
C PRO C 405 -6.58 19.77 -34.33
N PRO C 406 -7.40 20.50 -35.06
CA PRO C 406 -7.55 21.94 -34.79
C PRO C 406 -8.29 22.22 -33.51
N ILE C 407 -8.11 23.44 -33.01
CA ILE C 407 -8.84 23.94 -31.85
C ILE C 407 -9.59 25.20 -32.28
N GLN C 408 -10.83 25.33 -31.81
CA GLN C 408 -11.66 26.46 -32.21
C GLN C 408 -11.22 27.74 -31.55
N GLY C 409 -11.58 28.86 -32.17
CA GLY C 409 -11.31 30.17 -31.61
C GLY C 409 -9.85 30.57 -31.75
N VAL C 410 -9.49 31.56 -30.94
CA VAL C 410 -8.13 32.09 -30.93
C VAL C 410 -7.39 31.53 -29.72
N ILE C 411 -6.07 31.66 -29.73
CA ILE C 411 -5.24 31.29 -28.59
C ILE C 411 -4.08 32.26 -28.49
N ARG C 412 -3.88 32.80 -27.30
CA ARG C 412 -2.78 33.69 -26.99
C ARG C 412 -2.02 33.12 -25.81
N CYS C 413 -0.69 33.15 -25.90
CA CYS C 413 0.10 32.59 -24.82
C CYS C 413 1.47 33.24 -24.77
N VAL C 414 1.99 33.38 -23.56
CA VAL C 414 3.28 34.00 -23.29
C VAL C 414 3.88 33.52 -21.98
N SER C 415 5.00 32.79 -22.04
CA SER C 415 5.71 32.64 -20.79
C SER C 415 7.18 33.12 -20.80
N ASN C 416 8.07 32.53 -21.58
CA ASN C 416 9.47 32.76 -21.23
C ASN C 416 10.40 32.50 -22.40
N ILE C 417 11.58 33.11 -22.33
CA ILE C 417 12.69 32.94 -23.27
C ILE C 417 13.96 32.70 -22.46
N THR C 418 13.85 31.95 -21.36
CA THR C 418 14.94 31.88 -20.38
C THR C 418 16.27 31.44 -20.99
N GLY C 419 16.27 30.58 -22.02
CA GLY C 419 17.50 30.02 -22.52
C GLY C 419 17.61 30.13 -24.02
N LEU C 420 18.86 30.05 -24.49
CA LEU C 420 19.17 30.22 -25.90
C LEU C 420 20.17 29.16 -26.34
N ILE C 421 20.05 28.72 -27.60
CA ILE C 421 20.95 27.74 -28.18
C ILE C 421 21.65 28.38 -29.37
N LEU C 422 22.98 28.36 -29.34
CA LEU C 422 23.79 29.00 -30.37
C LEU C 422 24.80 28.00 -30.93
N THR C 423 25.17 28.19 -32.19
CA THR C 423 26.14 27.34 -32.85
C THR C 423 27.15 28.20 -33.57
N ARG C 424 28.43 28.04 -33.25
CA ARG C 424 29.47 28.88 -33.80
C ARG C 424 29.64 28.64 -35.30
N ASP C 425 30.64 29.28 -35.89
CA ASP C 425 30.97 29.05 -37.28
C ASP C 425 32.46 29.30 -37.53
N THR C 435 30.24 32.69 -32.17
CA THR C 435 29.02 32.14 -31.60
C THR C 435 27.91 32.20 -32.63
N PHE C 436 27.53 33.42 -33.00
CA PHE C 436 26.84 33.68 -34.26
C PHE C 436 25.51 32.94 -34.29
N ARG C 437 25.26 32.04 -35.24
CA ARG C 437 23.91 31.64 -35.61
C ARG C 437 23.31 30.67 -34.59
N PRO C 438 21.99 30.68 -34.41
CA PRO C 438 21.34 29.72 -33.53
C PRO C 438 20.74 28.53 -34.26
N GLY C 439 20.88 27.33 -33.70
CA GLY C 439 20.05 26.20 -34.08
C GLY C 439 20.26 25.01 -33.17
N GLY C 440 19.20 24.51 -32.55
CA GLY C 440 19.36 23.39 -31.64
C GLY C 440 18.98 22.06 -32.25
N GLY C 441 17.78 21.98 -32.79
CA GLY C 441 17.32 20.85 -33.55
C GLY C 441 17.44 19.48 -32.92
N ASP C 442 17.82 19.42 -31.64
CA ASP C 442 18.01 18.13 -30.98
C ASP C 442 17.54 18.27 -29.54
N MET C 443 16.29 17.89 -29.30
CA MET C 443 15.68 18.12 -28.00
C MET C 443 16.43 17.46 -26.85
N ARG C 444 17.50 16.72 -27.12
CA ARG C 444 18.34 16.25 -26.02
C ARG C 444 19.09 17.39 -25.39
N ASP C 445 19.47 18.40 -26.17
CA ASP C 445 20.21 19.54 -25.62
C ASP C 445 19.34 20.37 -24.69
N ASN C 446 18.04 20.45 -25.00
CA ASN C 446 17.13 21.24 -24.16
C ASN C 446 17.18 20.78 -22.71
N TRP C 447 17.05 19.47 -22.49
CA TRP C 447 16.98 18.92 -21.14
C TRP C 447 18.34 18.87 -20.46
N ARG C 448 19.43 19.14 -21.18
CA ARG C 448 20.72 19.20 -20.53
C ARG C 448 20.96 20.53 -19.83
N SER C 449 19.98 21.44 -19.86
CA SER C 449 20.08 22.66 -19.06
C SER C 449 19.41 22.47 -17.71
N GLU C 450 18.21 21.86 -17.69
CA GLU C 450 17.50 21.64 -16.44
C GLU C 450 18.18 20.58 -15.59
N LEU C 451 18.80 19.58 -16.22
CA LEU C 451 19.53 18.54 -15.51
C LEU C 451 21.01 18.86 -15.42
N TYR C 452 21.36 20.13 -15.43
CA TYR C 452 22.77 20.52 -15.46
C TYR C 452 23.50 20.19 -14.17
N LYS C 453 22.79 19.88 -13.09
CA LYS C 453 23.38 19.74 -11.77
C LYS C 453 22.77 18.57 -11.02
N TYR C 454 22.77 17.39 -11.64
CA TYR C 454 22.26 16.20 -10.98
C TYR C 454 22.99 14.99 -11.55
N LYS C 455 23.69 14.25 -10.70
CA LYS C 455 24.31 13.02 -11.16
C LYS C 455 24.01 11.92 -10.16
N VAL C 456 23.23 10.92 -10.58
CA VAL C 456 22.84 9.85 -9.66
C VAL C 456 24.09 9.16 -9.13
N VAL C 457 24.05 8.81 -7.86
CA VAL C 457 25.21 8.29 -7.16
C VAL C 457 24.81 7.10 -6.31
N LYS C 458 25.59 6.02 -6.39
CA LYS C 458 25.38 4.82 -5.58
C LYS C 458 26.41 4.79 -4.47
N ILE C 459 25.94 4.71 -3.23
CA ILE C 459 26.82 4.76 -2.07
C ILE C 459 27.50 3.41 -1.89
N GLU C 460 28.77 3.44 -1.50
CA GLU C 460 29.56 2.22 -1.35
C GLU C 460 30.31 2.27 -0.03
N PRO C 461 29.66 1.88 1.06
CA PRO C 461 30.23 2.13 2.39
C PRO C 461 31.50 1.37 2.71
N LEU C 462 31.92 0.41 1.90
CA LEU C 462 33.18 -0.25 2.17
C LEU C 462 34.35 0.68 1.92
N GLY C 463 35.53 0.23 2.32
CA GLY C 463 36.74 0.97 2.06
C GLY C 463 37.96 0.16 2.42
N VAL C 464 39.10 0.49 1.82
CA VAL C 464 40.35 -0.20 2.05
C VAL C 464 41.47 0.83 2.12
N ALA C 465 42.41 0.63 3.03
CA ALA C 465 43.54 1.55 3.19
C ALA C 465 44.67 0.86 3.94
N PRO C 466 45.92 1.12 3.57
CA PRO C 466 47.04 0.53 4.31
C PRO C 466 47.22 1.17 5.68
N THR C 467 47.84 0.43 6.59
CA THR C 467 47.99 0.86 7.97
C THR C 467 49.14 0.08 8.59
N ARG C 468 49.74 0.66 9.63
CA ARG C 468 50.77 -0.01 10.41
C ARG C 468 50.08 -0.86 11.48
N CYS C 469 49.63 -2.04 11.07
CA CYS C 469 49.00 -2.99 11.97
C CYS C 469 49.37 -4.40 11.52
N LYS C 470 49.10 -5.38 12.39
CA LYS C 470 49.51 -6.74 12.13
C LYS C 470 48.45 -7.79 12.44
N ARG C 471 47.24 -7.37 12.83
CA ARG C 471 46.16 -8.29 13.17
C ARG C 471 46.59 -9.30 14.22
N ARG C 472 46.79 -10.55 13.82
CA ARG C 472 47.16 -11.61 14.75
C ARG C 472 48.58 -11.43 15.27
N GLN D 1 -11.99 -35.13 19.95
CA GLN D 1 -12.35 -34.24 21.06
C GLN D 1 -13.55 -33.39 20.68
N VAL D 2 -13.84 -33.31 19.38
CA VAL D 2 -15.01 -32.58 18.92
C VAL D 2 -16.26 -33.33 19.35
N GLN D 3 -17.11 -32.68 20.15
CA GLN D 3 -18.26 -33.34 20.71
C GLN D 3 -19.42 -32.36 20.73
N LEU D 4 -20.63 -32.90 20.80
CA LEU D 4 -21.84 -32.10 20.95
C LEU D 4 -22.48 -32.48 22.27
N VAL D 5 -22.06 -31.81 23.34
CA VAL D 5 -22.64 -32.07 24.65
C VAL D 5 -24.10 -31.64 24.66
N GLN D 6 -24.89 -32.26 25.52
CA GLN D 6 -26.32 -32.04 25.54
C GLN D 6 -26.79 -31.87 26.98
N SER D 7 -28.04 -31.44 27.13
CA SER D 7 -28.69 -31.43 28.42
C SER D 7 -29.18 -32.84 28.77
N GLY D 8 -29.53 -33.03 30.03
CA GLY D 8 -29.97 -34.31 30.50
C GLY D 8 -31.35 -34.68 29.97
N ALA D 9 -31.81 -35.87 30.36
CA ALA D 9 -33.12 -36.34 29.98
C ALA D 9 -34.20 -35.48 30.64
N GLU D 10 -35.37 -35.44 30.01
CA GLU D 10 -36.47 -34.60 30.48
C GLU D 10 -37.76 -35.40 30.54
N VAL D 11 -38.59 -35.05 31.51
CA VAL D 11 -39.94 -35.59 31.64
C VAL D 11 -40.89 -34.39 31.68
N LYS D 12 -41.88 -34.38 30.81
CA LYS D 12 -42.78 -33.25 30.70
C LYS D 12 -44.23 -33.71 30.60
N LYS D 13 -45.12 -32.93 31.20
CA LYS D 13 -46.54 -33.20 31.10
C LYS D 13 -47.03 -32.86 29.69
N PRO D 14 -47.92 -33.67 29.12
CA PRO D 14 -48.43 -33.37 27.77
C PRO D 14 -49.11 -32.00 27.73
N GLY D 15 -48.97 -31.34 26.58
CA GLY D 15 -49.47 -29.99 26.40
C GLY D 15 -48.48 -28.91 26.75
N ALA D 16 -47.33 -29.24 27.31
CA ALA D 16 -46.32 -28.26 27.67
C ALA D 16 -45.33 -28.08 26.51
N SER D 17 -44.23 -27.39 26.78
CA SER D 17 -43.17 -27.20 25.79
C SER D 17 -41.84 -27.62 26.42
N VAL D 18 -40.90 -28.03 25.56
CA VAL D 18 -39.62 -28.56 25.99
C VAL D 18 -38.51 -27.73 25.35
N LYS D 19 -37.45 -27.50 26.12
CA LYS D 19 -36.25 -26.85 25.62
C LYS D 19 -35.07 -27.80 25.78
N VAL D 20 -34.34 -28.04 24.70
CA VAL D 20 -33.16 -28.88 24.70
C VAL D 20 -31.99 -28.09 24.13
N SER D 21 -30.81 -28.26 24.72
CA SER D 21 -29.65 -27.45 24.39
C SER D 21 -28.50 -28.32 23.91
N CYS D 22 -27.70 -27.77 23.00
CA CYS D 22 -26.49 -28.41 22.53
C CYS D 22 -25.40 -27.37 22.40
N LYS D 23 -24.22 -27.71 22.91
CA LYS D 23 -23.10 -26.78 23.01
C LYS D 23 -21.90 -27.35 22.27
N ALA D 24 -21.12 -26.46 21.65
CA ALA D 24 -19.91 -26.88 20.96
C ALA D 24 -18.88 -27.41 21.96
N SER D 25 -17.82 -27.99 21.42
CA SER D 25 -16.76 -28.59 22.22
C SER D 25 -15.39 -28.20 21.68
N GLY D 26 -15.18 -26.90 21.46
CA GLY D 26 -13.88 -26.42 21.06
C GLY D 26 -13.83 -25.81 19.68
N PHE D 27 -14.98 -25.35 19.20
CA PHE D 27 -15.05 -24.69 17.90
C PHE D 27 -16.22 -23.73 17.90
N THR D 28 -16.15 -22.74 17.02
CA THR D 28 -17.28 -21.85 16.81
C THR D 28 -18.19 -22.45 15.75
N PHE D 29 -19.29 -21.76 15.47
CA PHE D 29 -20.19 -22.22 14.42
C PHE D 29 -19.49 -22.19 13.07
N GLY D 30 -18.70 -21.16 12.81
CA GLY D 30 -17.99 -21.09 11.54
C GLY D 30 -18.97 -21.10 10.40
N ARG D 31 -18.85 -22.11 9.54
CA ARG D 31 -19.79 -22.31 8.44
C ARG D 31 -20.58 -23.59 8.59
N TYR D 32 -20.37 -24.36 9.67
CA TYR D 32 -21.11 -25.59 9.85
C TYR D 32 -22.59 -25.31 10.07
N SER D 33 -23.36 -26.38 10.15
CA SER D 33 -24.77 -26.28 10.44
C SER D 33 -25.11 -27.19 11.62
N PHE D 34 -26.37 -27.23 11.98
CA PHE D 34 -26.85 -28.12 13.03
C PHE D 34 -28.25 -28.61 12.69
N THR D 35 -28.54 -29.82 13.14
CA THR D 35 -29.80 -30.48 12.83
C THR D 35 -30.23 -31.31 14.03
N TRP D 36 -31.52 -31.63 14.06
CA TRP D 36 -32.12 -32.34 15.17
C TRP D 36 -32.90 -33.53 14.64
N VAL D 37 -32.67 -34.69 15.23
CA VAL D 37 -33.34 -35.92 14.83
C VAL D 37 -33.86 -36.62 16.07
N ARG D 38 -35.11 -37.06 16.03
CA ARG D 38 -35.71 -37.75 17.16
C ARG D 38 -35.95 -39.21 16.81
N GLN D 39 -35.85 -40.08 17.82
CA GLN D 39 -35.99 -41.52 17.66
C GLN D 39 -36.92 -42.04 18.74
N ALA D 40 -38.09 -42.51 18.34
CA ALA D 40 -39.00 -43.13 19.30
C ALA D 40 -38.40 -44.47 19.76
N PRO D 41 -38.56 -44.82 21.02
CA PRO D 41 -37.99 -46.08 21.51
C PRO D 41 -38.57 -47.27 20.77
N GLY D 42 -37.71 -48.22 20.43
CA GLY D 42 -38.13 -49.35 19.62
C GLY D 42 -38.69 -48.94 18.27
N GLN D 43 -38.09 -47.94 17.65
CA GLN D 43 -38.62 -47.41 16.40
C GLN D 43 -37.50 -46.70 15.65
N GLY D 44 -37.61 -46.73 14.32
CA GLY D 44 -36.65 -46.03 13.49
C GLY D 44 -36.75 -44.54 13.67
N LEU D 45 -35.59 -43.89 13.75
CA LEU D 45 -35.55 -42.45 13.99
C LEU D 45 -36.19 -41.68 12.84
N GLU D 46 -36.44 -40.39 13.10
CA GLU D 46 -37.18 -39.53 12.19
C GLU D 46 -36.63 -38.12 12.29
N TRP D 47 -36.84 -37.33 11.24
CA TRP D 47 -36.25 -36.00 11.20
C TRP D 47 -37.12 -35.00 11.97
N VAL D 48 -36.47 -33.91 12.40
CA VAL D 48 -37.14 -32.86 13.15
C VAL D 48 -36.92 -31.49 12.53
N GLY D 49 -35.67 -31.08 12.39
CA GLY D 49 -35.41 -29.73 11.91
C GLY D 49 -33.95 -29.50 11.59
N VAL D 50 -33.63 -28.25 11.24
CA VAL D 50 -32.28 -27.86 10.87
C VAL D 50 -32.16 -26.35 10.97
N ILE D 51 -30.97 -25.88 11.31
CA ILE D 51 -30.67 -24.45 11.34
C ILE D 51 -29.23 -24.24 10.92
N VAL D 52 -28.97 -23.09 10.30
CA VAL D 52 -27.62 -22.68 9.93
C VAL D 52 -27.30 -21.39 10.68
N PRO D 53 -26.52 -21.46 11.75
CA PRO D 53 -26.24 -20.24 12.53
C PRO D 53 -25.52 -19.16 11.76
N LEU D 54 -24.82 -19.50 10.68
CA LEU D 54 -24.09 -18.47 9.94
C LEU D 54 -25.02 -17.43 9.33
N VAL D 55 -26.13 -17.88 8.75
CA VAL D 55 -27.07 -16.97 8.11
C VAL D 55 -28.41 -16.90 8.82
N GLY D 56 -28.60 -17.70 9.87
CA GLY D 56 -29.85 -17.67 10.61
C GLY D 56 -31.05 -18.14 9.82
N VAL D 57 -30.86 -19.09 8.92
CA VAL D 57 -31.94 -19.67 8.15
C VAL D 57 -32.39 -20.94 8.85
N THR D 58 -33.64 -21.32 8.65
CA THR D 58 -34.21 -22.46 9.34
C THR D 58 -35.12 -23.26 8.41
N ASN D 59 -35.43 -24.46 8.86
CA ASN D 59 -36.42 -25.31 8.21
C ASN D 59 -36.78 -26.42 9.17
N SER D 60 -37.87 -27.12 8.88
CA SER D 60 -38.33 -28.18 9.75
C SER D 60 -39.23 -29.12 8.96
N ALA D 61 -39.47 -30.29 9.55
CA ALA D 61 -40.35 -31.26 8.92
C ALA D 61 -41.78 -30.75 8.86
N LYS D 62 -42.51 -31.21 7.85
CA LYS D 62 -43.90 -30.79 7.70
C LYS D 62 -44.76 -31.23 8.88
N LYS D 63 -44.45 -32.40 9.46
CA LYS D 63 -45.25 -32.91 10.56
C LYS D 63 -45.18 -31.98 11.77
N PHE D 64 -44.03 -31.35 11.99
CA PHE D 64 -43.81 -30.49 13.15
C PHE D 64 -43.91 -29.02 12.79
N GLN D 65 -44.50 -28.70 11.64
CA GLN D 65 -44.68 -27.32 11.23
C GLN D 65 -45.48 -26.55 12.28
N GLY D 66 -44.98 -25.37 12.63
CA GLY D 66 -45.65 -24.55 13.63
C GLY D 66 -45.58 -25.07 15.04
N ARG D 67 -44.84 -26.15 15.27
CA ARG D 67 -44.69 -26.71 16.60
C ARG D 67 -43.26 -26.65 17.12
N VAL D 68 -42.29 -26.34 16.28
CA VAL D 68 -40.88 -26.39 16.64
C VAL D 68 -40.29 -25.00 16.45
N THR D 69 -39.48 -24.57 17.41
CA THR D 69 -38.74 -23.32 17.31
C THR D 69 -37.26 -23.64 17.45
N ILE D 70 -36.48 -23.24 16.47
CA ILE D 70 -35.06 -23.56 16.42
C ILE D 70 -34.28 -22.26 16.61
N THR D 71 -33.43 -22.23 17.62
CA THR D 71 -32.72 -21.02 18.00
C THR D 71 -31.23 -21.27 18.06
N ALA D 72 -30.45 -20.20 17.93
CA ALA D 72 -29.00 -20.29 17.99
C ALA D 72 -28.42 -19.03 18.60
N ASP D 73 -27.24 -19.16 19.19
CA ASP D 73 -26.52 -18.05 19.79
C ASP D 73 -25.05 -18.16 19.40
N THR D 74 -24.54 -17.18 18.66
CA THR D 74 -23.15 -17.18 18.26
C THR D 74 -22.20 -16.83 19.39
N SER D 75 -22.72 -16.28 20.49
CA SER D 75 -21.85 -15.88 21.59
C SER D 75 -21.28 -17.08 22.33
N THR D 76 -22.14 -18.06 22.65
CA THR D 76 -21.76 -19.17 23.50
C THR D 76 -21.76 -20.51 22.78
N ASN D 77 -21.85 -20.50 21.44
CA ASN D 77 -21.73 -21.72 20.64
C ASN D 77 -22.77 -22.76 21.04
N THR D 78 -24.01 -22.32 21.23
CA THR D 78 -25.08 -23.20 21.64
C THR D 78 -26.28 -23.05 20.70
N VAL D 79 -26.97 -24.17 20.48
CA VAL D 79 -28.21 -24.18 19.72
C VAL D 79 -29.28 -24.84 20.58
N TYR D 80 -30.42 -24.17 20.71
CA TYR D 80 -31.52 -24.65 21.53
C TYR D 80 -32.71 -24.94 20.63
N MET D 81 -33.39 -26.06 20.90
CA MET D 81 -34.60 -26.42 20.19
C MET D 81 -35.78 -26.34 21.12
N ASP D 82 -36.81 -25.58 20.71
CA ASP D 82 -38.01 -25.39 21.50
C ASP D 82 -39.17 -26.04 20.77
N LEU D 83 -39.57 -27.23 21.22
CA LEU D 83 -40.71 -27.94 20.68
C LEU D 83 -41.92 -27.64 21.54
N SER D 84 -43.03 -27.29 20.89
CA SER D 84 -44.25 -26.89 21.58
C SER D 84 -45.31 -27.97 21.48
N SER D 85 -46.19 -28.00 22.48
CA SER D 85 -47.34 -28.90 22.50
C SER D 85 -46.91 -30.36 22.41
N LEU D 86 -46.19 -30.80 23.45
CA LEU D 86 -45.78 -32.19 23.53
C LEU D 86 -46.97 -33.09 23.78
N ARG D 87 -46.94 -34.27 23.16
CA ARG D 87 -47.94 -35.31 23.41
C ARG D 87 -47.20 -36.64 23.50
N SER D 88 -47.98 -37.73 23.57
CA SER D 88 -47.38 -39.05 23.58
C SER D 88 -46.66 -39.37 22.29
N GLU D 89 -47.04 -38.73 21.19
CA GLU D 89 -46.38 -38.96 19.91
C GLU D 89 -44.94 -38.48 19.91
N ASP D 90 -44.57 -37.60 20.83
CA ASP D 90 -43.23 -37.03 20.86
C ASP D 90 -42.36 -37.64 21.94
N THR D 91 -42.77 -38.75 22.54
CA THR D 91 -41.94 -39.46 23.51
C THR D 91 -40.79 -40.12 22.77
N ALA D 92 -39.66 -39.43 22.70
CA ALA D 92 -38.54 -39.93 21.89
C ALA D 92 -37.26 -39.30 22.40
N VAL D 93 -36.13 -39.87 21.98
CA VAL D 93 -34.82 -39.35 22.27
C VAL D 93 -34.43 -38.40 21.16
N TYR D 94 -33.95 -37.22 21.52
CA TYR D 94 -33.68 -36.16 20.55
C TYR D 94 -32.20 -35.88 20.47
N TYR D 95 -31.59 -36.29 19.35
CA TYR D 95 -30.18 -36.05 19.08
C TYR D 95 -30.01 -34.72 18.37
N CYS D 96 -28.89 -34.06 18.61
CA CYS D 96 -28.47 -32.94 17.80
C CYS D 96 -27.20 -33.33 17.07
N ALA D 97 -27.24 -33.25 15.74
CA ALA D 97 -26.15 -33.73 14.90
C ALA D 97 -25.55 -32.59 14.13
N ARG D 98 -24.23 -32.57 14.05
CA ARG D 98 -23.51 -31.61 13.25
C ARG D 98 -23.62 -32.00 11.77
N VAL D 99 -23.48 -31.00 10.90
CA VAL D 99 -23.58 -31.21 9.46
C VAL D 99 -22.45 -30.47 8.78
N GLY D 100 -21.72 -31.17 7.92
CA GLY D 100 -20.74 -30.55 7.06
C GLY D 100 -19.32 -30.73 7.53
N ASP D 101 -18.45 -29.85 7.06
CA ASP D 101 -17.05 -29.86 7.42
C ASP D 101 -16.55 -28.41 7.39
N ARG D 102 -15.23 -28.24 7.41
CA ARG D 102 -14.62 -26.92 7.57
C ARG D 102 -15.11 -25.90 6.55
N PHE D 103 -15.87 -26.30 5.54
CA PHE D 103 -16.37 -25.38 4.54
C PHE D 103 -17.89 -25.38 4.44
N GLY D 104 -18.57 -26.13 5.28
CA GLY D 104 -20.00 -26.29 5.15
C GLY D 104 -20.42 -27.01 3.90
N SER D 105 -19.47 -27.66 3.22
CA SER D 105 -19.71 -28.20 1.90
C SER D 105 -20.41 -29.55 1.93
N GLY D 106 -20.63 -30.14 3.09
CA GLY D 106 -21.23 -31.45 3.19
C GLY D 106 -22.74 -31.40 3.34
N TYR D 107 -23.34 -32.57 3.40
CA TYR D 107 -24.74 -32.72 3.71
C TYR D 107 -25.02 -33.77 4.78
N ALA D 108 -24.04 -34.57 5.16
CA ALA D 108 -24.25 -35.71 6.04
C ALA D 108 -24.45 -35.25 7.48
N MET D 109 -24.57 -36.23 8.38
CA MET D 109 -24.78 -35.99 9.81
C MET D 109 -23.70 -36.80 10.52
N ASP D 110 -22.49 -36.25 10.61
CA ASP D 110 -21.38 -37.09 11.04
C ASP D 110 -21.20 -37.08 12.56
N VAL D 111 -21.04 -35.91 13.15
CA VAL D 111 -20.81 -35.79 14.59
C VAL D 111 -22.15 -35.72 15.29
N TRP D 112 -22.39 -36.62 16.24
CA TRP D 112 -23.66 -36.71 16.92
C TRP D 112 -23.48 -36.50 18.41
N GLY D 113 -24.43 -35.80 19.01
CA GLY D 113 -24.45 -35.69 20.45
C GLY D 113 -24.90 -37.00 21.09
N ARG D 114 -24.78 -37.05 22.41
CA ARG D 114 -25.13 -38.27 23.13
C ARG D 114 -26.61 -38.61 22.97
N GLY D 115 -27.48 -37.61 23.07
CA GLY D 115 -28.90 -37.87 22.96
C GLY D 115 -29.62 -37.46 24.22
N ALA D 116 -30.64 -36.63 24.06
CA ALA D 116 -31.50 -36.20 25.16
C ALA D 116 -32.83 -36.94 25.06
N LEU D 117 -33.25 -37.54 26.17
CA LEU D 117 -34.46 -38.35 26.22
C LEU D 117 -35.58 -37.52 26.84
N VAL D 118 -36.59 -37.22 26.05
CA VAL D 118 -37.73 -36.42 26.48
C VAL D 118 -38.92 -37.35 26.65
N THR D 119 -39.47 -37.40 27.87
CA THR D 119 -40.57 -38.29 28.20
C THR D 119 -41.84 -37.47 28.41
N VAL D 120 -42.92 -37.90 27.78
CA VAL D 120 -44.23 -37.27 27.94
C VAL D 120 -45.15 -38.30 28.59
N SER D 121 -45.59 -38.02 29.81
CA SER D 121 -46.40 -38.96 30.56
C SER D 121 -47.47 -38.21 31.34
N SER D 122 -48.56 -38.92 31.64
CA SER D 122 -49.65 -38.34 32.40
C SER D 122 -49.84 -39.06 33.72
N GLN E 1 12.97 29.44 26.22
CA GLN E 1 11.52 29.32 26.31
C GLN E 1 10.84 30.23 25.30
N VAL E 2 9.67 29.80 24.82
CA VAL E 2 8.93 30.60 23.85
C VAL E 2 8.44 31.89 24.50
N GLN E 3 8.31 32.92 23.69
CA GLN E 3 7.85 34.23 24.15
C GLN E 3 7.34 35.01 22.95
N LEU E 4 6.79 36.19 23.23
CA LEU E 4 6.24 37.06 22.19
C LEU E 4 6.94 38.42 22.30
N VAL E 5 7.57 38.84 21.20
CA VAL E 5 8.27 40.12 21.14
C VAL E 5 7.45 41.08 20.29
N GLN E 6 7.23 42.28 20.83
CA GLN E 6 6.40 43.29 20.19
C GLN E 6 7.26 44.41 19.63
N SER E 7 6.67 45.17 18.71
CA SER E 7 7.38 46.28 18.09
C SER E 7 7.61 47.40 19.10
N GLY E 8 8.39 48.40 18.68
CA GLY E 8 8.75 49.49 19.56
C GLY E 8 7.62 50.48 19.77
N ALA E 9 7.86 51.41 20.69
CA ALA E 9 6.88 52.44 21.00
C ALA E 9 6.75 53.41 19.84
N GLU E 10 5.53 53.91 19.65
CA GLU E 10 5.23 54.84 18.57
C GLU E 10 4.47 56.04 19.11
N VAL E 11 4.67 57.19 18.47
CA VAL E 11 3.92 58.40 18.77
C VAL E 11 3.17 58.80 17.51
N LYS E 12 1.86 58.93 17.62
CA LYS E 12 1.00 59.22 16.47
C LYS E 12 0.14 60.44 16.77
N LYS E 13 -0.10 61.24 15.74
CA LYS E 13 -0.99 62.37 15.86
C LYS E 13 -2.44 61.89 15.95
N PRO E 14 -3.31 62.65 16.59
CA PRO E 14 -4.72 62.24 16.69
C PRO E 14 -5.35 62.09 15.31
N GLY E 15 -6.20 61.07 15.17
CA GLY E 15 -6.84 60.78 13.92
C GLY E 15 -6.01 59.98 12.94
N ALA E 16 -4.77 59.65 13.29
CA ALA E 16 -3.91 58.88 12.40
C ALA E 16 -4.18 57.39 12.56
N SER E 17 -3.33 56.56 11.97
CA SER E 17 -3.43 55.11 12.09
C SER E 17 -2.06 54.55 12.43
N VAL E 18 -2.06 53.46 13.21
CA VAL E 18 -0.83 52.82 13.63
C VAL E 18 -0.95 51.32 13.37
N LYS E 19 0.12 50.72 12.89
CA LYS E 19 0.22 49.27 12.75
C LYS E 19 1.24 48.76 13.75
N VAL E 20 0.83 47.83 14.61
CA VAL E 20 1.70 47.20 15.59
C VAL E 20 1.68 45.71 15.35
N SER E 21 2.86 45.11 15.26
CA SER E 21 3.01 43.69 14.98
C SER E 21 3.90 43.04 16.03
N CYS E 22 3.67 41.75 16.26
CA CYS E 22 4.53 40.98 17.15
C CYS E 22 4.74 39.60 16.56
N LYS E 23 5.99 39.17 16.55
CA LYS E 23 6.38 37.91 15.92
C LYS E 23 6.59 36.84 16.98
N ALA E 24 6.19 35.62 16.65
CA ALA E 24 6.41 34.49 17.54
C ALA E 24 7.91 34.22 17.68
N SER E 25 8.29 33.71 18.84
CA SER E 25 9.69 33.38 19.14
C SER E 25 9.75 31.98 19.71
N GLY E 26 10.33 31.06 18.95
CA GLY E 26 10.48 29.69 19.39
C GLY E 26 9.27 28.80 19.18
N PHE E 27 8.24 29.27 18.47
CA PHE E 27 7.05 28.47 18.28
C PHE E 27 6.33 28.93 17.02
N THR E 28 5.44 28.08 16.54
CA THR E 28 4.62 28.34 15.36
C THR E 28 3.19 28.65 15.79
N PHE E 29 2.34 28.96 14.81
CA PHE E 29 0.93 29.20 15.10
C PHE E 29 0.24 27.93 15.56
N GLY E 30 0.50 26.82 14.87
CA GLY E 30 -0.06 25.53 15.29
C GLY E 30 -1.58 25.57 15.32
N ARG E 31 -2.16 25.06 16.41
CA ARG E 31 -3.58 25.17 16.68
C ARG E 31 -3.86 26.26 17.71
N TYR E 32 -2.88 27.12 17.97
CA TYR E 32 -3.02 28.18 18.94
C TYR E 32 -3.76 29.37 18.34
N SER E 33 -3.98 30.39 19.18
CA SER E 33 -4.55 31.64 18.75
C SER E 33 -3.85 32.77 19.48
N PHE E 34 -4.07 33.99 19.00
CA PHE E 34 -3.43 35.16 19.57
C PHE E 34 -4.49 36.20 19.90
N THR E 35 -4.23 37.00 20.92
CA THR E 35 -5.19 37.98 21.42
C THR E 35 -4.47 39.27 21.73
N TRP E 36 -5.10 40.39 21.39
CA TRP E 36 -4.56 41.72 21.65
C TRP E 36 -5.33 42.37 22.79
N VAL E 37 -4.61 42.93 23.74
CA VAL E 37 -5.21 43.61 24.89
C VAL E 37 -4.46 44.90 25.14
N ARG E 38 -5.19 45.98 25.38
CA ARG E 38 -4.62 47.28 25.67
C ARG E 38 -4.90 47.68 27.11
N GLN E 39 -4.06 48.56 27.64
CA GLN E 39 -4.22 49.09 28.98
C GLN E 39 -3.80 50.55 28.98
N ALA E 40 -4.73 51.43 29.31
CA ALA E 40 -4.41 52.84 29.42
C ALA E 40 -3.54 53.09 30.64
N PRO E 41 -2.63 54.06 30.57
CA PRO E 41 -1.81 54.40 31.75
C PRO E 41 -2.68 54.86 32.91
N GLY E 42 -2.55 54.17 34.04
CA GLY E 42 -3.39 54.43 35.18
C GLY E 42 -4.76 53.78 35.12
N GLN E 43 -5.00 52.91 34.15
CA GLN E 43 -6.28 52.23 34.00
C GLN E 43 -6.04 50.73 33.86
N GLY E 44 -7.11 49.97 33.96
CA GLY E 44 -7.04 48.53 33.96
C GLY E 44 -6.78 47.95 32.58
N LEU E 45 -7.06 46.65 32.47
CA LEU E 45 -6.88 45.95 31.21
C LEU E 45 -8.14 46.01 30.38
N GLU E 46 -7.98 46.09 29.07
CA GLU E 46 -9.11 46.16 28.14
C GLU E 46 -8.79 45.33 26.91
N TRP E 47 -9.62 44.32 26.65
CA TRP E 47 -9.41 43.46 25.50
C TRP E 47 -9.60 44.24 24.21
N VAL E 48 -8.74 43.96 23.23
CA VAL E 48 -8.79 44.59 21.93
C VAL E 48 -9.36 43.66 20.87
N GLY E 49 -8.73 42.52 20.65
CA GLY E 49 -9.19 41.61 19.62
C GLY E 49 -8.50 40.26 19.72
N VAL E 50 -8.99 39.33 18.90
CA VAL E 50 -8.49 37.96 18.90
C VAL E 50 -8.50 37.44 17.47
N ILE E 51 -7.49 36.66 17.13
CA ILE E 51 -7.39 36.02 15.82
C ILE E 51 -6.97 34.57 16.01
N VAL E 52 -7.57 33.67 15.24
CA VAL E 52 -7.28 32.24 15.30
C VAL E 52 -6.65 31.85 13.98
N PRO E 53 -5.32 31.65 13.92
CA PRO E 53 -4.68 31.35 12.63
C PRO E 53 -5.18 30.07 11.96
N LEU E 54 -5.63 29.08 12.73
CA LEU E 54 -6.06 27.83 12.10
C LEU E 54 -7.27 28.05 11.21
N VAL E 55 -8.23 28.87 11.66
CA VAL E 55 -9.44 29.13 10.89
C VAL E 55 -9.55 30.59 10.46
N GLY E 56 -8.61 31.44 10.86
CA GLY E 56 -8.57 32.81 10.35
C GLY E 56 -9.77 33.66 10.69
N VAL E 57 -10.22 33.60 11.94
CA VAL E 57 -11.39 34.37 12.38
C VAL E 57 -10.93 35.50 13.27
N THR E 58 -11.41 36.70 12.98
CA THR E 58 -11.08 37.89 13.76
C THR E 58 -12.35 38.39 14.46
N ASN E 59 -12.17 38.91 15.67
CA ASN E 59 -13.27 39.49 16.42
C ASN E 59 -12.72 40.50 17.41
N SER E 60 -13.56 41.49 17.74
CA SER E 60 -13.14 42.55 18.64
C SER E 60 -14.34 42.98 19.48
N ALA E 61 -14.11 43.95 20.36
CA ALA E 61 -15.16 44.46 21.21
C ALA E 61 -16.08 45.37 20.41
N LYS E 62 -17.25 45.66 21.01
CA LYS E 62 -18.25 46.46 20.33
C LYS E 62 -17.73 47.87 20.05
N LYS E 63 -17.04 48.48 21.01
CA LYS E 63 -16.58 49.85 20.84
C LYS E 63 -15.48 49.97 19.80
N PHE E 64 -14.86 48.87 19.40
CA PHE E 64 -13.76 48.88 18.45
C PHE E 64 -14.18 48.45 17.05
N GLN E 65 -15.48 48.34 16.79
CA GLN E 65 -15.95 47.93 15.48
C GLN E 65 -15.59 48.98 14.43
N GLY E 66 -15.09 48.53 13.28
CA GLY E 66 -14.74 49.42 12.20
C GLY E 66 -13.41 50.12 12.34
N ARG E 67 -12.74 49.99 13.49
CA ARG E 67 -11.44 50.59 13.71
C ARG E 67 -10.32 49.57 13.89
N VAL E 68 -10.64 48.28 13.93
CA VAL E 68 -9.66 47.22 14.16
C VAL E 68 -9.44 46.48 12.85
N THR E 69 -8.16 46.28 12.50
CA THR E 69 -7.78 45.51 11.33
C THR E 69 -6.65 44.58 11.76
N ILE E 70 -7.01 43.41 12.27
CA ILE E 70 -6.04 42.46 12.83
C ILE E 70 -5.87 41.30 11.86
N THR E 71 -4.62 40.89 11.67
CA THR E 71 -4.33 39.77 10.78
C THR E 71 -3.05 39.08 11.25
N ALA E 72 -2.90 37.83 10.81
CA ALA E 72 -1.73 37.04 11.13
C ALA E 72 -1.19 36.38 9.87
N ASP E 73 0.12 36.42 9.70
CA ASP E 73 0.79 35.82 8.55
C ASP E 73 1.56 34.59 9.05
N THR E 74 1.08 33.41 8.66
CA THR E 74 1.70 32.17 9.13
C THR E 74 3.11 31.99 8.60
N SER E 75 3.48 32.69 7.52
CA SER E 75 4.83 32.60 7.01
C SER E 75 5.85 33.13 8.02
N THR E 76 5.52 34.23 8.68
CA THR E 76 6.40 34.84 9.66
C THR E 76 5.97 34.61 11.10
N ASN E 77 4.88 33.88 11.32
CA ASN E 77 4.34 33.64 12.66
C ASN E 77 4.13 34.96 13.40
N THR E 78 3.63 35.94 12.68
CA THR E 78 3.47 37.30 13.20
C THR E 78 2.00 37.71 13.08
N VAL E 79 1.52 38.43 14.09
CA VAL E 79 0.16 38.94 14.11
C VAL E 79 0.22 40.45 13.93
N TYR E 80 -0.55 40.96 12.98
CA TYR E 80 -0.59 42.38 12.66
C TYR E 80 -1.98 42.92 12.96
N MET E 81 -2.04 44.04 13.69
CA MET E 81 -3.28 44.78 13.84
C MET E 81 -3.11 46.15 13.21
N ASP E 82 -4.22 46.74 12.79
CA ASP E 82 -4.22 48.12 12.33
C ASP E 82 -5.39 48.85 12.97
N LEU E 83 -5.09 49.96 13.65
CA LEU E 83 -6.09 50.75 14.34
C LEU E 83 -6.25 52.09 13.62
N SER E 84 -7.49 52.45 13.31
CA SER E 84 -7.81 53.67 12.60
C SER E 84 -8.45 54.68 13.54
N SER E 85 -8.31 55.96 13.19
CA SER E 85 -8.87 57.07 13.94
C SER E 85 -8.38 57.07 15.38
N LEU E 86 -7.06 57.20 15.52
CA LEU E 86 -6.45 57.25 16.83
C LEU E 86 -6.79 58.56 17.53
N ARG E 87 -6.90 58.50 18.85
CA ARG E 87 -7.27 59.67 19.64
C ARG E 87 -6.70 59.51 21.05
N SER E 88 -7.11 60.42 21.94
CA SER E 88 -6.53 60.45 23.29
C SER E 88 -6.82 59.18 24.07
N GLU E 89 -8.04 58.65 23.97
CA GLU E 89 -8.37 57.43 24.71
C GLU E 89 -7.59 56.23 24.20
N ASP E 90 -7.15 56.26 22.95
CA ASP E 90 -6.36 55.18 22.40
C ASP E 90 -4.92 55.16 22.90
N THR E 91 -4.47 56.22 23.59
CA THR E 91 -3.13 56.25 24.14
C THR E 91 -3.00 55.21 25.23
N ALA E 92 -2.31 54.11 24.94
CA ALA E 92 -2.21 52.98 25.86
C ALA E 92 -1.06 52.10 25.41
N VAL E 93 -0.80 51.07 26.21
CA VAL E 93 0.19 50.04 25.89
C VAL E 93 -0.56 48.80 25.42
N TYR E 94 -0.10 48.20 24.33
CA TYR E 94 -0.77 47.07 23.71
C TYR E 94 0.09 45.82 23.87
N TYR E 95 -0.54 44.72 24.28
CA TYR E 95 0.13 43.45 24.46
C TYR E 95 -0.58 42.38 23.65
N CYS E 96 0.19 41.62 22.88
CA CYS E 96 -0.31 40.43 22.20
C CYS E 96 0.03 39.21 23.03
N ALA E 97 -0.73 38.13 22.82
CA ALA E 97 -0.69 37.05 23.79
C ALA E 97 -0.89 35.70 23.11
N ARG E 98 -0.76 34.66 23.93
CA ARG E 98 -0.89 33.28 23.50
C ARG E 98 -2.06 32.64 24.22
N VAL E 99 -2.84 31.85 23.49
CA VAL E 99 -4.03 31.21 24.04
C VAL E 99 -4.10 29.78 23.54
N GLY E 100 -4.30 28.84 24.47
CA GLY E 100 -4.49 27.45 24.14
C GLY E 100 -3.47 26.57 24.82
N ASP E 101 -3.31 25.37 24.29
CA ASP E 101 -2.34 24.41 24.79
C ASP E 101 -1.79 23.63 23.61
N ARG E 102 -0.99 22.59 23.91
CA ARG E 102 -0.33 21.84 22.85
C ARG E 102 -1.32 21.25 21.87
N PHE E 103 -2.55 21.00 22.30
CA PHE E 103 -3.61 20.50 21.43
C PHE E 103 -4.72 21.52 21.24
N GLY E 104 -4.48 22.77 21.62
CA GLY E 104 -5.41 23.85 21.37
C GLY E 104 -6.44 24.07 22.46
N SER E 105 -6.63 23.09 23.35
CA SER E 105 -7.64 23.23 24.40
C SER E 105 -7.25 24.34 25.37
N GLY E 106 -8.26 24.94 25.97
CA GLY E 106 -8.04 25.99 26.94
C GLY E 106 -8.40 27.37 26.42
N TYR E 107 -9.58 27.86 26.80
CA TYR E 107 -9.98 29.21 26.42
C TYR E 107 -9.36 30.21 27.39
N ALA E 108 -8.04 30.18 27.53
CA ALA E 108 -7.36 31.01 28.50
C ALA E 108 -6.13 31.66 27.86
N MET E 109 -5.74 32.80 28.41
CA MET E 109 -4.54 33.50 27.99
C MET E 109 -3.54 33.44 29.13
N ASP E 110 -2.32 33.00 28.82
CA ASP E 110 -1.28 32.82 29.83
C ASP E 110 0.01 33.57 29.54
N VAL E 111 0.46 33.56 28.29
CA VAL E 111 1.71 34.21 27.93
C VAL E 111 1.46 35.68 27.64
N TRP E 112 2.46 36.51 27.92
CA TRP E 112 2.38 37.93 27.64
C TRP E 112 3.60 38.37 26.85
N GLY E 113 3.38 39.23 25.87
CA GLY E 113 4.48 39.87 25.18
C GLY E 113 5.07 40.98 26.01
N ARG E 114 6.19 41.52 25.53
CA ARG E 114 6.82 42.64 26.24
C ARG E 114 5.93 43.87 26.23
N GLY E 115 5.30 44.16 25.12
CA GLY E 115 4.38 45.28 25.07
C GLY E 115 4.90 46.41 24.20
N ALA E 116 3.96 47.20 23.67
CA ALA E 116 4.28 48.39 22.89
C ALA E 116 3.37 49.53 23.34
N LEU E 117 3.97 50.68 23.60
CA LEU E 117 3.22 51.86 24.04
C LEU E 117 2.99 52.78 22.85
N VAL E 118 1.72 53.10 22.62
CA VAL E 118 1.31 54.03 21.56
C VAL E 118 0.82 55.30 22.23
N THR E 119 1.48 56.42 21.95
CA THR E 119 1.13 57.71 22.52
C THR E 119 0.49 58.58 21.44
N VAL E 120 -0.70 59.09 21.72
CA VAL E 120 -1.44 59.92 20.78
C VAL E 120 -1.49 61.33 21.35
N SER E 121 -0.91 62.28 20.63
CA SER E 121 -0.89 63.67 21.04
C SER E 121 -0.65 64.55 19.81
N SER E 122 -1.24 65.74 19.83
CA SER E 122 -1.10 66.68 18.73
C SER E 122 0.11 67.58 18.93
N SER F 2 -22.27 40.39 31.68
CA SER F 2 -21.22 40.76 30.75
C SER F 2 -20.35 41.88 31.33
N ALA F 3 -20.73 42.34 32.52
CA ALA F 3 -19.98 43.38 33.24
C ALA F 3 -19.54 42.84 34.59
N LEU F 4 -18.30 43.11 34.96
CA LEU F 4 -17.70 42.58 36.18
C LEU F 4 -17.42 43.71 37.16
N THR F 5 -17.79 43.48 38.41
CA THR F 5 -17.59 44.43 39.50
C THR F 5 -16.46 43.96 40.39
N GLN F 6 -15.52 44.85 40.68
CA GLN F 6 -14.36 44.52 41.47
C GLN F 6 -14.11 45.63 42.48
N PRO F 7 -13.72 45.27 43.71
CA PRO F 7 -13.37 46.30 44.68
C PRO F 7 -12.21 47.15 44.20
N PRO F 8 -12.18 48.42 44.55
CA PRO F 8 -11.10 49.30 44.08
C PRO F 8 -9.73 48.91 44.60
N SER F 9 -9.61 48.71 45.91
CA SER F 9 -8.33 48.35 46.50
C SER F 9 -8.57 47.73 47.86
N VAL F 10 -7.64 46.85 48.26
CA VAL F 10 -7.69 46.18 49.56
C VAL F 10 -6.31 46.23 50.19
N SER F 11 -6.27 46.03 51.50
CA SER F 11 -5.04 46.09 52.27
C SER F 11 -5.00 44.93 53.25
N GLY F 12 -3.79 44.56 53.65
CA GLY F 12 -3.61 43.50 54.62
C GLY F 12 -2.20 43.48 55.15
N ALA F 13 -2.08 42.96 56.38
CA ALA F 13 -0.78 42.83 57.01
C ALA F 13 0.03 41.72 56.33
N PRO F 14 1.35 41.79 56.39
CA PRO F 14 2.17 40.71 55.83
C PRO F 14 1.86 39.39 56.49
N GLY F 15 1.84 38.33 55.69
CA GLY F 15 1.53 37.01 56.20
C GLY F 15 0.06 36.78 56.50
N GLU F 16 -0.82 37.68 56.08
CA GLU F 16 -2.24 37.60 56.38
C GLU F 16 -3.02 37.15 55.15
N ARG F 17 -4.21 36.62 55.40
CA ARG F 17 -5.05 36.07 54.34
C ARG F 17 -5.98 37.17 53.83
N VAL F 18 -5.90 37.48 52.54
CA VAL F 18 -6.70 38.51 51.90
C VAL F 18 -7.47 37.89 50.76
N THR F 19 -8.76 38.22 50.67
CA THR F 19 -9.65 37.68 49.64
C THR F 19 -10.17 38.82 48.79
N ILE F 20 -10.12 38.64 47.47
CA ILE F 20 -10.61 39.62 46.50
C ILE F 20 -11.82 39.03 45.80
N SER F 21 -12.95 39.70 45.91
CA SER F 21 -14.18 39.23 45.32
C SER F 21 -14.36 39.79 43.91
N CYS F 22 -15.20 39.12 43.12
CA CYS F 22 -15.54 39.58 41.79
C CYS F 22 -16.83 38.93 41.37
N SER F 23 -17.88 39.72 41.17
CA SER F 23 -19.21 39.22 40.85
C SER F 23 -19.64 39.71 39.47
N GLY F 24 -20.19 38.79 38.69
CA GLY F 24 -20.65 39.10 37.34
C GLY F 24 -22.09 39.58 37.32
N SER F 25 -22.46 40.24 36.23
CA SER F 25 -23.80 40.79 36.07
C SER F 25 -24.67 40.00 35.11
N GLY F 26 -24.15 39.62 33.95
CA GLY F 26 -24.97 38.92 32.97
C GLY F 26 -25.37 37.54 33.46
N SER F 27 -26.50 37.06 32.94
CA SER F 27 -26.98 35.74 33.33
C SER F 27 -26.04 34.64 32.87
N ASN F 28 -25.39 34.82 31.72
CA ASN F 28 -24.42 33.84 31.25
C ASN F 28 -23.08 34.05 31.94
N PHE F 29 -23.10 34.08 33.28
CA PHE F 29 -21.90 34.26 34.06
C PHE F 29 -21.59 33.06 34.94
N GLU F 30 -22.58 32.58 35.69
CA GLU F 30 -22.35 31.43 36.56
C GLU F 30 -21.94 30.21 35.75
N TYR F 31 -22.63 29.95 34.64
CA TYR F 31 -22.25 28.85 33.76
C TYR F 31 -21.25 29.32 32.71
N SER F 32 -20.12 29.81 33.22
CA SER F 32 -19.03 30.28 32.38
C SER F 32 -17.76 30.26 33.22
N PHE F 33 -16.63 30.46 32.55
CA PHE F 33 -15.34 30.41 33.21
C PHE F 33 -14.96 31.77 33.75
N VAL F 34 -14.09 31.77 34.76
CA VAL F 34 -13.58 32.99 35.37
C VAL F 34 -12.07 32.86 35.50
N TYR F 35 -11.34 33.92 35.13
CA TYR F 35 -9.90 33.93 35.25
C TYR F 35 -9.46 35.03 36.21
N TRP F 36 -8.25 34.86 36.71
CA TRP F 36 -7.61 35.83 37.60
C TRP F 36 -6.24 36.16 37.06
N TYR F 37 -5.84 37.43 37.15
CA TYR F 37 -4.54 37.85 36.67
C TYR F 37 -3.92 38.84 37.64
N GLN F 38 -2.60 38.81 37.72
CA GLN F 38 -1.84 39.74 38.53
C GLN F 38 -0.94 40.57 37.62
N GLN F 39 -1.02 41.89 37.78
CA GLN F 39 -0.20 42.83 37.02
C GLN F 39 0.74 43.55 37.97
N VAL F 40 2.03 43.34 37.80
CA VAL F 40 3.03 44.15 38.51
C VAL F 40 3.16 45.50 37.81
N PRO F 41 3.09 46.61 38.55
CA PRO F 41 3.09 47.92 37.90
C PRO F 41 4.34 48.13 37.06
N GLY F 42 4.16 48.73 35.89
CA GLY F 42 5.25 49.04 34.99
C GLY F 42 5.66 47.90 34.08
N MET F 43 5.05 46.72 34.21
CA MET F 43 5.41 45.57 33.39
C MET F 43 4.17 44.87 32.85
N ALA F 44 4.35 43.68 32.29
CA ALA F 44 3.24 42.88 31.78
C ALA F 44 2.66 42.01 32.89
N PRO F 45 1.39 41.63 32.78
CA PRO F 45 0.79 40.75 33.80
C PRO F 45 1.23 39.31 33.62
N LYS F 46 0.72 38.43 34.48
CA LYS F 46 0.96 37.00 34.35
C LYS F 46 -0.26 36.24 34.84
N LEU F 47 -0.54 35.12 34.21
CA LEU F 47 -1.70 34.32 34.58
C LEU F 47 -1.51 33.73 35.97
N LEU F 48 -2.58 33.75 36.76
CA LEU F 48 -2.56 33.22 38.12
C LEU F 48 -3.47 32.01 38.27
N ILE F 49 -4.73 32.12 37.89
CA ILE F 49 -5.68 31.02 38.03
C ILE F 49 -6.49 30.91 36.74
N TYR F 50 -6.65 29.70 36.24
CA TYR F 50 -7.57 29.42 35.15
C TYR F 50 -8.41 28.20 35.50
N ASP F 51 -9.60 28.14 34.90
CA ASP F 51 -10.63 27.16 35.21
C ASP F 51 -11.09 27.23 36.66
N ASN F 52 -10.88 28.38 37.29
CA ASN F 52 -11.44 28.77 38.59
C ASN F 52 -10.79 28.06 39.77
N TYR F 53 -10.02 27.02 39.51
CA TYR F 53 -9.25 26.40 40.60
C TYR F 53 -7.85 25.96 40.20
N LYS F 54 -7.51 25.88 38.92
CA LYS F 54 -6.22 25.37 38.51
C LYS F 54 -5.18 26.48 38.51
N ARG F 55 -3.93 26.08 38.69
CA ARG F 55 -2.79 26.99 38.66
C ARG F 55 -1.81 26.52 37.60
N PRO F 56 -1.18 27.44 36.89
CA PRO F 56 -0.18 27.05 35.90
C PRO F 56 1.07 26.53 36.57
N SER F 57 1.88 25.82 35.80
CA SER F 57 3.14 25.30 36.33
C SER F 57 4.05 26.44 36.73
N GLY F 58 4.74 26.28 37.86
CA GLY F 58 5.63 27.32 38.33
C GLY F 58 4.90 28.58 38.74
N VAL F 59 3.74 28.44 39.36
CA VAL F 59 2.92 29.56 39.77
C VAL F 59 2.59 29.38 41.24
N SER F 60 2.70 30.48 41.99
CA SER F 60 2.66 30.43 43.43
C SER F 60 1.38 29.74 43.91
N ASP F 61 1.56 28.95 44.96
CA ASP F 61 0.56 28.05 45.52
C ASP F 61 -0.27 28.67 46.64
N ARG F 62 0.13 29.82 47.18
CA ARG F 62 -0.74 30.45 48.16
C ARG F 62 -1.91 31.18 47.51
N PHE F 63 -1.77 31.60 46.25
CA PHE F 63 -2.92 32.08 45.50
C PHE F 63 -3.88 30.93 45.21
N SER F 64 -5.17 31.19 45.32
CA SER F 64 -6.18 30.15 45.16
C SER F 64 -7.40 30.72 44.46
N GLY F 65 -8.15 29.86 43.80
CA GLY F 65 -9.36 30.24 43.08
C GLY F 65 -10.58 29.63 43.74
N SER F 66 -11.60 30.45 43.97
CA SER F 66 -12.84 30.00 44.58
C SER F 66 -14.01 30.71 43.91
N ARG F 67 -15.14 30.01 43.87
CA ARG F 67 -16.36 30.51 43.25
C ARG F 67 -17.50 30.44 44.24
N SER F 68 -18.34 31.47 44.24
CA SER F 68 -19.53 31.53 45.11
C SER F 68 -20.73 31.88 44.24
N GLY F 69 -21.41 30.85 43.72
CA GLY F 69 -22.56 31.08 42.86
C GLY F 69 -22.14 31.85 41.62
N THR F 70 -22.89 32.90 41.31
CA THR F 70 -22.56 33.78 40.19
C THR F 70 -21.56 34.86 40.61
N SER F 71 -20.49 34.42 41.26
CA SER F 71 -19.46 35.33 41.75
C SER F 71 -18.15 34.56 41.87
N ALA F 72 -17.05 35.32 41.93
CA ALA F 72 -15.72 34.74 41.98
C ALA F 72 -14.91 35.42 43.08
N SER F 73 -13.91 34.69 43.58
CA SER F 73 -13.09 35.19 44.66
C SER F 73 -11.65 34.70 44.48
N LEU F 74 -10.71 35.61 44.70
CA LEU F 74 -9.28 35.30 44.73
C LEU F 74 -8.80 35.39 46.16
N THR F 75 -8.17 34.33 46.65
CA THR F 75 -7.69 34.25 48.02
C THR F 75 -6.18 34.10 48.02
N ILE F 76 -5.50 34.92 48.81
CA ILE F 76 -4.05 34.86 48.98
C ILE F 76 -3.74 34.58 50.44
N THR F 77 -2.73 33.75 50.67
CA THR F 77 -2.29 33.41 52.01
C THR F 77 -0.82 33.78 52.17
N GLY F 78 -0.46 34.32 53.33
CA GLY F 78 0.91 34.72 53.56
C GLY F 78 1.28 35.94 52.75
N LEU F 79 0.66 37.07 53.07
CA LEU F 79 0.94 38.31 52.35
C LEU F 79 2.42 38.67 52.49
N GLN F 80 3.00 39.14 51.40
CA GLN F 80 4.40 39.55 51.36
C GLN F 80 4.52 40.87 50.63
N THR F 81 5.69 41.50 50.78
CA THR F 81 5.93 42.78 50.14
C THR F 81 5.96 42.64 48.62
N GLU F 82 6.37 41.48 48.11
CA GLU F 82 6.39 41.26 46.67
C GLU F 82 4.99 41.13 46.08
N ASP F 83 3.96 41.03 46.90
CA ASP F 83 2.60 40.91 46.41
C ASP F 83 2.03 42.24 45.93
N GLU F 84 2.75 43.35 46.12
CA GLU F 84 2.27 44.65 45.69
C GLU F 84 2.06 44.68 44.18
N SER F 85 0.80 44.71 43.76
CA SER F 85 0.45 44.64 42.34
C SER F 85 -1.06 44.80 42.22
N ASP F 86 -1.50 45.08 41.01
CA ASP F 86 -2.92 45.07 40.70
C ASP F 86 -3.35 43.65 40.31
N TYR F 87 -4.61 43.35 40.59
CA TYR F 87 -5.14 42.02 40.31
C TYR F 87 -6.44 42.16 39.53
N TYR F 88 -6.64 41.28 38.56
CA TYR F 88 -7.76 41.38 37.63
C TYR F 88 -8.51 40.07 37.56
N CYS F 89 -9.83 40.17 37.55
CA CYS F 89 -10.73 39.04 37.33
C CYS F 89 -11.32 39.15 35.94
N GLN F 90 -11.23 38.07 35.17
CA GLN F 90 -11.68 38.05 33.80
C GLN F 90 -12.62 36.89 33.57
N SER F 91 -13.60 37.09 32.70
CA SER F 91 -14.56 36.06 32.35
C SER F 91 -14.60 35.87 30.84
N TYR F 92 -14.77 34.62 30.42
CA TYR F 92 -14.90 34.27 29.02
C TYR F 92 -16.37 33.99 28.70
N ASP F 93 -16.87 34.60 27.64
CA ASP F 93 -18.24 34.39 27.21
C ASP F 93 -18.30 33.24 26.22
N SER F 94 -19.13 32.24 26.53
CA SER F 94 -19.31 31.12 25.60
C SER F 94 -19.96 31.58 24.30
N SER F 95 -20.91 32.51 24.40
CA SER F 95 -21.64 33.00 23.24
C SER F 95 -21.01 34.24 22.63
N LEU F 96 -20.92 35.31 23.42
CA LEU F 96 -20.44 36.58 22.88
C LEU F 96 -18.94 36.54 22.59
N THR F 97 -18.19 35.69 23.30
CA THR F 97 -16.73 35.63 23.18
C THR F 97 -16.13 37.01 23.38
N TYR F 98 -16.61 37.70 24.41
CA TYR F 98 -16.12 39.02 24.78
C TYR F 98 -15.34 38.88 26.09
N TRP F 99 -14.02 38.86 25.98
CA TRP F 99 -13.15 38.73 27.15
C TRP F 99 -13.16 40.06 27.89
N VAL F 100 -13.88 40.12 28.99
CA VAL F 100 -14.05 41.35 29.76
C VAL F 100 -13.09 41.34 30.94
N PHE F 101 -12.41 42.46 31.15
CA PHE F 101 -11.50 42.62 32.27
C PHE F 101 -12.09 43.60 33.27
N GLY F 102 -12.00 43.24 34.55
CA GLY F 102 -12.56 44.07 35.60
C GLY F 102 -11.74 45.33 35.82
N GLY F 103 -12.22 46.13 36.79
CA GLY F 103 -11.57 47.39 37.07
C GLY F 103 -10.22 47.26 37.77
N GLY F 104 -9.94 46.09 38.33
CA GLY F 104 -8.69 45.87 39.02
C GLY F 104 -8.80 46.16 40.52
N THR F 105 -7.70 45.88 41.22
CA THR F 105 -7.63 46.12 42.65
C THR F 105 -6.17 46.17 43.07
N ARG F 106 -5.79 47.25 43.76
CA ARG F 106 -4.42 47.44 44.19
C ARG F 106 -4.25 46.89 45.60
N LEU F 107 -3.25 46.03 45.79
CA LEU F 107 -2.94 45.46 47.08
C LEU F 107 -1.97 46.39 47.82
N THR F 108 -2.24 46.62 49.10
CA THR F 108 -1.40 47.47 49.93
C THR F 108 -0.77 46.65 51.04
N VAL F 109 0.56 46.70 51.13
CA VAL F 109 1.30 45.99 52.15
C VAL F 109 1.37 46.88 53.38
N LEU F 110 0.67 46.48 54.44
CA LEU F 110 0.66 47.26 55.66
C LEU F 110 1.98 47.15 56.39
N GLY F 111 2.44 48.27 56.94
CA GLY F 111 3.70 48.32 57.66
C GLY F 111 4.83 48.92 56.83
N SER G 2 -40.69 -39.16 -2.24
CA SER G 2 -40.09 -38.54 -1.06
C SER G 2 -40.27 -39.42 0.17
N ALA G 3 -40.49 -40.70 -0.07
CA ALA G 3 -40.59 -41.70 0.99
C ALA G 3 -39.69 -42.87 0.64
N LEU G 4 -38.93 -43.36 1.62
CA LEU G 4 -37.94 -44.40 1.40
C LEU G 4 -38.40 -45.70 2.05
N THR G 5 -38.23 -46.80 1.32
CA THR G 5 -38.69 -48.12 1.74
C THR G 5 -37.49 -49.01 1.98
N GLN G 6 -37.54 -49.78 3.06
CA GLN G 6 -36.48 -50.71 3.39
C GLN G 6 -37.06 -52.07 3.76
N PRO G 7 -36.30 -53.13 3.55
CA PRO G 7 -36.67 -54.43 4.11
C PRO G 7 -36.68 -54.37 5.62
N PRO G 8 -37.61 -55.08 6.27
CA PRO G 8 -37.65 -55.04 7.74
C PRO G 8 -36.41 -55.61 8.40
N SER G 9 -36.02 -56.84 8.05
CA SER G 9 -34.91 -57.47 8.74
C SER G 9 -34.26 -58.50 7.83
N VAL G 10 -32.92 -58.50 7.83
CA VAL G 10 -32.13 -59.50 7.10
C VAL G 10 -30.98 -59.94 7.99
N SER G 11 -30.81 -61.24 8.15
CA SER G 11 -29.76 -61.82 8.96
C SER G 11 -28.70 -62.45 8.06
N GLY G 12 -27.49 -62.58 8.59
CA GLY G 12 -26.40 -63.14 7.82
C GLY G 12 -25.50 -63.99 8.68
N ALA G 13 -25.03 -65.09 8.10
CA ALA G 13 -24.08 -65.96 8.78
C ALA G 13 -22.74 -65.25 8.92
N PRO G 14 -21.97 -65.56 9.96
CA PRO G 14 -20.67 -64.92 10.13
C PRO G 14 -19.75 -65.22 8.95
N GLY G 15 -18.97 -64.21 8.56
CA GLY G 15 -17.99 -64.36 7.52
C GLY G 15 -18.52 -64.29 6.10
N GLU G 16 -19.81 -64.06 5.91
CA GLU G 16 -20.41 -64.02 4.59
C GLU G 16 -20.73 -62.57 4.21
N ARG G 17 -21.26 -62.40 3.00
CA ARG G 17 -21.56 -61.10 2.42
C ARG G 17 -23.07 -60.90 2.36
N VAL G 18 -23.53 -59.71 2.73
CA VAL G 18 -24.95 -59.38 2.77
C VAL G 18 -25.17 -58.04 2.08
N THR G 19 -26.39 -57.85 1.57
CA THR G 19 -26.79 -56.61 0.93
C THR G 19 -28.14 -56.17 1.47
N ILE G 20 -28.37 -54.85 1.45
CA ILE G 20 -29.61 -54.27 1.93
C ILE G 20 -30.10 -53.26 0.90
N SER G 21 -31.36 -53.38 0.52
CA SER G 21 -31.97 -52.50 -0.47
C SER G 21 -32.61 -51.29 0.20
N CYS G 22 -32.70 -50.20 -0.56
CA CYS G 22 -33.40 -49.00 -0.12
C CYS G 22 -34.04 -48.39 -1.35
N SER G 23 -35.37 -48.52 -1.44
CA SER G 23 -36.08 -48.03 -2.65
C SER G 23 -37.04 -46.92 -2.26
N GLY G 24 -36.94 -45.77 -2.94
CA GLY G 24 -37.78 -44.62 -2.59
C GLY G 24 -38.54 -44.08 -3.79
N SER G 25 -39.81 -43.75 -3.60
CA SER G 25 -40.65 -43.23 -4.72
C SER G 25 -40.31 -41.76 -4.99
N GLY G 26 -40.77 -41.22 -6.13
CA GLY G 26 -40.53 -39.81 -6.46
C GLY G 26 -39.32 -39.64 -7.38
N SER G 27 -39.49 -38.88 -8.47
CA SER G 27 -38.35 -38.60 -9.38
C SER G 27 -37.27 -37.84 -8.61
N ASN G 28 -37.68 -37.09 -7.58
CA ASN G 28 -36.70 -36.35 -6.73
C ASN G 28 -35.76 -37.38 -6.11
N PHE G 29 -36.27 -38.57 -5.81
CA PHE G 29 -35.39 -39.64 -5.28
C PHE G 29 -34.23 -39.84 -6.25
N GLU G 30 -34.47 -39.61 -7.55
CA GLU G 30 -33.37 -39.70 -8.51
C GLU G 30 -32.53 -38.43 -8.56
N TYR G 31 -32.97 -37.36 -7.91
CA TYR G 31 -32.22 -36.11 -7.88
C TYR G 31 -31.66 -35.81 -6.50
N SER G 32 -31.51 -36.83 -5.65
CA SER G 32 -31.03 -36.61 -4.29
C SER G 32 -30.14 -37.77 -3.87
N PHE G 33 -29.16 -37.45 -3.04
CA PHE G 33 -28.17 -38.43 -2.61
C PHE G 33 -28.81 -39.51 -1.75
N VAL G 34 -27.99 -40.46 -1.33
CA VAL G 34 -28.39 -41.52 -0.41
C VAL G 34 -27.23 -41.75 0.53
N TYR G 35 -27.47 -41.62 1.83
CA TYR G 35 -26.49 -41.95 2.85
C TYR G 35 -26.89 -43.23 3.57
N TRP G 36 -26.02 -43.71 4.45
CA TRP G 36 -26.31 -44.88 5.25
C TRP G 36 -25.76 -44.69 6.64
N TYR G 37 -26.55 -45.03 7.66
CA TYR G 37 -26.17 -44.84 9.04
C TYR G 37 -26.25 -46.16 9.80
N GLN G 38 -25.20 -46.47 10.54
CA GLN G 38 -25.17 -47.63 11.40
C GLN G 38 -25.45 -47.17 12.82
N GLN G 39 -26.37 -47.86 13.49
CA GLN G 39 -26.92 -47.37 14.74
C GLN G 39 -27.00 -48.51 15.74
N VAL G 40 -26.14 -48.48 16.74
CA VAL G 40 -26.19 -49.48 17.81
C VAL G 40 -27.49 -49.32 18.58
N PRO G 41 -28.21 -50.41 18.87
CA PRO G 41 -29.59 -50.29 19.37
C PRO G 41 -29.76 -49.45 20.63
N GLY G 42 -28.67 -48.97 21.22
CA GLY G 42 -28.78 -48.11 22.37
C GLY G 42 -27.99 -46.83 22.25
N MET G 43 -27.13 -46.75 21.24
CA MET G 43 -26.19 -45.64 21.11
C MET G 43 -26.68 -44.62 20.10
N ALA G 44 -25.86 -43.61 19.88
CA ALA G 44 -26.15 -42.61 18.86
C ALA G 44 -25.76 -43.13 17.49
N PRO G 45 -26.40 -42.63 16.43
CA PRO G 45 -25.99 -43.01 15.08
C PRO G 45 -24.55 -42.61 14.79
N LYS G 46 -23.89 -43.41 13.97
CA LYS G 46 -22.58 -43.10 13.43
C LYS G 46 -22.63 -43.13 11.92
N LEU G 47 -22.00 -42.15 11.29
CA LEU G 47 -21.98 -42.09 9.84
C LEU G 47 -21.26 -43.30 9.28
N LEU G 48 -21.83 -43.91 8.25
CA LEU G 48 -21.30 -45.15 7.71
C LEU G 48 -20.81 -44.98 6.28
N ILE G 49 -21.63 -44.41 5.40
CA ILE G 49 -21.18 -44.08 4.05
C ILE G 49 -21.98 -42.87 3.57
N TYR G 50 -21.30 -41.98 2.86
CA TYR G 50 -21.92 -40.75 2.40
C TYR G 50 -21.54 -40.49 0.96
N ASP G 51 -22.40 -39.75 0.26
CA ASP G 51 -22.27 -39.46 -1.16
C ASP G 51 -22.34 -40.72 -2.02
N ASN G 52 -22.99 -41.76 -1.49
CA ASN G 52 -23.33 -43.01 -2.16
C ASN G 52 -22.15 -43.96 -2.34
N TYR G 53 -20.93 -43.47 -2.23
CA TYR G 53 -19.80 -44.39 -2.29
C TYR G 53 -18.61 -44.00 -1.42
N LYS G 54 -18.63 -42.86 -0.75
CA LYS G 54 -17.46 -42.37 -0.04
C LYS G 54 -17.52 -42.80 1.41
N ARG G 55 -16.49 -43.44 1.87
CA ARG G 55 -16.41 -43.81 3.28
C ARG G 55 -15.77 -42.70 4.08
N PRO G 56 -16.36 -42.29 5.19
CA PRO G 56 -15.70 -41.30 6.04
C PRO G 56 -14.44 -41.89 6.63
N SER G 57 -13.47 -41.02 6.89
CA SER G 57 -12.17 -41.49 7.37
C SER G 57 -12.32 -42.27 8.66
N GLY G 58 -11.69 -43.43 8.74
CA GLY G 58 -11.73 -44.26 9.92
C GLY G 58 -12.88 -45.23 10.01
N VAL G 59 -13.50 -45.58 8.89
CA VAL G 59 -14.59 -46.55 8.86
C VAL G 59 -14.09 -47.82 8.19
N SER G 60 -14.55 -48.97 8.68
CA SER G 60 -14.07 -50.25 8.19
C SER G 60 -14.31 -50.37 6.68
N ASP G 61 -13.32 -50.93 5.99
CA ASP G 61 -13.39 -51.05 4.54
C ASP G 61 -14.40 -52.10 4.09
N ARG G 62 -14.93 -52.89 5.02
CA ARG G 62 -15.92 -53.88 4.66
C ARG G 62 -17.27 -53.27 4.32
N PHE G 63 -17.46 -51.98 4.59
CA PHE G 63 -18.69 -51.29 4.24
C PHE G 63 -18.52 -50.56 2.93
N SER G 64 -19.46 -50.76 2.01
CA SER G 64 -19.45 -50.06 0.74
C SER G 64 -20.81 -50.24 0.08
N GLY G 65 -21.33 -49.16 -0.47
CA GLY G 65 -22.62 -49.21 -1.13
C GLY G 65 -22.60 -48.51 -2.46
N SER G 66 -23.69 -48.61 -3.21
CA SER G 66 -23.76 -47.96 -4.52
C SER G 66 -25.22 -47.80 -4.90
N ARG G 67 -25.47 -46.93 -5.89
CA ARG G 67 -26.79 -46.70 -6.39
C ARG G 67 -27.09 -47.63 -7.55
N SER G 68 -28.37 -47.82 -7.84
CA SER G 68 -28.79 -48.64 -8.97
C SER G 68 -30.12 -48.06 -9.47
N GLY G 69 -30.05 -47.18 -10.46
CA GLY G 69 -31.23 -46.55 -10.99
C GLY G 69 -31.97 -45.74 -9.95
N THR G 70 -33.13 -46.22 -9.53
CA THR G 70 -33.97 -45.54 -8.57
C THR G 70 -33.96 -46.23 -7.20
N SER G 71 -32.91 -47.00 -6.91
CA SER G 71 -32.81 -47.67 -5.63
C SER G 71 -31.37 -47.57 -5.15
N ALA G 72 -31.19 -47.87 -3.87
CA ALA G 72 -29.87 -47.85 -3.25
C ALA G 72 -29.59 -49.21 -2.63
N SER G 73 -28.32 -49.47 -2.37
CA SER G 73 -27.89 -50.76 -1.83
C SER G 73 -26.63 -50.58 -1.01
N LEU G 74 -26.61 -51.24 0.14
CA LEU G 74 -25.44 -51.25 1.02
C LEU G 74 -24.92 -52.68 1.11
N THR G 75 -23.64 -52.86 0.80
CA THR G 75 -23.02 -54.18 0.74
C THR G 75 -21.95 -54.28 1.83
N ILE G 76 -22.00 -55.37 2.59
CA ILE G 76 -21.01 -55.65 3.61
C ILE G 76 -20.31 -56.95 3.24
N THR G 77 -18.98 -56.92 3.25
CA THR G 77 -18.18 -58.11 2.98
C THR G 77 -17.62 -58.63 4.30
N GLY G 78 -17.75 -59.94 4.51
CA GLY G 78 -17.23 -60.55 5.72
C GLY G 78 -17.94 -60.05 6.97
N LEU G 79 -19.20 -60.43 7.12
CA LEU G 79 -19.97 -60.03 8.29
C LEU G 79 -19.45 -60.73 9.54
N GLN G 80 -19.23 -59.96 10.60
CA GLN G 80 -18.84 -60.49 11.89
C GLN G 80 -19.98 -60.35 12.88
N THR G 81 -19.72 -60.75 14.13
CA THR G 81 -20.70 -60.68 15.20
C THR G 81 -20.76 -59.32 15.87
N GLU G 82 -20.06 -58.33 15.34
CA GLU G 82 -20.11 -56.96 15.87
C GLU G 82 -20.80 -56.01 14.91
N ASP G 83 -21.41 -56.52 13.85
CA ASP G 83 -22.07 -55.69 12.86
C ASP G 83 -23.59 -55.78 12.94
N GLU G 84 -24.14 -56.40 13.97
CA GLU G 84 -25.59 -56.46 14.12
C GLU G 84 -26.09 -55.16 14.71
N SER G 85 -26.95 -54.47 13.97
CA SER G 85 -27.51 -53.19 14.37
C SER G 85 -28.61 -52.84 13.37
N ASP G 86 -29.04 -51.59 13.39
CA ASP G 86 -30.02 -51.08 12.45
C ASP G 86 -29.32 -50.16 11.45
N TYR G 87 -29.71 -50.27 10.18
CA TYR G 87 -29.08 -49.52 9.11
C TYR G 87 -30.11 -48.64 8.42
N TYR G 88 -29.85 -47.33 8.40
CA TYR G 88 -30.81 -46.34 7.94
C TYR G 88 -30.27 -45.66 6.69
N CYS G 89 -31.08 -45.63 5.64
CA CYS G 89 -30.73 -44.96 4.40
C CYS G 89 -31.46 -43.63 4.32
N GLN G 90 -30.72 -42.56 4.03
CA GLN G 90 -31.25 -41.21 4.08
C GLN G 90 -31.10 -40.54 2.73
N SER G 91 -32.13 -39.83 2.30
CA SER G 91 -32.14 -39.17 1.00
C SER G 91 -32.35 -37.68 1.19
N TYR G 92 -31.31 -36.89 0.97
CA TYR G 92 -31.35 -35.47 1.23
C TYR G 92 -31.88 -34.75 0.00
N ASP G 93 -33.15 -34.35 0.05
CA ASP G 93 -33.78 -33.63 -1.05
C ASP G 93 -33.27 -32.20 -1.05
N SER G 94 -32.35 -31.88 -1.97
CA SER G 94 -31.77 -30.55 -1.99
C SER G 94 -32.81 -29.49 -2.34
N SER G 95 -33.69 -29.78 -3.29
CA SER G 95 -34.67 -28.77 -3.71
C SER G 95 -35.62 -28.41 -2.58
N LEU G 96 -36.24 -29.41 -1.96
CA LEU G 96 -37.18 -29.12 -0.89
C LEU G 96 -36.49 -28.80 0.43
N THR G 97 -35.18 -29.08 0.53
CA THR G 97 -34.36 -28.74 1.70
C THR G 97 -34.92 -29.38 2.98
N TYR G 98 -35.07 -30.70 2.95
CA TYR G 98 -35.44 -31.42 4.15
C TYR G 98 -35.06 -32.88 4.01
N TRP G 99 -34.24 -33.36 4.96
CA TRP G 99 -33.79 -34.74 4.96
C TRP G 99 -34.96 -35.68 5.22
N VAL G 100 -34.79 -36.92 4.74
CA VAL G 100 -35.76 -37.97 4.99
C VAL G 100 -35.01 -39.22 5.40
N PHE G 101 -35.46 -39.87 6.46
CA PHE G 101 -34.81 -41.07 6.97
C PHE G 101 -35.65 -42.30 6.65
N GLY G 102 -34.98 -43.35 6.22
CA GLY G 102 -35.66 -44.60 5.96
C GLY G 102 -36.16 -45.24 7.23
N GLY G 103 -36.99 -46.26 7.07
CA GLY G 103 -37.60 -46.90 8.22
C GLY G 103 -36.58 -47.55 9.13
N GLY G 104 -35.65 -48.29 8.55
CA GLY G 104 -34.68 -48.95 9.43
C GLY G 104 -34.71 -50.44 9.20
N THR G 105 -33.55 -50.98 8.84
CA THR G 105 -33.41 -52.40 8.57
C THR G 105 -32.57 -53.02 9.68
N ARG G 106 -33.05 -54.14 10.21
CA ARG G 106 -32.39 -54.82 11.32
C ARG G 106 -31.51 -55.94 10.79
N LEU G 107 -30.28 -56.00 11.30
CA LEU G 107 -29.34 -57.06 10.96
C LEU G 107 -28.96 -57.81 12.22
N THR G 108 -29.00 -59.14 12.15
CA THR G 108 -28.65 -59.99 13.27
C THR G 108 -27.67 -61.06 12.81
N VAL G 109 -26.64 -61.29 13.60
CA VAL G 109 -25.63 -62.29 13.30
C VAL G 109 -26.01 -63.60 13.97
N LEU G 110 -25.95 -64.70 13.21
CA LEU G 110 -26.31 -66.00 13.75
C LEU G 110 -25.25 -66.48 14.74
N GLY G 111 -25.72 -67.02 15.86
CA GLY G 111 -24.83 -67.52 16.90
C GLY G 111 -25.54 -67.80 18.21
N VAL H 2 28.46 -3.56 -33.78
CA VAL H 2 27.37 -3.79 -34.72
C VAL H 2 27.86 -3.60 -36.14
N GLN H 3 27.28 -4.35 -37.07
CA GLN H 3 27.70 -4.29 -38.45
C GLN H 3 26.58 -4.81 -39.33
N LEU H 4 26.65 -4.51 -40.61
CA LEU H 4 25.65 -4.91 -41.60
C LEU H 4 26.30 -5.95 -42.51
N VAL H 5 26.20 -7.22 -42.14
CA VAL H 5 26.71 -8.30 -42.99
C VAL H 5 25.88 -8.34 -44.25
N GLN H 6 26.55 -8.57 -45.38
CA GLN H 6 25.92 -8.39 -46.68
C GLN H 6 26.25 -9.57 -47.59
N SER H 7 25.37 -9.81 -48.55
CA SER H 7 25.53 -10.93 -49.47
C SER H 7 26.71 -10.70 -50.40
N GLY H 8 27.12 -11.78 -51.07
CA GLY H 8 28.25 -11.75 -51.97
C GLY H 8 27.87 -11.27 -53.36
N ALA H 9 28.85 -11.30 -54.26
CA ALA H 9 28.65 -10.84 -55.61
C ALA H 9 27.74 -11.80 -56.39
N GLU H 10 27.12 -11.27 -57.45
CA GLU H 10 26.24 -12.04 -58.31
C GLU H 10 26.40 -11.58 -59.75
N VAL H 11 25.94 -12.41 -60.69
CA VAL H 11 25.96 -12.03 -62.13
C VAL H 11 24.57 -12.26 -62.71
N LYS H 12 23.83 -11.18 -63.00
CA LYS H 12 22.43 -11.32 -63.50
C LYS H 12 22.35 -10.97 -64.99
N LYS H 13 21.25 -11.33 -65.65
CA LYS H 13 21.06 -11.01 -67.09
C LYS H 13 20.10 -9.81 -67.22
N PRO H 14 20.00 -9.16 -68.39
CA PRO H 14 19.06 -8.06 -68.57
C PRO H 14 17.63 -8.53 -68.27
N GLY H 15 16.89 -7.77 -67.45
CA GLY H 15 15.49 -8.14 -67.13
C GLY H 15 15.42 -9.32 -66.19
N ALA H 16 16.53 -9.68 -65.56
CA ALA H 16 16.57 -10.81 -64.60
C ALA H 16 16.07 -10.35 -63.23
N SER H 17 16.22 -11.19 -62.20
CA SER H 17 15.75 -10.84 -60.84
C SER H 17 16.93 -10.84 -59.86
N VAL H 18 17.16 -9.72 -59.17
CA VAL H 18 18.24 -9.64 -58.20
C VAL H 18 17.60 -9.41 -56.83
N LYS H 19 18.07 -10.17 -55.83
CA LYS H 19 17.56 -10.03 -54.47
C LYS H 19 18.74 -10.09 -53.50
N VAL H 20 19.15 -8.94 -53.00
CA VAL H 20 20.29 -8.84 -52.10
C VAL H 20 19.79 -8.78 -50.66
N SER H 21 20.72 -8.98 -49.73
CA SER H 21 20.39 -9.16 -48.32
C SER H 21 21.25 -8.28 -47.45
N CYS H 22 20.68 -7.88 -46.31
CA CYS H 22 21.40 -7.22 -45.23
C CYS H 22 20.85 -7.72 -43.92
N LYS H 23 21.69 -8.42 -43.16
CA LYS H 23 21.30 -8.99 -41.88
C LYS H 23 21.84 -8.12 -40.76
N ALA H 24 20.95 -7.71 -39.85
CA ALA H 24 21.31 -6.83 -38.74
C ALA H 24 22.15 -7.64 -37.75
N SER H 25 23.46 -7.45 -37.79
CA SER H 25 24.37 -8.16 -36.91
C SER H 25 24.64 -7.33 -35.68
N GLY H 26 24.21 -7.83 -34.51
CA GLY H 26 24.47 -7.18 -33.25
C GLY H 26 23.32 -6.34 -32.72
N PHE H 27 22.31 -6.05 -33.54
CA PHE H 27 21.19 -5.25 -33.08
C PHE H 27 19.92 -5.70 -33.78
N THR H 28 18.78 -5.41 -33.17
CA THR H 28 17.49 -5.67 -33.77
C THR H 28 17.03 -4.45 -34.56
N PHE H 29 15.88 -4.56 -35.22
CA PHE H 29 15.33 -3.42 -35.94
C PHE H 29 15.02 -2.27 -35.00
N GLY H 30 14.41 -2.56 -33.86
CA GLY H 30 14.04 -1.51 -32.93
C GLY H 30 13.29 -0.39 -33.61
N ARG H 31 13.93 0.77 -33.72
CA ARG H 31 13.35 1.90 -34.42
C ARG H 31 14.17 2.37 -35.61
N TYR H 32 15.31 1.75 -35.88
CA TYR H 32 16.15 2.20 -36.98
C TYR H 32 15.41 2.01 -38.31
N SER H 33 15.88 2.71 -39.33
CA SER H 33 15.37 2.55 -40.68
C SER H 33 16.54 2.28 -41.61
N PHE H 34 16.31 1.52 -42.66
CA PHE H 34 17.36 1.08 -43.56
C PHE H 34 17.17 1.67 -44.95
N THR H 35 18.26 2.09 -45.57
CA THR H 35 18.24 2.59 -46.94
C THR H 35 19.19 1.79 -47.81
N TRP H 36 18.86 1.73 -49.08
CA TRP H 36 19.67 1.03 -50.07
C TRP H 36 20.19 2.05 -51.06
N VAL H 37 21.51 2.10 -51.23
CA VAL H 37 22.13 2.97 -52.21
C VAL H 37 23.06 2.13 -53.07
N ARG H 38 23.30 2.63 -54.28
CA ARG H 38 24.08 1.90 -55.27
C ARG H 38 25.06 2.85 -55.93
N GLN H 39 26.13 2.28 -56.48
CA GLN H 39 27.21 3.07 -57.04
C GLN H 39 27.65 2.46 -58.35
N ALA H 40 27.37 3.14 -59.45
CA ALA H 40 27.92 2.72 -60.74
C ALA H 40 29.43 2.86 -60.72
N PRO H 41 30.18 1.85 -61.19
CA PRO H 41 31.64 1.86 -61.02
C PRO H 41 32.29 3.06 -61.67
N GLY H 42 32.86 3.95 -60.86
CA GLY H 42 33.34 5.22 -61.35
C GLY H 42 32.32 6.35 -61.31
N GLN H 43 31.18 6.15 -60.65
CA GLN H 43 30.15 7.17 -60.56
C GLN H 43 29.72 7.34 -59.11
N GLY H 44 29.15 8.50 -58.82
CA GLY H 44 28.73 8.81 -57.48
C GLY H 44 27.53 7.99 -57.06
N LEU H 45 27.35 7.87 -55.75
CA LEU H 45 26.23 7.12 -55.22
C LEU H 45 24.92 7.70 -55.70
N GLU H 46 23.97 6.82 -56.03
CA GLU H 46 22.62 7.23 -56.38
C GLU H 46 21.65 6.44 -55.51
N TRP H 47 20.68 7.14 -54.93
CA TRP H 47 19.78 6.51 -53.99
C TRP H 47 18.90 5.48 -54.67
N VAL H 48 18.42 4.51 -53.89
CA VAL H 48 17.55 3.47 -54.42
C VAL H 48 16.26 3.38 -53.61
N GLY H 49 16.37 3.19 -52.31
CA GLY H 49 15.16 2.99 -51.53
C GLY H 49 15.37 3.23 -50.05
N VAL H 50 14.29 3.06 -49.31
CA VAL H 50 14.28 3.14 -47.86
C VAL H 50 13.13 2.32 -47.33
N ILE H 51 13.33 1.67 -46.19
CA ILE H 51 12.27 0.96 -45.49
C ILE H 51 12.33 1.34 -44.03
N VAL H 52 11.18 1.36 -43.38
CA VAL H 52 11.08 1.50 -41.93
C VAL H 52 10.40 0.26 -41.39
N PRO H 53 11.15 -0.68 -40.82
CA PRO H 53 10.53 -1.93 -40.36
C PRO H 53 9.44 -1.73 -39.34
N LEU H 54 9.48 -0.66 -38.56
CA LEU H 54 8.47 -0.47 -37.52
C LEU H 54 7.08 -0.33 -38.09
N VAL H 55 6.93 0.45 -39.18
CA VAL H 55 5.61 0.76 -39.70
C VAL H 55 5.47 0.39 -41.17
N GLY H 56 6.39 -0.39 -41.71
CA GLY H 56 6.26 -0.88 -43.06
C GLY H 56 6.36 0.16 -44.15
N VAL H 57 6.77 1.39 -43.82
CA VAL H 57 6.88 2.44 -44.83
C VAL H 57 8.01 2.11 -45.79
N THR H 58 7.75 2.30 -47.08
CA THR H 58 8.75 2.12 -48.12
C THR H 58 8.76 3.34 -49.01
N ASN H 59 9.72 3.38 -49.92
CA ASN H 59 9.85 4.47 -50.90
C ASN H 59 10.83 4.02 -51.97
N SER H 60 11.21 4.95 -52.83
CA SER H 60 12.19 4.69 -53.88
C SER H 60 12.72 6.02 -54.38
N ALA H 61 13.52 5.97 -55.44
CA ALA H 61 14.04 7.19 -56.06
C ALA H 61 13.14 7.72 -57.16
N LYS H 62 12.02 7.04 -57.42
CA LYS H 62 11.01 7.40 -58.41
C LYS H 62 11.50 7.29 -59.85
N LYS H 63 12.77 6.99 -60.08
CA LYS H 63 13.17 6.52 -61.39
C LYS H 63 13.36 5.01 -61.43
N PHE H 64 13.12 4.35 -60.29
CA PHE H 64 12.76 2.93 -60.27
C PHE H 64 11.26 2.81 -60.07
N GLN H 65 10.52 3.12 -61.13
CA GLN H 65 9.07 3.23 -61.02
C GLN H 65 8.43 1.87 -60.84
N GLY H 66 8.21 1.48 -59.58
CA GLY H 66 7.55 0.23 -59.28
C GLY H 66 8.41 -1.00 -59.47
N ARG H 67 9.64 -0.84 -59.94
CA ARG H 67 10.52 -1.99 -60.16
C ARG H 67 11.05 -2.55 -58.86
N VAL H 68 11.15 -1.74 -57.82
CA VAL H 68 11.84 -2.11 -56.58
C VAL H 68 10.84 -2.20 -55.45
N THR H 69 10.95 -3.25 -54.65
CA THR H 69 10.21 -3.40 -53.41
C THR H 69 11.18 -3.79 -52.31
N ILE H 70 11.02 -3.19 -51.14
CA ILE H 70 11.90 -3.46 -50.01
C ILE H 70 11.08 -4.06 -48.89
N THR H 71 11.54 -5.18 -48.35
CA THR H 71 10.79 -5.93 -47.36
C THR H 71 11.61 -6.10 -46.10
N ALA H 72 10.93 -6.21 -44.96
CA ALA H 72 11.55 -6.42 -43.67
C ALA H 72 10.97 -7.69 -43.04
N ASP H 73 11.84 -8.60 -42.63
CA ASP H 73 11.44 -9.88 -42.07
C ASP H 73 12.03 -10.04 -40.68
N THR H 74 11.20 -10.45 -39.73
CA THR H 74 11.64 -10.65 -38.36
C THR H 74 11.38 -12.09 -37.90
N ASN H 77 14.72 -9.48 -38.71
CA ASN H 77 16.09 -9.98 -38.74
C ASN H 77 16.87 -9.37 -39.89
N THR H 78 16.32 -9.43 -41.10
CA THR H 78 16.98 -8.98 -42.30
C THR H 78 16.06 -8.07 -43.10
N VAL H 79 16.63 -7.49 -44.16
CA VAL H 79 15.88 -6.68 -45.11
C VAL H 79 16.19 -7.19 -46.52
N TYR H 80 15.18 -7.22 -47.37
CA TYR H 80 15.31 -7.72 -48.73
C TYR H 80 14.78 -6.69 -49.70
N MET H 81 15.59 -6.38 -50.71
CA MET H 81 15.19 -5.52 -51.82
C MET H 81 15.42 -6.27 -53.12
N ASP H 82 14.43 -6.23 -54.02
CA ASP H 82 14.48 -7.00 -55.25
C ASP H 82 14.46 -6.05 -56.45
N LEU H 83 15.20 -6.41 -57.49
CA LEU H 83 15.20 -5.69 -58.74
C LEU H 83 14.52 -6.53 -59.82
N SER H 84 13.74 -5.86 -60.66
CA SER H 84 13.10 -6.45 -61.81
C SER H 84 13.36 -5.58 -63.03
N SER H 85 13.32 -6.20 -64.21
CA SER H 85 13.52 -5.53 -65.48
C SER H 85 14.88 -4.82 -65.52
N LEU H 86 15.93 -5.62 -65.38
CA LEU H 86 17.28 -5.09 -65.36
C LEU H 86 17.69 -4.57 -66.73
N ARG H 87 18.52 -3.53 -66.73
CA ARG H 87 19.17 -3.03 -67.93
C ARG H 87 20.65 -2.86 -67.66
N SER H 88 21.39 -2.52 -68.71
CA SER H 88 22.84 -2.38 -68.59
C SER H 88 23.24 -1.28 -67.62
N GLU H 89 22.37 -0.29 -67.40
CA GLU H 89 22.68 0.79 -66.48
C GLU H 89 22.50 0.40 -65.02
N ASP H 90 21.95 -0.77 -64.74
CA ASP H 90 21.67 -1.18 -63.37
C ASP H 90 22.79 -1.98 -62.73
N THR H 91 23.92 -2.15 -63.40
CA THR H 91 25.05 -2.81 -62.78
C THR H 91 25.78 -1.82 -61.86
N ALA H 92 25.91 -2.20 -60.59
CA ALA H 92 26.49 -1.32 -59.59
C ALA H 92 26.64 -2.11 -58.29
N VAL H 93 27.35 -1.53 -57.34
CA VAL H 93 27.51 -2.09 -56.01
C VAL H 93 26.38 -1.53 -55.15
N TYR H 94 25.57 -2.42 -54.59
CA TYR H 94 24.35 -2.03 -53.91
C TYR H 94 24.55 -2.06 -52.39
N TYR H 95 24.92 -0.93 -51.81
CA TYR H 95 25.12 -0.83 -50.38
C TYR H 95 23.78 -0.73 -49.67
N CYS H 96 23.77 -1.09 -48.39
CA CYS H 96 22.68 -0.82 -47.50
C CYS H 96 23.23 -0.19 -46.24
N ALA H 97 22.45 0.68 -45.61
CA ALA H 97 22.94 1.40 -44.46
C ALA H 97 21.82 1.62 -43.46
N ARG H 98 22.21 1.90 -42.23
CA ARG H 98 21.28 2.12 -41.12
C ARG H 98 21.07 3.62 -40.96
N VAL H 99 19.81 4.03 -40.89
CA VAL H 99 19.47 5.44 -40.78
C VAL H 99 19.03 5.73 -39.35
N GLY H 100 19.66 6.73 -38.76
CA GLY H 100 19.21 7.23 -37.48
C GLY H 100 19.65 6.39 -36.32
N ASP H 101 20.00 7.03 -35.22
CA ASP H 101 20.40 6.33 -34.01
C ASP H 101 19.14 5.82 -33.33
N ARG H 102 19.29 5.36 -32.09
CA ARG H 102 18.14 5.02 -31.26
C ARG H 102 17.23 6.23 -31.17
N PHE H 103 15.98 6.03 -30.75
CA PHE H 103 14.95 7.04 -30.63
C PHE H 103 14.35 7.33 -31.99
N GLY H 104 14.91 6.79 -33.06
CA GLY H 104 14.43 7.05 -34.40
C GLY H 104 14.87 8.38 -34.98
N SER H 105 15.53 9.23 -34.21
CA SER H 105 15.90 10.55 -34.69
C SER H 105 16.91 10.45 -35.82
N GLY H 106 17.26 11.61 -36.37
CA GLY H 106 18.31 11.68 -37.36
C GLY H 106 17.93 11.08 -38.70
N TYR H 107 18.62 11.49 -39.75
CA TYR H 107 18.47 10.90 -41.06
C TYR H 107 19.80 10.56 -41.71
N ALA H 108 20.89 10.63 -40.97
CA ALA H 108 22.22 10.43 -41.53
C ALA H 108 22.59 8.96 -41.40
N MET H 109 22.71 8.28 -42.54
CA MET H 109 23.03 6.86 -42.56
C MET H 109 24.54 6.67 -42.48
N ASP H 110 24.98 6.03 -41.40
CA ASP H 110 26.37 6.01 -40.99
C ASP H 110 26.99 4.63 -40.92
N VAL H 111 26.21 3.60 -40.61
CA VAL H 111 26.72 2.24 -40.56
C VAL H 111 26.46 1.57 -41.90
N TRP H 112 27.52 1.10 -42.53
CA TRP H 112 27.43 0.68 -43.93
C TRP H 112 27.92 -0.75 -44.11
N GLY H 113 27.17 -1.53 -44.86
CA GLY H 113 27.63 -2.84 -45.26
C GLY H 113 28.75 -2.75 -46.29
N ARG H 114 29.50 -3.84 -46.41
CA ARG H 114 30.70 -3.83 -47.25
C ARG H 114 30.40 -3.54 -48.70
N GLY H 115 29.20 -3.88 -49.18
CA GLY H 115 28.86 -3.58 -50.55
C GLY H 115 28.80 -4.79 -51.46
N ALA H 116 27.61 -5.13 -51.91
CA ALA H 116 27.40 -6.27 -52.79
C ALA H 116 27.30 -5.79 -54.23
N LEU H 117 27.90 -6.53 -55.15
CA LEU H 117 27.98 -6.12 -56.55
C LEU H 117 27.06 -7.01 -57.39
N VAL H 118 26.27 -6.38 -58.25
CA VAL H 118 25.47 -7.07 -59.25
C VAL H 118 25.87 -6.56 -60.62
N THR H 119 26.04 -7.47 -61.57
CA THR H 119 26.45 -7.12 -62.91
C THR H 119 25.51 -7.77 -63.92
N VAL H 120 25.30 -7.07 -65.03
CA VAL H 120 24.38 -7.50 -66.09
C VAL H 120 25.10 -7.41 -67.42
N SER I 2 14.52 16.89 -55.70
CA SER I 2 15.51 17.95 -55.85
C SER I 2 16.75 17.45 -56.59
N ALA I 3 17.75 18.33 -56.68
CA ALA I 3 19.04 17.98 -57.28
C ALA I 3 20.06 18.99 -56.80
N LEU I 4 21.32 18.58 -56.78
CA LEU I 4 22.42 19.45 -56.39
C LEU I 4 23.72 18.96 -57.02
N THR I 5 24.59 19.90 -57.38
CA THR I 5 25.78 19.60 -58.15
C THR I 5 27.02 20.02 -57.38
N GLN I 6 28.06 19.22 -57.46
CA GLN I 6 29.35 19.49 -56.85
C GLN I 6 30.38 19.79 -57.92
N PRO I 7 31.41 20.56 -57.59
CA PRO I 7 32.57 20.64 -58.46
C PRO I 7 33.21 19.27 -58.61
N PRO I 8 33.70 18.92 -59.80
CA PRO I 8 34.15 17.53 -60.02
C PRO I 8 35.45 17.18 -59.35
N SER I 9 36.33 18.14 -59.08
CA SER I 9 37.60 17.85 -58.44
C SER I 9 38.21 19.14 -57.92
N VAL I 10 38.70 19.09 -56.68
CA VAL I 10 39.44 20.20 -56.08
C VAL I 10 40.70 19.62 -55.44
N SER I 11 41.84 20.27 -55.68
CA SER I 11 43.13 19.76 -55.25
C SER I 11 43.88 20.82 -54.45
N GLY I 12 44.90 20.37 -53.72
CA GLY I 12 45.72 21.28 -52.93
C GLY I 12 46.88 20.54 -52.32
N ALA I 13 47.85 21.33 -51.86
CA ALA I 13 49.06 20.83 -51.22
C ALA I 13 48.79 20.54 -49.76
N PRO I 14 49.56 19.64 -49.14
CA PRO I 14 49.34 19.32 -47.73
C PRO I 14 49.51 20.54 -46.84
N GLY I 15 48.78 20.55 -45.74
CA GLY I 15 48.81 21.66 -44.81
C GLY I 15 47.95 22.83 -45.17
N GLU I 16 47.20 22.76 -46.26
CA GLU I 16 46.37 23.86 -46.70
C GLU I 16 44.96 23.73 -46.14
N ARG I 17 44.12 24.72 -46.44
CA ARG I 17 42.73 24.75 -45.98
C ARG I 17 41.84 24.70 -47.21
N VAL I 18 41.40 23.51 -47.57
CA VAL I 18 40.60 23.29 -48.76
C VAL I 18 39.14 23.43 -48.40
N THR I 19 38.34 23.94 -49.35
CA THR I 19 36.91 24.14 -49.15
C THR I 19 36.17 23.60 -50.36
N ILE I 20 35.54 22.43 -50.18
CA ILE I 20 34.77 21.80 -51.30
C ILE I 20 33.34 22.34 -51.25
N SER I 21 32.89 22.99 -52.34
CA SER I 21 31.54 23.61 -52.35
C SER I 21 30.46 22.53 -52.52
N CYS I 22 29.23 22.84 -52.10
CA CYS I 22 28.09 21.89 -52.28
C CYS I 22 26.94 22.66 -52.94
N SER I 23 27.10 22.99 -54.22
CA SER I 23 26.07 23.82 -54.92
C SER I 23 24.90 22.93 -55.38
N GLY I 24 24.22 23.33 -56.46
CA GLY I 24 23.04 22.57 -56.92
C GLY I 24 21.84 22.92 -56.06
N SER I 25 22.01 23.84 -55.11
CA SER I 25 20.92 24.20 -54.17
C SER I 25 19.59 24.36 -54.94
N GLY I 26 18.55 23.65 -54.52
CA GLY I 26 17.23 23.78 -55.16
C GLY I 26 16.35 24.76 -54.41
N SER I 27 15.12 24.98 -54.89
CA SER I 27 14.18 25.90 -54.20
C SER I 27 13.90 25.40 -52.79
N ASN I 28 13.76 24.08 -52.62
CA ASN I 28 13.48 23.50 -51.29
C ASN I 28 14.80 23.30 -50.53
N PHE I 29 15.94 23.45 -51.21
CA PHE I 29 17.21 23.19 -50.55
C PHE I 29 17.49 24.17 -49.41
N GLU I 30 16.70 25.23 -49.24
CA GLU I 30 16.86 26.06 -48.06
C GLU I 30 16.56 25.27 -46.80
N TYR I 31 15.56 24.41 -46.86
CA TYR I 31 15.31 23.38 -45.87
C TYR I 31 16.19 22.18 -46.21
N SER I 32 15.90 21.00 -45.65
CA SER I 32 16.53 19.76 -46.10
C SER I 32 18.04 19.75 -45.81
N PHE I 33 18.35 19.49 -44.54
CA PHE I 33 19.72 19.36 -44.04
C PHE I 33 20.63 18.68 -45.05
N VAL I 34 21.87 19.15 -45.12
CA VAL I 34 22.89 18.53 -45.97
C VAL I 34 23.91 17.82 -45.08
N TYR I 35 24.25 16.58 -45.45
CA TYR I 35 25.27 15.80 -44.78
C TYR I 35 26.53 15.75 -45.64
N TRP I 36 27.51 14.98 -45.21
CA TRP I 36 28.76 14.84 -45.94
C TRP I 36 29.33 13.44 -45.76
N TYR I 37 29.63 12.78 -46.86
CA TYR I 37 30.11 11.41 -46.85
C TYR I 37 31.48 11.32 -47.48
N GLN I 38 32.34 10.53 -46.88
CA GLN I 38 33.66 10.20 -47.43
C GLN I 38 33.70 8.73 -47.78
N GLN I 39 34.27 8.42 -48.94
CA GLN I 39 34.48 7.04 -49.36
C GLN I 39 35.92 6.89 -49.83
N VAL I 40 36.63 5.91 -49.30
CA VAL I 40 37.89 5.50 -49.92
C VAL I 40 37.57 4.68 -51.16
N PRO I 41 38.07 5.04 -52.34
CA PRO I 41 37.64 4.38 -53.58
C PRO I 41 37.76 2.87 -53.50
N GLY I 42 36.62 2.19 -53.63
CA GLY I 42 36.53 0.76 -53.47
C GLY I 42 36.07 0.31 -52.09
N MET I 43 35.81 1.23 -51.18
CA MET I 43 35.43 0.89 -49.82
C MET I 43 34.08 1.51 -49.48
N ALA I 44 33.50 1.04 -48.39
CA ALA I 44 32.19 1.51 -47.99
C ALA I 44 32.27 2.95 -47.52
N PRO I 45 31.47 3.86 -48.08
CA PRO I 45 31.53 5.25 -47.65
C PRO I 45 31.16 5.40 -46.18
N LYS I 46 31.85 6.31 -45.51
CA LYS I 46 31.65 6.61 -44.10
C LYS I 46 31.02 7.98 -43.96
N LEU I 47 30.63 8.32 -42.73
CA LEU I 47 29.96 9.58 -42.49
C LEU I 47 30.95 10.59 -41.92
N LEU I 48 30.75 11.87 -42.25
CA LEU I 48 31.60 12.93 -41.75
C LEU I 48 30.86 13.98 -40.95
N ILE I 49 29.74 14.48 -41.45
CA ILE I 49 29.04 15.60 -40.84
C ILE I 49 27.55 15.40 -41.01
N TYR I 50 26.81 15.46 -39.91
CA TYR I 50 25.36 15.35 -40.00
C TYR I 50 24.70 16.57 -39.40
N ASP I 51 23.64 17.03 -40.07
CA ASP I 51 22.89 18.22 -39.70
C ASP I 51 23.72 19.49 -39.85
N ASN I 52 24.54 19.52 -40.90
CA ASN I 52 25.19 20.70 -41.45
C ASN I 52 26.37 21.24 -40.65
N TYR I 53 26.53 20.83 -39.40
CA TYR I 53 27.75 21.21 -38.69
C TYR I 53 28.30 20.16 -37.75
N LYS I 54 27.52 19.16 -37.36
CA LYS I 54 27.96 18.29 -36.27
C LYS I 54 28.98 17.27 -36.79
N ARG I 55 29.63 16.61 -35.85
CA ARG I 55 30.67 15.66 -36.16
C ARG I 55 30.50 14.44 -35.26
N PRO I 56 30.45 13.24 -35.81
CA PRO I 56 30.36 12.04 -34.97
C PRO I 56 31.59 11.89 -34.10
N SER I 57 31.52 10.93 -33.18
CA SER I 57 32.58 10.79 -32.18
C SER I 57 33.90 10.38 -32.83
N GLY I 58 33.88 9.32 -33.64
CA GLY I 58 35.11 8.75 -34.14
C GLY I 58 35.59 9.32 -35.45
N VAL I 59 35.36 10.61 -35.67
CA VAL I 59 35.73 11.28 -36.89
C VAL I 59 36.73 12.38 -36.55
N SER I 60 37.78 12.49 -37.36
CA SER I 60 38.85 13.43 -37.07
C SER I 60 38.30 14.85 -36.95
N ASP I 61 38.85 15.60 -36.00
CA ASP I 61 38.41 16.96 -35.75
C ASP I 61 38.78 17.89 -36.90
N ARG I 62 39.67 17.47 -37.79
CA ARG I 62 40.13 18.35 -38.86
C ARG I 62 38.97 18.80 -39.73
N PHE I 63 38.08 17.89 -40.09
CA PHE I 63 36.92 18.26 -40.89
C PHE I 63 35.99 19.18 -40.11
N SER I 64 35.18 19.93 -40.84
CA SER I 64 34.20 20.81 -40.22
C SER I 64 33.15 21.16 -41.26
N GLY I 65 31.99 21.59 -40.77
CA GLY I 65 30.91 21.90 -41.69
C GLY I 65 30.64 23.39 -41.79
N SER I 66 29.82 23.77 -42.76
CA SER I 66 29.42 25.16 -42.90
C SER I 66 28.27 25.24 -43.90
N ARG I 67 27.30 26.09 -43.58
CA ARG I 67 26.19 26.37 -44.48
C ARG I 67 26.20 27.84 -44.85
N SER I 68 26.05 28.13 -46.14
CA SER I 68 26.12 29.49 -46.66
C SER I 68 24.95 29.71 -47.61
N GLY I 69 23.92 30.39 -47.12
CA GLY I 69 22.76 30.65 -47.96
C GLY I 69 22.15 29.35 -48.43
N THR I 70 21.89 29.29 -49.74
CA THR I 70 21.42 28.05 -50.34
C THR I 70 22.54 27.04 -50.56
N SER I 71 23.79 27.46 -50.53
CA SER I 71 24.90 26.56 -50.79
C SER I 71 25.48 26.05 -49.48
N ALA I 72 26.28 25.00 -49.59
CA ALA I 72 26.95 24.41 -48.45
C ALA I 72 28.43 24.26 -48.76
N SER I 73 29.22 23.99 -47.72
CA SER I 73 30.66 23.88 -47.89
C SER I 73 31.23 22.97 -46.81
N LEU I 74 32.17 22.12 -47.21
CA LEU I 74 32.88 21.23 -46.31
C LEU I 74 34.32 21.70 -46.22
N THR I 75 34.75 22.06 -45.02
CA THR I 75 36.04 22.70 -44.79
C THR I 75 37.02 21.69 -44.19
N ILE I 76 38.21 21.63 -44.76
CA ILE I 76 39.26 20.73 -44.30
C ILE I 76 40.48 21.56 -43.92
N THR I 77 41.13 21.20 -42.82
CA THR I 77 42.40 21.78 -42.44
C THR I 77 43.39 20.65 -42.15
N GLY I 78 44.67 20.96 -42.25
CA GLY I 78 45.69 19.97 -42.01
C GLY I 78 45.61 18.80 -42.96
N LEU I 79 45.48 19.10 -44.25
CA LEU I 79 45.37 18.06 -45.26
C LEU I 79 46.56 17.11 -45.20
N GLN I 80 46.27 15.82 -45.26
CA GLN I 80 47.29 14.79 -45.28
C GLN I 80 47.12 13.93 -46.52
N THR I 81 48.07 13.01 -46.70
CA THR I 81 47.97 12.05 -47.79
C THR I 81 46.81 11.10 -47.61
N GLU I 82 46.30 10.96 -46.38
CA GLU I 82 45.18 10.07 -46.14
C GLU I 82 43.90 10.59 -46.78
N ASP I 83 43.79 11.90 -46.98
CA ASP I 83 42.57 12.50 -47.51
C ASP I 83 42.34 12.18 -48.98
N GLU I 84 43.16 11.34 -49.60
CA GLU I 84 42.96 10.95 -50.99
C GLU I 84 41.73 10.07 -51.08
N SER I 85 40.58 10.66 -51.35
CA SER I 85 39.33 9.92 -51.44
C SER I 85 38.29 10.81 -52.11
N ASP I 86 37.06 10.31 -52.18
CA ASP I 86 35.96 11.03 -52.78
C ASP I 86 34.98 11.46 -51.70
N TYR I 87 34.49 12.70 -51.82
CA TYR I 87 33.53 13.23 -50.80
C TYR I 87 32.19 13.52 -51.48
N TYR I 88 31.12 12.86 -51.02
CA TYR I 88 29.77 13.07 -51.60
C TYR I 88 28.89 13.79 -50.58
N CYS I 89 28.16 14.82 -51.02
CA CYS I 89 27.22 15.50 -50.09
C CYS I 89 25.76 15.23 -50.48
N GLN I 90 24.90 14.91 -49.50
CA GLN I 90 23.48 14.58 -49.79
C GLN I 90 22.56 15.50 -48.97
N SER I 91 21.28 15.55 -49.32
CA SER I 91 20.29 16.37 -48.56
C SER I 91 18.99 15.58 -48.38
N TYR I 92 18.40 15.63 -47.18
CA TYR I 92 17.17 14.84 -46.90
C TYR I 92 15.93 15.68 -47.17
N ASP I 93 15.41 15.63 -48.41
CA ASP I 93 14.21 16.37 -48.76
C ASP I 93 13.04 15.82 -47.95
N SER I 94 12.72 16.47 -46.84
CA SER I 94 11.70 15.94 -45.94
C SER I 94 10.29 15.99 -46.52
N SER I 95 10.11 16.70 -47.63
CA SER I 95 8.79 16.74 -48.25
C SER I 95 8.45 15.41 -48.88
N LEU I 96 9.19 15.01 -49.90
CA LEU I 96 8.92 13.77 -50.61
C LEU I 96 9.70 12.59 -50.05
N THR I 97 10.46 12.78 -48.97
CA THR I 97 11.22 11.72 -48.31
C THR I 97 12.15 11.03 -49.30
N TYR I 98 13.11 11.81 -49.80
CA TYR I 98 14.06 11.31 -50.78
C TYR I 98 15.41 11.94 -50.55
N TRP I 99 16.41 11.10 -50.24
CA TRP I 99 17.80 11.53 -50.20
C TRP I 99 18.27 11.72 -51.62
N VAL I 100 19.00 12.78 -51.89
CA VAL I 100 19.59 13.02 -53.20
C VAL I 100 21.08 13.29 -53.01
N PHE I 101 21.90 12.61 -53.80
CA PHE I 101 23.35 12.65 -53.62
C PHE I 101 24.01 13.58 -54.61
N GLY I 102 25.14 14.14 -54.20
CA GLY I 102 25.91 15.00 -55.06
C GLY I 102 26.69 14.22 -56.10
N GLY I 103 27.24 14.95 -57.07
CA GLY I 103 27.91 14.30 -58.18
C GLY I 103 29.16 13.55 -57.78
N GLY I 104 29.96 14.13 -56.91
CA GLY I 104 31.20 13.48 -56.53
C GLY I 104 32.38 14.44 -56.63
N THR I 105 33.10 14.58 -55.53
CA THR I 105 34.28 15.44 -55.46
C THR I 105 35.48 14.57 -55.12
N ARG I 106 36.56 14.73 -55.87
CA ARG I 106 37.79 14.00 -55.63
C ARG I 106 38.85 14.95 -55.10
N LEU I 107 39.24 14.76 -53.84
CA LEU I 107 40.29 15.57 -53.25
C LEU I 107 41.62 14.91 -53.53
N THR I 108 42.45 15.57 -54.34
CA THR I 108 43.75 15.04 -54.75
C THR I 108 44.84 15.90 -54.16
N VAL I 109 45.81 15.25 -53.51
CA VAL I 109 46.92 15.97 -52.89
C VAL I 109 47.80 16.61 -53.96
N GLY J 3 18.21 -9.75 -3.34
CA GLY J 3 17.32 -10.10 -2.26
C GLY J 3 17.71 -11.38 -1.56
N ILE J 4 17.29 -11.52 -0.30
CA ILE J 4 17.64 -12.69 0.51
C ILE J 4 16.79 -13.88 0.09
N GLY J 5 15.66 -13.59 -0.58
CA GLY J 5 14.76 -14.66 -0.97
C GLY J 5 15.42 -15.70 -1.85
N ALA J 6 16.27 -15.28 -2.77
CA ALA J 6 16.94 -16.24 -3.65
C ALA J 6 18.08 -16.95 -2.94
N VAL J 7 18.56 -16.37 -1.83
CA VAL J 7 19.69 -16.96 -1.12
C VAL J 7 19.32 -18.34 -0.58
N PHE J 8 18.12 -18.46 -0.02
CA PHE J 8 17.74 -19.68 0.69
C PHE J 8 17.70 -20.88 -0.23
N LEU J 9 17.01 -20.78 -1.36
CA LEU J 9 17.07 -21.85 -2.34
C LEU J 9 18.36 -21.83 -3.15
N GLY J 10 19.14 -20.75 -3.05
CA GLY J 10 20.52 -20.83 -3.49
C GLY J 10 21.32 -21.79 -2.64
N PHE J 11 21.05 -21.79 -1.32
CA PHE J 11 21.60 -22.83 -0.45
C PHE J 11 21.09 -24.20 -0.85
N LEU J 12 19.99 -24.23 -1.60
CA LEU J 12 19.38 -25.45 -2.10
C LEU J 12 19.76 -25.77 -3.53
N GLY J 13 20.66 -24.97 -4.14
CA GLY J 13 20.96 -25.16 -5.55
C GLY J 13 21.54 -26.53 -5.86
N ALA J 14 22.49 -26.99 -5.03
CA ALA J 14 23.16 -28.26 -5.24
C ALA J 14 22.82 -29.17 -4.07
N ALA J 15 21.67 -29.85 -4.16
CA ALA J 15 21.22 -30.70 -3.07
C ALA J 15 21.78 -32.11 -3.14
N GLY J 16 21.86 -32.70 -4.33
CA GLY J 16 22.36 -34.05 -4.46
C GLY J 16 23.86 -34.18 -4.41
N SER J 17 24.59 -33.07 -4.42
CA SER J 17 26.04 -33.12 -4.40
C SER J 17 26.53 -33.69 -3.07
N THR J 18 27.79 -34.11 -3.07
CA THR J 18 28.40 -34.63 -1.86
C THR J 18 28.58 -33.52 -0.83
N MET J 19 28.59 -33.91 0.44
CA MET J 19 28.81 -32.93 1.50
C MET J 19 30.13 -32.22 1.31
N GLY J 20 31.15 -32.93 0.83
CA GLY J 20 32.40 -32.27 0.48
C GLY J 20 32.21 -31.26 -0.64
N ALA J 21 31.40 -31.61 -1.64
CA ALA J 21 31.16 -30.68 -2.74
C ALA J 21 30.45 -29.41 -2.28
N ALA J 22 29.48 -29.54 -1.37
CA ALA J 22 28.77 -28.37 -0.88
C ALA J 22 29.67 -27.46 -0.07
N SER J 23 30.75 -28.02 0.51
CA SER J 23 31.61 -27.23 1.39
C SER J 23 32.26 -26.08 0.63
N MET J 24 32.92 -26.39 -0.48
CA MET J 24 33.59 -25.33 -1.24
C MET J 24 32.59 -24.43 -1.94
N THR J 25 31.50 -24.99 -2.45
CA THR J 25 30.48 -24.16 -3.09
C THR J 25 29.84 -23.21 -2.09
N LEU J 26 29.96 -23.53 -0.79
CA LEU J 26 29.39 -22.66 0.23
C LEU J 26 30.16 -21.35 0.32
N THR J 27 31.49 -21.41 0.29
CA THR J 27 32.29 -20.19 0.26
C THR J 27 32.02 -19.40 -1.03
N VAL J 28 31.87 -20.10 -2.14
CA VAL J 28 31.45 -19.45 -3.38
C VAL J 28 30.07 -18.84 -3.21
N GLN J 29 29.19 -19.52 -2.48
CA GLN J 29 27.91 -18.95 -2.11
C GLN J 29 28.04 -17.83 -1.10
N ALA J 30 29.22 -17.69 -0.48
CA ALA J 30 29.48 -16.57 0.42
C ALA J 30 29.94 -15.37 -0.43
N ARG J 31 28.97 -14.60 -0.89
CA ARG J 31 29.24 -13.45 -1.75
C ARG J 31 28.20 -12.35 -1.58
N GLN J 52 -6.39 3.47 -11.98
CA GLN J 52 -6.31 2.95 -10.62
C GLN J 52 -5.06 2.09 -10.45
N HIS J 53 -4.29 1.94 -11.53
CA HIS J 53 -3.07 1.14 -11.48
C HIS J 53 -2.08 1.66 -10.46
N LEU J 54 -2.17 2.93 -10.08
CA LEU J 54 -1.35 3.44 -8.99
C LEU J 54 -1.71 2.80 -7.67
N LEU J 55 -3.00 2.77 -7.33
CA LEU J 55 -3.42 2.18 -6.08
C LEU J 55 -3.09 0.69 -6.03
N LYS J 56 -3.30 -0.02 -7.14
CA LYS J 56 -2.90 -1.42 -7.20
C LYS J 56 -1.39 -1.56 -7.06
N LEU J 57 -0.64 -0.55 -7.48
CA LEU J 57 0.81 -0.58 -7.30
C LEU J 57 1.19 -0.32 -5.85
N THR J 58 0.33 0.38 -5.11
CA THR J 58 0.59 0.58 -3.69
C THR J 58 0.42 -0.72 -2.91
N VAL J 59 -0.69 -1.43 -3.15
CA VAL J 59 -0.98 -2.65 -2.39
C VAL J 59 0.09 -3.70 -2.65
N TRP J 60 0.44 -3.92 -3.92
CA TRP J 60 1.50 -4.87 -4.24
C TRP J 60 2.79 -4.47 -3.57
N GLY J 61 3.00 -3.17 -3.34
CA GLY J 61 4.19 -2.74 -2.66
C GLY J 61 4.30 -3.29 -1.25
N ILE J 62 3.17 -3.43 -0.57
CA ILE J 62 3.19 -3.98 0.78
C ILE J 62 3.66 -5.42 0.77
N LYS J 63 2.92 -6.28 0.07
CA LYS J 63 3.20 -7.71 0.13
C LYS J 63 4.59 -8.03 -0.41
N GLN J 64 5.03 -7.32 -1.44
CA GLN J 64 6.40 -7.47 -1.90
C GLN J 64 7.39 -7.06 -0.84
N LEU J 65 7.09 -5.96 -0.12
CA LEU J 65 7.96 -5.54 0.97
C LEU J 65 7.77 -6.40 2.21
N GLN J 66 6.52 -6.80 2.48
CA GLN J 66 6.23 -7.56 3.69
C GLN J 66 6.96 -8.90 3.68
N ALA J 67 7.00 -9.55 2.53
CA ALA J 67 7.72 -10.82 2.44
C ALA J 67 9.22 -10.63 2.66
N ARG J 68 9.80 -9.57 2.11
CA ARG J 68 11.24 -9.41 2.18
C ARG J 68 11.72 -9.18 3.60
N VAL J 69 11.05 -8.30 4.35
CA VAL J 69 11.45 -8.06 5.73
C VAL J 69 11.26 -9.32 6.56
N LEU J 70 10.27 -10.14 6.23
CA LEU J 70 10.12 -11.42 6.90
C LEU J 70 11.33 -12.31 6.66
N ALA J 71 11.84 -12.33 5.43
CA ALA J 71 13.02 -13.13 5.15
C ALA J 71 14.21 -12.65 5.97
N VAL J 72 14.32 -11.35 6.18
CA VAL J 72 15.42 -10.81 6.98
C VAL J 72 15.39 -11.41 8.38
N GLU J 73 14.21 -11.44 9.00
CA GLU J 73 14.10 -12.01 10.34
C GLU J 73 14.54 -13.46 10.32
N ARG J 74 14.24 -14.17 9.24
CA ARG J 74 14.65 -15.57 9.13
C ARG J 74 16.16 -15.69 9.14
N TYR J 75 16.85 -14.80 8.43
CA TYR J 75 18.30 -14.88 8.38
C TYR J 75 18.93 -14.43 9.70
N LEU J 76 18.32 -13.44 10.35
CA LEU J 76 18.84 -13.04 11.67
C LEU J 76 18.62 -14.13 12.69
N ARG J 77 17.45 -14.78 12.69
CA ARG J 77 17.18 -15.80 13.69
C ARG J 77 18.20 -16.92 13.63
N ASP J 78 18.52 -17.38 12.42
CA ASP J 78 19.57 -18.39 12.30
C ASP J 78 20.92 -17.82 12.73
N GLN J 79 21.22 -16.58 12.36
CA GLN J 79 22.47 -15.98 12.77
C GLN J 79 22.55 -15.91 14.29
N GLN J 80 21.48 -15.45 14.94
CA GLN J 80 21.46 -15.41 16.39
C GLN J 80 21.61 -16.80 16.99
N LEU J 81 20.93 -17.77 16.39
CA LEU J 81 21.09 -19.16 16.83
C LEU J 81 22.53 -19.60 16.66
N LEU J 82 23.16 -19.23 15.55
CA LEU J 82 24.57 -19.51 15.39
C LEU J 82 25.38 -18.71 16.39
N GLY J 83 24.84 -17.58 16.85
CA GLY J 83 25.56 -16.76 17.81
C GLY J 83 25.72 -17.42 19.16
N ILE J 84 24.68 -18.10 19.64
CA ILE J 84 24.75 -18.71 20.96
C ILE J 84 25.88 -19.73 21.01
N TRP J 85 26.07 -20.48 19.92
CA TRP J 85 27.17 -21.42 19.83
C TRP J 85 28.44 -20.66 19.46
N GLY J 86 29.59 -21.30 19.67
CA GLY J 86 30.84 -20.66 19.38
C GLY J 86 31.13 -20.55 17.90
N CYS J 87 30.33 -19.74 17.18
CA CYS J 87 30.51 -19.58 15.75
C CYS J 87 30.38 -18.14 15.25
N SER J 88 30.01 -17.19 16.10
CA SER J 88 29.91 -15.80 15.70
C SER J 88 29.01 -15.61 14.49
N GLY J 89 29.63 -15.47 13.31
CA GLY J 89 28.89 -15.33 12.08
C GLY J 89 29.56 -16.06 10.94
N LYS J 90 30.56 -16.88 11.26
CA LYS J 90 31.28 -17.62 10.23
C LYS J 90 30.39 -18.72 9.63
N LEU J 91 30.85 -19.27 8.51
CA LEU J 91 30.08 -20.29 7.81
C LEU J 91 30.54 -21.70 8.21
N ILE J 92 31.81 -22.00 7.94
CA ILE J 92 32.35 -23.34 8.20
C ILE J 92 32.90 -23.29 9.62
N CYS J 93 32.03 -23.48 10.59
CA CYS J 93 32.40 -23.36 11.99
C CYS J 93 32.83 -24.69 12.56
N CYS J 94 33.61 -24.65 13.62
CA CYS J 94 34.03 -25.84 14.35
C CYS J 94 33.82 -25.62 15.83
N THR J 95 33.66 -26.73 16.56
CA THR J 95 33.44 -26.68 17.99
C THR J 95 34.07 -27.89 18.66
N ASN J 96 34.48 -27.71 19.90
CA ASN J 96 35.16 -28.77 20.65
C ASN J 96 34.19 -29.44 21.63
N VAL J 97 33.19 -30.11 21.09
CA VAL J 97 32.31 -30.99 21.83
C VAL J 97 32.43 -32.39 21.23
N PRO J 98 32.78 -33.41 22.00
CA PRO J 98 33.04 -34.72 21.40
C PRO J 98 31.80 -35.31 20.76
N TRP J 99 32.03 -36.07 19.68
CA TRP J 99 30.97 -36.78 18.99
C TRP J 99 30.98 -38.21 19.49
N ASN J 100 30.05 -38.54 20.38
CA ASN J 100 29.94 -39.90 20.88
C ASN J 100 29.47 -40.82 19.76
N SER J 101 29.95 -42.07 19.83
CA SER J 101 29.60 -43.07 18.82
C SER J 101 28.11 -43.43 18.84
N SER J 102 27.38 -43.05 19.89
CA SER J 102 25.98 -43.42 19.99
C SER J 102 25.17 -42.85 18.84
N TRP J 103 25.57 -41.70 18.32
CA TRP J 103 24.87 -41.08 17.19
C TRP J 103 25.46 -41.63 15.89
N SER J 104 24.77 -42.60 15.29
CA SER J 104 25.07 -43.10 13.95
C SER J 104 26.54 -43.51 13.84
N ASN J 105 26.88 -44.55 14.59
CA ASN J 105 28.24 -45.07 14.57
C ASN J 105 28.62 -45.49 13.15
N ARG J 106 29.55 -44.75 12.54
CA ARG J 106 29.95 -45.01 11.16
C ARG J 106 31.16 -44.14 10.86
N ASN J 107 32.10 -44.70 10.09
CA ASN J 107 33.41 -44.09 9.94
C ASN J 107 33.32 -42.77 9.18
N LEU J 108 34.36 -41.94 9.37
CA LEU J 108 34.40 -40.63 8.75
C LEU J 108 34.70 -40.70 7.26
N SER J 109 35.19 -41.84 6.78
CA SER J 109 35.60 -41.95 5.39
C SER J 109 34.41 -41.74 4.45
N GLU J 110 33.43 -42.64 4.51
CA GLU J 110 32.32 -42.58 3.56
C GLU J 110 31.36 -41.46 3.88
N ILE J 111 31.32 -41.00 5.14
CA ILE J 111 30.27 -40.07 5.56
C ILE J 111 30.39 -38.73 4.83
N TRP J 112 31.39 -38.55 4.00
CA TRP J 112 31.57 -37.30 3.27
C TRP J 112 31.59 -37.47 1.76
N ASP J 113 31.47 -38.70 1.26
CA ASP J 113 31.52 -38.82 -0.19
C ASP J 113 30.29 -39.46 -0.81
N ASN J 114 29.82 -40.61 -0.31
CA ASN J 114 28.77 -41.36 -0.97
C ASN J 114 27.40 -41.14 -0.35
N MET J 115 27.27 -40.22 0.60
CA MET J 115 25.99 -39.85 1.16
C MET J 115 25.59 -38.45 0.68
N THR J 116 24.37 -38.07 1.03
CA THR J 116 23.84 -36.75 0.73
C THR J 116 23.31 -36.12 2.01
N TRP J 117 23.24 -34.78 2.01
CA TRP J 117 22.77 -34.08 3.20
C TRP J 117 21.35 -34.52 3.54
N LEU J 118 20.51 -34.67 2.53
CA LEU J 118 19.14 -35.13 2.77
C LEU J 118 19.14 -36.49 3.44
N GLN J 119 20.02 -37.38 3.00
CA GLN J 119 20.14 -38.67 3.68
C GLN J 119 20.72 -38.50 5.07
N TRP J 120 21.68 -37.59 5.23
CA TRP J 120 22.40 -37.48 6.49
C TRP J 120 21.48 -37.02 7.62
N ASP J 121 20.77 -35.92 7.42
CA ASP J 121 19.96 -35.37 8.50
C ASP J 121 18.73 -36.22 8.79
N LYS J 122 18.19 -36.91 7.77
CA LYS J 122 17.05 -37.77 8.00
C LYS J 122 17.38 -38.84 9.04
N GLU J 123 18.58 -39.40 8.98
CA GLU J 123 19.01 -40.32 10.02
C GLU J 123 19.27 -39.57 11.32
N ILE J 124 19.78 -38.34 11.24
CA ILE J 124 20.05 -37.55 12.43
C ILE J 124 18.78 -36.95 13.01
N SER J 125 17.72 -36.80 12.22
CA SER J 125 16.52 -36.07 12.65
C SER J 125 15.92 -36.63 13.93
N ASN J 126 16.37 -37.79 14.40
CA ASN J 126 15.98 -38.29 15.71
C ASN J 126 16.79 -37.67 16.83
N TYR J 127 17.84 -36.89 16.51
CA TYR J 127 18.72 -36.37 17.55
C TYR J 127 19.11 -34.91 17.33
N THR J 128 18.32 -34.14 16.59
CA THR J 128 18.70 -32.76 16.33
C THR J 128 18.71 -31.94 17.62
N GLN J 129 17.65 -32.04 18.42
CA GLN J 129 17.50 -31.17 19.57
C GLN J 129 18.56 -31.44 20.63
N ILE J 130 18.88 -32.72 20.86
CA ILE J 130 19.89 -33.05 21.87
C ILE J 130 21.24 -32.50 21.46
N ILE J 131 21.55 -32.54 20.16
CA ILE J 131 22.81 -31.98 19.70
C ILE J 131 22.84 -30.48 19.92
N TYR J 132 21.77 -29.78 19.56
CA TYR J 132 21.72 -28.34 19.77
C TYR J 132 21.86 -28.02 21.26
N GLY J 133 21.14 -28.75 22.11
CA GLY J 133 21.33 -28.60 23.53
C GLY J 133 22.75 -28.92 23.95
N LEU J 134 23.34 -29.95 23.35
CA LEU J 134 24.70 -30.32 23.68
C LEU J 134 25.68 -29.23 23.25
N LEU J 135 25.32 -28.44 22.25
CA LEU J 135 26.18 -27.33 21.85
C LEU J 135 26.13 -26.20 22.86
N GLU J 136 24.96 -25.97 23.48
CA GLU J 136 24.77 -24.78 24.29
C GLU J 136 25.72 -24.76 25.48
N GLU J 137 25.75 -25.84 26.26
CA GLU J 137 26.63 -25.87 27.42
C GLU J 137 28.08 -26.08 27.02
N SER J 138 28.32 -26.69 25.85
CA SER J 138 29.68 -26.88 25.38
C SER J 138 30.37 -25.54 25.17
N GLN J 139 29.69 -24.61 24.49
CA GLN J 139 30.20 -23.25 24.43
C GLN J 139 30.19 -22.60 25.80
N ASN J 140 29.11 -22.82 26.56
CA ASN J 140 28.89 -22.08 27.80
C ASN J 140 30.03 -22.26 28.78
N GLN J 141 30.45 -23.51 28.99
CA GLN J 141 31.54 -23.77 29.93
C GLN J 141 32.84 -23.12 29.47
N GLN J 142 33.01 -22.96 28.16
CA GLN J 142 34.29 -22.48 27.64
C GLN J 142 34.57 -21.05 28.07
N GLU J 143 33.57 -20.17 28.00
CA GLU J 143 33.81 -18.76 28.26
C GLU J 143 34.03 -18.47 29.74
N LYS J 144 33.31 -19.16 30.63
CA LYS J 144 33.43 -18.88 32.06
C LYS J 144 34.85 -19.18 32.55
N ASN J 145 35.34 -20.38 32.26
CA ASN J 145 36.69 -20.78 32.64
C ASN J 145 37.65 -20.53 31.48
N GLU J 146 37.71 -19.27 31.06
CA GLU J 146 38.61 -18.88 29.98
C GLU J 146 39.58 -17.79 30.47
N PHE K 11 8.81 -10.71 27.53
CA PHE K 11 10.13 -11.23 27.22
C PHE K 11 11.03 -11.16 28.46
N LEU K 12 10.67 -10.29 29.40
CA LEU K 12 11.56 -9.98 30.51
C LEU K 12 11.83 -11.21 31.36
N GLY K 13 10.79 -12.00 31.65
CA GLY K 13 10.99 -13.15 32.51
C GLY K 13 11.33 -12.74 33.93
N ALA K 14 12.21 -13.50 34.56
CA ALA K 14 12.55 -13.30 35.97
C ALA K 14 13.39 -12.03 36.08
N ALA K 15 12.72 -10.89 35.95
CA ALA K 15 13.40 -9.60 35.92
C ALA K 15 14.07 -9.29 37.26
N GLY K 16 13.33 -9.41 38.35
CA GLY K 16 13.84 -9.08 39.65
C GLY K 16 14.58 -10.20 40.35
N SER K 17 14.82 -11.32 39.66
CA SER K 17 15.45 -12.46 40.29
C SER K 17 16.91 -12.13 40.64
N THR K 18 17.56 -13.08 41.29
CA THR K 18 18.96 -12.92 41.65
C THR K 18 19.82 -12.86 40.39
N MET K 19 20.94 -12.15 40.50
CA MET K 19 21.85 -12.02 39.35
C MET K 19 22.26 -13.38 38.82
N GLY K 20 22.53 -14.33 39.72
CA GLY K 20 22.87 -15.67 39.28
C GLY K 20 21.75 -16.31 38.48
N ALA K 21 20.50 -16.06 38.88
CA ALA K 21 19.37 -16.64 38.17
C ALA K 21 19.30 -16.13 36.73
N ALA K 22 19.54 -14.83 36.53
CA ALA K 22 19.46 -14.28 35.18
C ALA K 22 20.61 -14.78 34.31
N SER K 23 21.75 -15.07 34.92
CA SER K 23 22.91 -15.52 34.15
C SER K 23 22.62 -16.86 33.48
N MET K 24 21.80 -17.70 34.10
CA MET K 24 21.47 -18.98 33.50
C MET K 24 20.50 -18.83 32.33
N THR K 25 19.49 -17.96 32.49
CA THR K 25 18.44 -17.82 31.49
C THR K 25 18.67 -16.62 30.57
N LEU K 26 19.92 -16.31 30.25
CA LEU K 26 20.20 -15.19 29.35
C LEU K 26 19.67 -15.47 27.95
N THR K 27 19.78 -16.72 27.49
CA THR K 27 19.38 -17.05 26.12
C THR K 27 17.89 -16.80 25.89
N VAL K 28 17.09 -16.73 26.95
CA VAL K 28 15.65 -16.50 26.86
C VAL K 28 15.04 -17.55 25.94
N GLN K 29 15.25 -18.82 26.27
CA GLN K 29 14.77 -19.95 25.46
C GLN K 29 15.29 -19.88 24.03
N ALA K 30 16.54 -19.44 23.88
CA ALA K 30 17.23 -19.39 22.59
C ALA K 30 16.50 -18.53 21.57
N ARG K 31 15.72 -19.17 20.70
CA ARG K 31 15.08 -18.46 19.59
C ARG K 31 14.08 -17.41 20.05
N ASN K 32 13.63 -17.47 21.29
CA ASN K 32 12.65 -16.51 21.78
C ASN K 32 13.28 -15.19 22.22
N LEU K 33 14.61 -15.06 22.12
CA LEU K 33 15.26 -13.87 22.67
C LEU K 33 15.08 -12.66 21.78
N LEU K 34 14.83 -12.85 20.48
CA LEU K 34 14.74 -11.71 19.57
C LEU K 34 13.55 -10.83 19.93
N SER K 35 12.40 -11.42 20.24
CA SER K 35 11.16 -10.69 20.50
C SER K 35 10.84 -9.67 19.40
N GLN K 52 -11.52 3.98 -0.30
CA GLN K 52 -11.30 4.09 1.14
C GLN K 52 -10.85 2.75 1.72
N HIS K 53 -11.56 1.69 1.35
CA HIS K 53 -11.23 0.36 1.85
C HIS K 53 -9.81 -0.03 1.46
N LEU K 54 -9.43 0.28 0.21
CA LEU K 54 -8.06 0.02 -0.21
C LEU K 54 -7.08 0.86 0.60
N LEU K 55 -7.39 2.14 0.82
CA LEU K 55 -6.48 3.01 1.55
C LEU K 55 -6.48 2.69 3.04
N LYS K 56 -7.65 2.40 3.61
CA LYS K 56 -7.71 2.06 5.02
C LYS K 56 -6.91 0.80 5.32
N LEU K 57 -6.99 -0.19 4.43
CA LEU K 57 -6.21 -1.41 4.62
C LEU K 57 -4.73 -1.15 4.38
N THR K 58 -4.40 -0.22 3.49
CA THR K 58 -2.99 0.05 3.19
C THR K 58 -2.31 0.75 4.35
N VAL K 59 -2.95 1.78 4.91
CA VAL K 59 -2.31 2.55 5.98
C VAL K 59 -2.07 1.67 7.20
N TRP K 60 -2.95 0.71 7.45
CA TRP K 60 -2.73 -0.24 8.53
C TRP K 60 -1.46 -1.05 8.27
N GLY K 61 -1.25 -1.46 7.03
CA GLY K 61 -0.06 -2.22 6.70
C GLY K 61 1.22 -1.45 6.96
N ILE K 62 1.22 -0.15 6.64
CA ILE K 62 2.42 0.65 6.85
C ILE K 62 2.81 0.65 8.32
N LYS K 63 1.84 0.82 9.21
CA LYS K 63 2.15 0.81 10.63
C LYS K 63 2.73 -0.53 11.04
N GLN K 64 2.19 -1.62 10.49
CA GLN K 64 2.70 -2.95 10.83
C GLN K 64 4.13 -3.12 10.35
N LEU K 65 4.39 -2.81 9.08
CA LEU K 65 5.74 -2.99 8.54
C LEU K 65 6.73 -2.01 9.16
N GLN K 66 6.31 -0.77 9.39
CA GLN K 66 7.20 0.19 10.03
C GLN K 66 7.62 -0.30 11.40
N ALA K 67 6.72 -1.00 12.10
CA ALA K 67 7.07 -1.52 13.41
C ALA K 67 8.14 -2.60 13.33
N ARG K 68 7.94 -3.58 12.44
CA ARG K 68 8.84 -4.73 12.41
C ARG K 68 10.25 -4.32 12.03
N VAL K 69 10.41 -3.46 11.02
CA VAL K 69 11.74 -3.03 10.64
C VAL K 69 12.37 -2.23 11.78
N LEU K 70 11.58 -1.47 12.52
CA LEU K 70 12.11 -0.74 13.66
C LEU K 70 12.69 -1.70 14.69
N ALA K 71 12.08 -2.87 14.84
CA ALA K 71 12.66 -3.88 15.72
C ALA K 71 14.02 -4.33 15.22
N VAL K 72 14.12 -4.60 13.92
CA VAL K 72 15.38 -5.13 13.38
C VAL K 72 16.49 -4.08 13.48
N GLU K 73 16.18 -2.83 13.13
CA GLU K 73 17.20 -1.79 13.16
C GLU K 73 17.76 -1.61 14.57
N ARG K 74 16.89 -1.62 15.57
CA ARG K 74 17.35 -1.52 16.94
C ARG K 74 18.24 -2.69 17.30
N TYR K 75 17.88 -3.89 16.84
CA TYR K 75 18.65 -5.08 17.20
C TYR K 75 20.06 -5.02 16.62
N LEU K 76 20.18 -4.69 15.33
CA LEU K 76 21.50 -4.66 14.70
C LEU K 76 22.39 -3.61 15.34
N ARG K 77 21.85 -2.43 15.63
CA ARG K 77 22.65 -1.40 16.27
C ARG K 77 23.22 -1.90 17.58
N ASP K 78 22.41 -2.61 18.36
CA ASP K 78 22.91 -3.27 19.55
C ASP K 78 23.95 -4.31 19.19
N GLN K 79 23.69 -5.10 18.15
CA GLN K 79 24.66 -6.11 17.73
C GLN K 79 25.97 -5.46 17.33
N GLN K 80 25.92 -4.43 16.49
CA GLN K 80 27.14 -3.74 16.11
C GLN K 80 27.80 -3.09 17.32
N LEU K 81 27.00 -2.62 18.27
CA LEU K 81 27.57 -2.06 19.48
C LEU K 81 28.38 -3.11 20.23
N LEU K 82 27.87 -4.34 20.30
CA LEU K 82 28.69 -5.44 20.77
C LEU K 82 29.85 -5.68 19.83
N GLY K 83 29.65 -5.40 18.54
CA GLY K 83 30.69 -5.68 17.56
C GLY K 83 31.94 -4.86 17.79
N ILE K 84 31.79 -3.58 18.17
CA ILE K 84 32.96 -2.76 18.47
C ILE K 84 33.74 -3.39 19.61
N TRP K 85 33.05 -3.93 20.60
CA TRP K 85 33.67 -4.65 21.69
C TRP K 85 34.06 -6.05 21.22
N GLY K 86 34.83 -6.74 22.04
CA GLY K 86 35.32 -8.05 21.65
C GLY K 86 34.32 -9.17 21.83
N CYS K 87 33.07 -8.97 21.43
CA CYS K 87 32.05 -9.98 21.60
C CYS K 87 31.34 -10.34 20.30
N SER K 88 30.85 -9.36 19.55
CA SER K 88 30.20 -9.55 18.26
C SER K 88 28.99 -10.48 18.34
N GLY K 89 28.27 -10.49 19.46
CA GLY K 89 27.06 -11.28 19.56
C GLY K 89 27.25 -12.63 20.21
N LYS K 90 27.92 -12.66 21.36
CA LYS K 90 28.16 -13.88 22.12
C LYS K 90 27.48 -13.88 23.48
N LEU K 91 26.43 -13.06 23.65
CA LEU K 91 25.75 -12.96 24.94
C LEU K 91 26.75 -12.66 26.05
N ILE K 92 27.01 -13.64 26.92
CA ILE K 92 28.04 -13.47 27.93
C ILE K 92 29.40 -13.39 27.25
N CYS K 93 30.22 -12.43 27.68
CA CYS K 93 31.46 -12.14 26.99
C CYS K 93 32.44 -11.49 27.94
N CYS K 94 33.50 -12.22 28.29
CA CYS K 94 34.55 -11.67 29.12
C CYS K 94 35.39 -10.69 28.30
N THR K 95 36.09 -9.81 28.99
CA THR K 95 36.91 -8.78 28.35
C THR K 95 38.31 -8.78 28.95
N ASN K 96 39.08 -7.76 28.58
CA ASN K 96 40.43 -7.56 29.10
C ASN K 96 40.55 -6.27 29.89
N VAL K 97 39.43 -5.62 30.22
CA VAL K 97 39.45 -4.36 30.96
C VAL K 97 39.30 -4.69 32.44
N PRO K 98 40.31 -4.42 33.26
CA PRO K 98 40.16 -4.66 34.70
C PRO K 98 39.20 -3.64 35.31
N TRP K 99 38.24 -4.14 36.09
CA TRP K 99 37.26 -3.28 36.72
C TRP K 99 37.93 -2.42 37.77
N ASN K 100 37.86 -1.09 37.61
CA ASN K 100 38.38 -0.19 38.61
C ASN K 100 37.51 -0.25 39.87
N SER K 101 38.16 -0.28 41.02
CA SER K 101 37.45 -0.39 42.29
C SER K 101 36.95 0.99 42.74
N SER K 102 36.26 1.69 41.85
CA SER K 102 35.77 3.03 42.16
C SER K 102 34.32 3.26 41.77
N TRP K 103 33.72 2.40 40.96
CA TRP K 103 32.35 2.60 40.50
C TRP K 103 31.36 1.95 41.47
N SER K 104 31.45 2.40 42.73
CA SER K 104 30.55 1.96 43.80
C SER K 104 30.54 0.44 43.94
N ASN K 105 31.71 -0.10 44.26
CA ASN K 105 31.86 -1.54 44.41
C ASN K 105 31.46 -1.98 45.81
N ARG K 106 31.02 -3.23 45.91
CA ARG K 106 30.65 -3.85 47.18
C ARG K 106 31.16 -5.28 47.17
N ASN K 107 30.64 -6.08 48.10
CA ASN K 107 31.03 -7.48 48.19
C ASN K 107 30.68 -8.22 46.92
N LEU K 108 31.63 -9.05 46.46
CA LEU K 108 31.41 -9.82 45.24
C LEU K 108 30.27 -10.81 45.42
N SER K 109 30.19 -11.45 46.59
CA SER K 109 29.10 -12.38 46.84
C SER K 109 27.75 -11.67 46.78
N GLU K 110 27.63 -10.52 47.45
CA GLU K 110 26.39 -9.76 47.44
C GLU K 110 25.97 -9.39 46.02
N ILE K 111 26.94 -9.26 45.12
CA ILE K 111 26.63 -8.94 43.73
C ILE K 111 25.77 -10.02 43.11
N TRP K 112 26.07 -11.29 43.40
CA TRP K 112 25.33 -12.42 42.85
C TRP K 112 24.44 -13.09 43.89
N ASP K 113 24.14 -12.40 45.00
CA ASP K 113 23.23 -12.95 45.99
C ASP K 113 21.91 -12.19 46.08
N ASN K 114 21.97 -10.88 46.27
CA ASN K 114 20.76 -10.07 46.40
C ASN K 114 20.77 -8.88 45.47
N MET K 115 21.93 -8.50 44.94
CA MET K 115 22.02 -7.33 44.07
C MET K 115 21.33 -7.64 42.74
N THR K 116 20.04 -7.32 42.65
CA THR K 116 19.30 -7.62 41.44
C THR K 116 19.74 -6.72 40.30
N TRP K 117 19.44 -7.16 39.07
CA TRP K 117 19.98 -6.49 37.90
C TRP K 117 19.50 -5.05 37.79
N LEU K 118 18.21 -4.82 37.98
CA LEU K 118 17.65 -3.50 37.72
C LEU K 118 18.28 -2.45 38.62
N GLN K 119 18.27 -2.71 39.93
CA GLN K 119 18.93 -1.78 40.85
C GLN K 119 20.42 -1.71 40.57
N TRP K 120 21.01 -2.79 40.08
CA TRP K 120 22.42 -2.76 39.72
C TRP K 120 22.66 -1.77 38.59
N ASP K 121 21.67 -1.55 37.74
CA ASP K 121 21.78 -0.48 36.75
C ASP K 121 21.79 0.88 37.42
N LYS K 122 20.82 1.13 38.31
CA LYS K 122 20.71 2.45 38.93
C LYS K 122 21.95 2.77 39.76
N GLU K 123 22.56 1.75 40.36
CA GLU K 123 23.81 1.99 41.08
C GLU K 123 24.92 2.44 40.15
N ILE K 124 24.98 1.85 38.95
CA ILE K 124 26.02 2.23 38.00
C ILE K 124 25.68 3.56 37.34
N SER K 125 24.56 3.60 36.62
CA SER K 125 24.05 4.83 36.02
C SER K 125 25.10 5.55 35.17
N ASN K 126 25.72 6.58 35.74
CA ASN K 126 26.67 7.40 35.00
C ASN K 126 27.87 6.62 34.49
N TYR K 127 28.30 5.59 35.20
CA TYR K 127 29.54 4.91 34.84
C TYR K 127 29.43 4.11 33.55
N THR K 128 28.21 3.86 33.06
CA THR K 128 28.06 3.13 31.80
C THR K 128 28.77 3.84 30.65
N GLN K 129 28.61 5.16 30.57
CA GLN K 129 29.33 5.92 29.56
C GLN K 129 30.83 5.80 29.77
N ILE K 130 31.26 5.75 31.03
CA ILE K 130 32.67 5.50 31.31
C ILE K 130 33.07 4.10 30.86
N ILE K 131 32.23 3.11 31.16
CA ILE K 131 32.52 1.74 30.75
C ILE K 131 32.51 1.64 29.23
N TYR K 132 31.54 2.26 28.57
CA TYR K 132 31.49 2.22 27.11
C TYR K 132 32.76 2.82 26.52
N GLY K 133 33.18 3.98 27.04
CA GLY K 133 34.40 4.59 26.56
C GLY K 133 35.63 3.76 26.88
N LEU K 134 35.67 3.20 28.08
CA LEU K 134 36.81 2.38 28.47
C LEU K 134 36.95 1.15 27.59
N LEU K 135 35.83 0.49 27.28
CA LEU K 135 35.89 -0.72 26.47
C LEU K 135 36.44 -0.43 25.08
N GLU K 136 36.08 0.71 24.51
CA GLU K 136 36.42 0.99 23.12
C GLU K 136 37.92 1.01 22.91
N GLU K 137 38.65 1.68 23.80
CA GLU K 137 40.09 1.82 23.60
C GLU K 137 40.83 0.51 23.80
N SER K 138 40.33 -0.36 24.69
CA SER K 138 41.03 -1.62 24.96
C SER K 138 41.05 -2.52 23.74
N GLN K 139 39.93 -2.59 23.02
CA GLN K 139 39.91 -3.38 21.80
C GLN K 139 40.83 -2.79 20.74
N ASN K 140 40.81 -1.46 20.60
CA ASN K 140 41.64 -0.82 19.58
C ASN K 140 43.13 -1.01 19.87
N GLN K 141 43.54 -0.79 21.12
CA GLN K 141 44.93 -1.03 21.47
C GLN K 141 45.31 -2.49 21.34
N GLN K 142 44.33 -3.40 21.44
CA GLN K 142 44.58 -4.79 21.09
C GLN K 142 44.92 -4.93 19.61
N GLU K 143 44.19 -4.22 18.76
CA GLU K 143 44.39 -4.29 17.32
C GLU K 143 45.76 -3.72 16.92
N PHE L 11 26.49 8.44 8.03
CA PHE L 11 27.85 8.25 7.54
C PHE L 11 28.18 9.22 6.42
N LEU L 12 27.15 9.67 5.70
CA LEU L 12 27.37 10.52 4.53
C LEU L 12 27.87 11.90 4.92
N GLY L 13 27.46 12.41 6.07
CA GLY L 13 27.89 13.75 6.47
C GLY L 13 29.39 13.86 6.64
N ALA L 14 30.04 12.79 7.09
CA ALA L 14 31.47 12.82 7.35
C ALA L 14 32.30 12.98 6.07
N ALA L 15 31.67 12.86 4.90
CA ALA L 15 32.40 12.96 3.64
C ALA L 15 33.11 14.30 3.55
N GLY L 16 34.35 14.28 3.07
CA GLY L 16 35.12 15.49 2.95
C GLY L 16 36.03 15.73 4.13
N SER L 17 36.80 14.71 4.50
CA SER L 17 37.75 14.83 5.59
C SER L 17 38.80 13.74 5.45
N THR L 18 39.95 13.96 6.08
CA THR L 18 41.05 13.03 5.96
C THR L 18 40.78 11.78 6.79
N MET L 19 41.51 10.70 6.46
CA MET L 19 41.23 9.40 7.07
C MET L 19 41.65 9.39 8.53
N GLY L 20 42.66 10.18 8.90
CA GLY L 20 42.94 10.37 10.31
C GLY L 20 41.79 11.02 11.03
N ALA L 21 41.13 11.98 10.36
CA ALA L 21 39.96 12.60 10.95
C ALA L 21 38.73 11.71 10.83
N ALA L 22 38.64 10.93 9.75
CA ALA L 22 37.43 10.13 9.53
C ALA L 22 37.39 8.92 10.45
N SER L 23 38.55 8.35 10.78
CA SER L 23 38.56 7.13 11.58
C SER L 23 37.93 7.35 12.94
N MET L 24 38.31 8.43 13.63
CA MET L 24 37.74 8.72 14.93
C MET L 24 36.23 8.98 14.82
N THR L 25 35.84 9.77 13.82
CA THR L 25 34.43 10.07 13.63
C THR L 25 33.64 8.82 13.26
N LEU L 26 34.32 7.82 12.72
CA LEU L 26 33.64 6.60 12.30
C LEU L 26 33.19 5.77 13.49
N THR L 27 34.05 5.61 14.50
CA THR L 27 33.72 4.76 15.63
C THR L 27 32.51 5.27 16.38
N VAL L 28 32.43 6.58 16.59
CA VAL L 28 31.25 7.16 17.23
C VAL L 28 30.04 7.07 16.30
N GLN L 29 30.22 7.45 15.03
CA GLN L 29 29.15 7.49 14.04
C GLN L 29 27.85 8.08 14.58
N GLN L 52 -4.39 13.33 -3.06
CA GLN L 52 -4.85 13.32 -1.65
C GLN L 52 -3.65 13.52 -0.72
N HIS L 53 -3.81 14.34 0.32
CA HIS L 53 -2.71 14.47 1.28
C HIS L 53 -2.35 13.11 1.87
N LEU L 54 -3.34 12.25 2.07
CA LEU L 54 -3.07 10.87 2.44
C LEU L 54 -2.30 10.15 1.35
N LEU L 55 -2.63 10.41 0.09
CA LEU L 55 -2.01 9.70 -1.03
C LEU L 55 -0.51 9.97 -1.08
N LYS L 56 -0.11 11.22 -0.84
CA LYS L 56 1.33 11.51 -0.78
C LYS L 56 1.99 10.77 0.37
N LEU L 57 1.29 10.67 1.51
CA LEU L 57 1.89 10.02 2.67
C LEU L 57 1.96 8.51 2.49
N THR L 58 0.95 7.92 1.83
CA THR L 58 0.93 6.47 1.72
C THR L 58 1.91 5.97 0.67
N VAL L 59 2.10 6.71 -0.42
CA VAL L 59 3.03 6.25 -1.46
C VAL L 59 4.47 6.53 -1.04
N TRP L 60 4.78 7.79 -0.74
CA TRP L 60 6.12 8.10 -0.29
C TRP L 60 6.42 7.54 1.09
N GLY L 61 5.41 7.08 1.82
CA GLY L 61 5.67 6.27 2.98
C GLY L 61 6.29 4.94 2.60
N ILE L 62 5.79 4.31 1.54
CA ILE L 62 6.36 3.05 1.08
C ILE L 62 7.81 3.26 0.64
N LYS L 63 8.07 4.31 -0.14
CA LYS L 63 9.41 4.54 -0.63
C LYS L 63 10.39 4.76 0.51
N GLN L 64 9.98 5.55 1.51
CA GLN L 64 10.81 5.67 2.70
C GLN L 64 10.99 4.32 3.37
N LEU L 65 9.91 3.54 3.46
CA LEU L 65 10.03 2.18 3.95
C LEU L 65 10.91 1.34 3.02
N GLN L 66 10.73 1.52 1.71
CA GLN L 66 11.51 0.75 0.75
C GLN L 66 13.00 0.99 0.94
N ALA L 67 13.38 2.24 1.21
CA ALA L 67 14.80 2.56 1.41
C ALA L 67 15.32 1.94 2.70
N ARG L 68 14.49 1.91 3.75
CA ARG L 68 14.97 1.39 5.03
C ARG L 68 15.37 -0.07 4.91
N VAL L 69 14.58 -0.86 4.19
CA VAL L 69 14.91 -2.28 4.05
C VAL L 69 16.22 -2.44 3.31
N LEU L 70 16.40 -1.72 2.20
CA LEU L 70 17.65 -1.84 1.44
C LEU L 70 18.83 -1.32 2.25
N ALA L 71 18.57 -0.56 3.31
CA ALA L 71 19.66 -0.26 4.23
C ALA L 71 20.09 -1.50 5.00
N VAL L 72 19.12 -2.28 5.49
CA VAL L 72 19.46 -3.44 6.30
C VAL L 72 20.05 -4.54 5.43
N GLU L 73 19.42 -4.85 4.30
CA GLU L 73 19.92 -5.92 3.45
C GLU L 73 21.31 -5.60 2.93
N ARG L 74 21.55 -4.37 2.50
CA ARG L 74 22.89 -3.99 2.07
C ARG L 74 23.87 -4.07 3.22
N TYR L 75 23.40 -3.84 4.44
CA TYR L 75 24.30 -3.97 5.59
C TYR L 75 24.70 -5.42 5.79
N LEU L 76 23.77 -6.36 5.65
CA LEU L 76 24.08 -7.76 5.90
C LEU L 76 25.07 -8.30 4.88
N ARG L 77 24.88 -7.97 3.61
CA ARG L 77 25.82 -8.44 2.58
C ARG L 77 27.23 -8.00 2.90
N ASP L 78 27.39 -6.75 3.37
CA ASP L 78 28.71 -6.32 3.83
C ASP L 78 29.18 -7.15 5.01
N GLN L 79 28.29 -7.41 5.96
CA GLN L 79 28.67 -8.21 7.11
C GLN L 79 29.08 -9.61 6.69
N GLN L 80 28.39 -10.16 5.69
CA GLN L 80 28.82 -11.44 5.15
C GLN L 80 30.21 -11.34 4.57
N LEU L 81 30.50 -10.26 3.84
CA LEU L 81 31.83 -10.07 3.28
C LEU L 81 32.86 -9.98 4.39
N LEU L 82 32.62 -9.14 5.40
CA LEU L 82 33.57 -9.02 6.48
C LEU L 82 33.69 -10.32 7.26
N GLY L 83 32.69 -11.19 7.15
CA GLY L 83 32.76 -12.48 7.83
C GLY L 83 33.86 -13.35 7.26
N ILE L 84 33.90 -13.49 5.94
CA ILE L 84 34.86 -14.42 5.35
C ILE L 84 36.27 -13.87 5.35
N TRP L 85 36.44 -12.55 5.47
CA TRP L 85 37.77 -12.00 5.59
C TRP L 85 38.35 -12.18 6.98
N GLY L 86 37.48 -12.29 7.99
CA GLY L 86 37.95 -12.49 9.35
C GLY L 86 37.66 -11.33 10.26
N CYS L 87 36.64 -10.54 9.95
CA CYS L 87 36.29 -9.39 10.76
C CYS L 87 34.92 -9.50 11.40
N SER L 88 33.86 -9.66 10.62
CA SER L 88 32.50 -9.79 11.13
C SER L 88 32.09 -8.59 11.99
N GLY L 89 31.94 -7.45 11.34
CA GLY L 89 31.47 -6.26 12.02
C GLY L 89 32.39 -5.72 13.07
N LYS L 90 33.68 -5.68 12.79
CA LYS L 90 34.65 -5.05 13.67
C LYS L 90 35.00 -3.64 13.24
N LEU L 91 34.32 -3.12 12.21
CA LEU L 91 34.58 -1.78 11.70
C LEU L 91 36.05 -1.63 11.37
N ILE L 92 36.84 -1.07 12.29
CA ILE L 92 38.26 -0.92 12.02
C ILE L 92 38.93 -2.27 12.28
N CYS L 93 38.98 -3.10 11.25
CA CYS L 93 39.51 -4.45 11.33
C CYS L 93 41.00 -4.43 11.07
N CYS L 94 41.56 -5.61 10.83
CA CYS L 94 42.94 -5.71 10.37
C CYS L 94 43.13 -7.06 9.70
N THR L 95 44.22 -7.16 8.94
CA THR L 95 44.52 -8.40 8.22
C THR L 95 46.02 -8.48 8.02
N ASN L 96 46.50 -9.70 7.78
CA ASN L 96 47.92 -10.01 7.73
C ASN L 96 48.41 -10.20 6.30
N VAL L 97 47.89 -9.43 5.37
CA VAL L 97 48.33 -9.45 3.97
C VAL L 97 48.98 -8.11 3.65
N PRO L 98 50.22 -8.10 3.17
CA PRO L 98 50.93 -6.83 3.01
C PRO L 98 50.38 -5.99 1.87
N TRP L 99 50.76 -4.72 1.89
CA TRP L 99 50.38 -3.76 0.87
C TRP L 99 51.50 -3.68 -0.17
N ASN L 100 51.38 -4.44 -1.24
CA ASN L 100 52.40 -4.44 -2.28
C ASN L 100 52.47 -3.08 -2.97
N SER L 101 53.67 -2.70 -3.36
CA SER L 101 53.87 -1.43 -4.04
C SER L 101 53.24 -1.40 -5.42
N SER L 102 52.84 -2.55 -5.95
CA SER L 102 52.14 -2.57 -7.23
C SER L 102 50.86 -1.75 -7.16
N TRP L 103 50.17 -1.80 -6.03
CA TRP L 103 49.04 -0.92 -5.84
C TRP L 103 49.51 0.51 -5.67
N SER L 104 48.63 1.47 -6.00
CA SER L 104 48.97 2.87 -5.87
C SER L 104 49.35 3.18 -4.42
N ASN L 105 50.62 3.49 -4.19
CA ASN L 105 51.12 3.71 -2.85
C ASN L 105 51.99 4.96 -2.80
N ARG L 106 51.98 5.61 -1.64
CA ARG L 106 52.84 6.74 -1.36
C ARG L 106 53.31 6.61 0.09
N ASN L 107 53.89 7.68 0.62
CA ASN L 107 54.22 7.71 2.04
C ASN L 107 52.94 7.61 2.85
N LEU L 108 52.95 6.75 3.87
CA LEU L 108 51.74 6.51 4.64
C LEU L 108 51.25 7.79 5.32
N SER L 109 52.17 8.67 5.71
CA SER L 109 51.80 9.85 6.47
C SER L 109 50.84 10.72 5.67
N GLU L 110 51.15 10.98 4.40
CA GLU L 110 50.30 11.86 3.61
C GLU L 110 48.91 11.27 3.40
N ILE L 111 48.83 9.94 3.26
CA ILE L 111 47.52 9.31 3.10
C ILE L 111 46.67 9.54 4.34
N TRP L 112 47.27 9.36 5.52
CA TRP L 112 46.55 9.64 6.77
C TRP L 112 46.25 11.12 6.95
N ASP L 113 47.21 11.98 6.62
CA ASP L 113 47.21 13.35 7.14
C ASP L 113 46.41 14.32 6.28
N ASN L 114 46.78 14.46 5.01
CA ASN L 114 46.29 15.56 4.19
C ASN L 114 45.42 15.14 3.02
N MET L 115 45.46 13.88 2.61
CA MET L 115 44.73 13.43 1.43
C MET L 115 43.29 13.12 1.83
N THR L 116 42.34 13.93 1.37
CA THR L 116 40.94 13.54 1.47
C THR L 116 40.77 12.22 0.74
N TRP L 117 40.05 11.30 1.35
CA TRP L 117 40.15 9.91 0.92
C TRP L 117 38.84 9.42 0.31
N LEU L 118 37.85 10.31 0.19
CA LEU L 118 36.80 10.08 -0.80
C LEU L 118 37.39 10.00 -2.20
N GLN L 119 38.51 10.66 -2.43
CA GLN L 119 39.27 10.51 -3.64
C GLN L 119 40.33 9.43 -3.54
N TRP L 120 40.55 8.88 -2.35
CA TRP L 120 41.52 7.78 -2.25
C TRP L 120 41.03 6.55 -2.99
N ASP L 121 39.73 6.29 -2.96
CA ASP L 121 39.20 5.14 -3.70
C ASP L 121 39.44 5.30 -5.19
N LYS L 122 39.36 6.53 -5.70
CA LYS L 122 39.64 6.77 -7.10
C LYS L 122 41.06 6.33 -7.45
N GLU L 123 41.99 6.37 -6.50
CA GLU L 123 43.30 5.80 -6.75
C GLU L 123 43.22 4.27 -6.82
N ILE L 124 42.79 3.64 -5.73
CA ILE L 124 42.61 2.19 -5.68
C ILE L 124 41.16 1.91 -6.09
N SER L 125 40.90 1.96 -7.38
CA SER L 125 39.56 1.62 -7.84
C SER L 125 39.57 0.47 -8.82
N ASN L 126 40.51 0.47 -9.78
CA ASN L 126 40.62 -0.67 -10.68
C ASN L 126 41.49 -1.76 -10.07
N TYR L 127 41.99 -1.55 -8.86
CA TYR L 127 42.75 -2.56 -8.14
C TYR L 127 41.92 -3.19 -7.03
N THR L 128 40.65 -2.79 -6.92
CA THR L 128 39.84 -3.17 -5.77
C THR L 128 39.31 -4.59 -5.82
N GLN L 129 39.37 -5.25 -6.97
CA GLN L 129 38.93 -6.64 -7.03
C GLN L 129 40.03 -7.61 -6.63
N ILE L 130 41.23 -7.44 -7.16
CA ILE L 130 42.30 -8.39 -6.86
C ILE L 130 42.69 -8.29 -5.40
N ILE L 131 42.63 -7.10 -4.80
CA ILE L 131 43.00 -6.96 -3.41
C ILE L 131 42.05 -7.74 -2.52
N TYR L 132 40.76 -7.76 -2.85
CA TYR L 132 39.82 -8.58 -2.09
C TYR L 132 40.20 -10.05 -2.20
N GLY L 133 40.70 -10.47 -3.37
CA GLY L 133 41.16 -11.84 -3.51
C GLY L 133 42.25 -12.17 -2.51
N LEU L 134 43.22 -11.26 -2.34
CA LEU L 134 44.25 -11.47 -1.33
C LEU L 134 43.66 -11.50 0.08
N LEU L 135 42.68 -10.63 0.35
CA LEU L 135 41.95 -10.75 1.60
C LEU L 135 41.22 -12.08 1.67
N GLU L 136 40.64 -12.52 0.55
CA GLU L 136 39.95 -13.81 0.54
C GLU L 136 40.93 -14.96 0.78
N GLU L 137 42.08 -14.93 0.12
CA GLU L 137 43.04 -16.01 0.27
C GLU L 137 43.66 -16.02 1.66
N SER L 138 43.90 -14.83 2.22
CA SER L 138 44.61 -14.75 3.49
C SER L 138 43.87 -15.47 4.60
N GLN L 139 42.56 -15.24 4.71
CA GLN L 139 41.79 -15.91 5.75
C GLN L 139 41.75 -17.42 5.52
N ASN L 140 41.57 -17.84 4.27
CA ASN L 140 41.47 -19.27 3.98
C ASN L 140 42.74 -20.01 4.38
N GLN L 141 43.90 -19.43 4.06
CA GLN L 141 45.16 -20.02 4.52
C GLN L 141 45.29 -19.89 6.03
N GLN L 142 44.88 -18.74 6.58
CA GLN L 142 45.01 -18.53 8.02
C GLN L 142 44.21 -19.56 8.81
N GLU L 143 42.96 -19.80 8.40
CA GLU L 143 42.15 -20.79 9.10
C GLU L 143 42.68 -22.20 8.87
N LYS L 144 43.22 -22.49 7.68
CA LYS L 144 43.76 -23.81 7.42
C LYS L 144 44.94 -24.11 8.33
N ASN L 145 45.82 -23.12 8.53
CA ASN L 145 46.91 -23.30 9.49
C ASN L 145 46.35 -23.48 10.90
N GLU L 146 45.33 -22.71 11.25
CA GLU L 146 44.68 -22.91 12.55
C GLU L 146 44.02 -24.28 12.63
N GLN L 147 43.42 -24.74 11.53
CA GLN L 147 42.81 -26.05 11.52
C GLN L 147 43.84 -27.14 11.74
N ASP L 148 45.02 -27.01 11.12
CA ASP L 148 46.07 -28.00 11.32
C ASP L 148 46.59 -27.95 12.75
N LEU L 149 46.93 -26.77 13.23
CA LEU L 149 47.47 -26.62 14.58
C LEU L 149 46.39 -26.84 15.63
#